data_3PVH
# 
_entry.id   3PVH 
# 
_audit_conform.dict_name       mmcif_pdbx.dic 
_audit_conform.dict_version    5.380 
_audit_conform.dict_location   http://mmcif.pdb.org/dictionaries/ascii/mmcif_pdbx.dic 
# 
loop_
_database_2.database_id 
_database_2.database_code 
_database_2.pdbx_database_accession 
_database_2.pdbx_DOI 
PDB   3PVH         pdb_00003pvh 10.2210/pdb3pvh/pdb 
RCSB  RCSB062861   ?            ?                   
WWPDB D_1000062861 ?            ?                   
# 
loop_
_pdbx_database_related.db_name 
_pdbx_database_related.db_id 
_pdbx_database_related.details 
_pdbx_database_related.content_type 
PDB 3PTJ . unspecified 
PDB 3PW9 . unspecified 
# 
_pdbx_database_status.status_code                     REL 
_pdbx_database_status.entry_id                        3PVH 
_pdbx_database_status.recvd_initial_deposition_date   2010-12-07 
_pdbx_database_status.deposit_site                    RCSB 
_pdbx_database_status.process_site                    PDBJ 
_pdbx_database_status.status_code_sf                  REL 
_pdbx_database_status.status_code_mr                  ? 
_pdbx_database_status.SG_entry                        ? 
_pdbx_database_status.status_code_cs                  ? 
_pdbx_database_status.methods_development_category    ? 
_pdbx_database_status.pdb_format_compatible           Y 
_pdbx_database_status.status_code_nmr_data            ? 
# 
loop_
_audit_author.name 
_audit_author.pdbx_ordinal 
'Wu, H.Y.'    1 
'Liu, M.S.'   2 
'Lin, T.P.'   3 
'Cheng, Y.S.' 4 
# 
_citation.id                        primary 
_citation.title                     
'Structural and functional assays of AtTLP18.3 identify its novel acid phosphatase activity in thylakoid lumen' 
_citation.journal_abbrev            'Plant Physiol.' 
_citation.journal_volume            157 
_citation.page_first                1015 
_citation.page_last                 1025 
_citation.year                      2011 
_citation.journal_id_ASTM           PLPHAY 
_citation.country                   US 
_citation.journal_id_ISSN           0032-0889 
_citation.journal_id_CSD            0765 
_citation.book_publisher            ? 
_citation.pdbx_database_id_PubMed   21908686 
_citation.pdbx_database_id_DOI      10.1104/pp.111.184739 
# 
loop_
_citation_author.citation_id 
_citation_author.name 
_citation_author.ordinal 
_citation_author.identifier_ORCID 
primary 'Wu, H.Y.'    1 ? 
primary 'Liu, M.S.'   2 ? 
primary 'Lin, T.P.'   3 ? 
primary 'Cheng, Y.S.' 4 ? 
# 
_cell.entry_id           3PVH 
_cell.length_a           46.871 
_cell.length_b           49.890 
_cell.length_c           76.511 
_cell.angle_alpha        90.00 
_cell.angle_beta         90.00 
_cell.angle_gamma        90.00 
_cell.Z_PDB              4 
_cell.pdbx_unique_axis   ? 
_cell.length_a_esd       ? 
_cell.length_b_esd       ? 
_cell.length_c_esd       ? 
_cell.angle_alpha_esd    ? 
_cell.angle_beta_esd     ? 
_cell.angle_gamma_esd    ? 
# 
_symmetry.entry_id                         3PVH 
_symmetry.space_group_name_H-M             'P 21 21 21' 
_symmetry.pdbx_full_space_group_name_H-M   ? 
_symmetry.cell_setting                     ? 
_symmetry.Int_Tables_number                19 
_symmetry.space_group_name_Hall            ? 
# 
loop_
_entity.id 
_entity.type 
_entity.src_method 
_entity.pdbx_description 
_entity.formula_weight 
_entity.pdbx_number_of_molecules 
_entity.pdbx_ec 
_entity.pdbx_mutation 
_entity.pdbx_fragment 
_entity.details 
1 polymer     man 'UPF0603 protein At1g54780, chloroplastic' 16649.684 1   ? ? 'Phosphatase domain, UNP residues 84-235' ? 
2 non-polymer syn 'CALCIUM ION'                              40.078    1   ? ? ?                                         ? 
3 non-polymer syn GLYCEROL                                   92.094    8   ? ? ?                                         ? 
4 water       nat water                                      18.015    180 ? ? ?                                         ? 
# 
_entity_name_com.entity_id   1 
_entity_name_com.name        'AtTLP18.3, Thylakoid lumen 18.3 kDa protein' 
# 
_entity_poly.entity_id                      1 
_entity_poly.type                           'polypeptide(L)' 
_entity_poly.nstd_linkage                   no 
_entity_poly.nstd_monomer                   no 
_entity_poly.pdbx_seq_one_letter_code       
;SASEFNILNDGPPKETYVVDDAGVLSRVTKSDLKKLLSDLEYRKKLRLNFITVRKLTSKADAFEYADQVLEKWYPSIEEG
NNKGIVVLITSQKEGAITGGPAFIEAVGENILDATVSENLPVLATDEKYNEAVYSSAKRLVAAIDGQPDPGGP
;
_entity_poly.pdbx_seq_one_letter_code_can   
;SASEFNILNDGPPKETYVVDDAGVLSRVTKSDLKKLLSDLEYRKKLRLNFITVRKLTSKADAFEYADQVLEKWYPSIEEG
NNKGIVVLITSQKEGAITGGPAFIEAVGENILDATVSENLPVLATDEKYNEAVYSSAKRLVAAIDGQPDPGGP
;
_entity_poly.pdbx_strand_id                 A 
_entity_poly.pdbx_target_identifier         ? 
# 
loop_
_entity_poly_seq.entity_id 
_entity_poly_seq.num 
_entity_poly_seq.mon_id 
_entity_poly_seq.hetero 
1 1   SER n 
1 2   ALA n 
1 3   SER n 
1 4   GLU n 
1 5   PHE n 
1 6   ASN n 
1 7   ILE n 
1 8   LEU n 
1 9   ASN n 
1 10  ASP n 
1 11  GLY n 
1 12  PRO n 
1 13  PRO n 
1 14  LYS n 
1 15  GLU n 
1 16  THR n 
1 17  TYR n 
1 18  VAL n 
1 19  VAL n 
1 20  ASP n 
1 21  ASP n 
1 22  ALA n 
1 23  GLY n 
1 24  VAL n 
1 25  LEU n 
1 26  SER n 
1 27  ARG n 
1 28  VAL n 
1 29  THR n 
1 30  LYS n 
1 31  SER n 
1 32  ASP n 
1 33  LEU n 
1 34  LYS n 
1 35  LYS n 
1 36  LEU n 
1 37  LEU n 
1 38  SER n 
1 39  ASP n 
1 40  LEU n 
1 41  GLU n 
1 42  TYR n 
1 43  ARG n 
1 44  LYS n 
1 45  LYS n 
1 46  LEU n 
1 47  ARG n 
1 48  LEU n 
1 49  ASN n 
1 50  PHE n 
1 51  ILE n 
1 52  THR n 
1 53  VAL n 
1 54  ARG n 
1 55  LYS n 
1 56  LEU n 
1 57  THR n 
1 58  SER n 
1 59  LYS n 
1 60  ALA n 
1 61  ASP n 
1 62  ALA n 
1 63  PHE n 
1 64  GLU n 
1 65  TYR n 
1 66  ALA n 
1 67  ASP n 
1 68  GLN n 
1 69  VAL n 
1 70  LEU n 
1 71  GLU n 
1 72  LYS n 
1 73  TRP n 
1 74  TYR n 
1 75  PRO n 
1 76  SER n 
1 77  ILE n 
1 78  GLU n 
1 79  GLU n 
1 80  GLY n 
1 81  ASN n 
1 82  ASN n 
1 83  LYS n 
1 84  GLY n 
1 85  ILE n 
1 86  VAL n 
1 87  VAL n 
1 88  LEU n 
1 89  ILE n 
1 90  THR n 
1 91  SER n 
1 92  GLN n 
1 93  LYS n 
1 94  GLU n 
1 95  GLY n 
1 96  ALA n 
1 97  ILE n 
1 98  THR n 
1 99  GLY n 
1 100 GLY n 
1 101 PRO n 
1 102 ALA n 
1 103 PHE n 
1 104 ILE n 
1 105 GLU n 
1 106 ALA n 
1 107 VAL n 
1 108 GLY n 
1 109 GLU n 
1 110 ASN n 
1 111 ILE n 
1 112 LEU n 
1 113 ASP n 
1 114 ALA n 
1 115 THR n 
1 116 VAL n 
1 117 SER n 
1 118 GLU n 
1 119 ASN n 
1 120 LEU n 
1 121 PRO n 
1 122 VAL n 
1 123 LEU n 
1 124 ALA n 
1 125 THR n 
1 126 ASP n 
1 127 GLU n 
1 128 LYS n 
1 129 TYR n 
1 130 ASN n 
1 131 GLU n 
1 132 ALA n 
1 133 VAL n 
1 134 TYR n 
1 135 SER n 
1 136 SER n 
1 137 ALA n 
1 138 LYS n 
1 139 ARG n 
1 140 LEU n 
1 141 VAL n 
1 142 ALA n 
1 143 ALA n 
1 144 ILE n 
1 145 ASP n 
1 146 GLY n 
1 147 GLN n 
1 148 PRO n 
1 149 ASP n 
1 150 PRO n 
1 151 GLY n 
1 152 GLY n 
1 153 PRO n 
# 
_entity_src_gen.entity_id                          1 
_entity_src_gen.pdbx_src_id                        1 
_entity_src_gen.pdbx_alt_source_flag               sample 
_entity_src_gen.pdbx_seq_type                      ? 
_entity_src_gen.pdbx_beg_seq_num                   ? 
_entity_src_gen.pdbx_end_seq_num                   ? 
_entity_src_gen.gene_src_common_name               'mouse-ear cress,thale-cress' 
_entity_src_gen.gene_src_genus                     ? 
_entity_src_gen.pdbx_gene_src_gene                 'At1g54780, T22H22.19' 
_entity_src_gen.gene_src_species                   ? 
_entity_src_gen.gene_src_strain                    'cv. Columbia' 
_entity_src_gen.gene_src_tissue                    ? 
_entity_src_gen.gene_src_tissue_fraction           ? 
_entity_src_gen.gene_src_details                   ? 
_entity_src_gen.pdbx_gene_src_fragment             ? 
_entity_src_gen.pdbx_gene_src_scientific_name      'Arabidopsis thaliana' 
_entity_src_gen.pdbx_gene_src_ncbi_taxonomy_id     3702 
_entity_src_gen.pdbx_gene_src_variant              ? 
_entity_src_gen.pdbx_gene_src_cell_line            ? 
_entity_src_gen.pdbx_gene_src_atcc                 ? 
_entity_src_gen.pdbx_gene_src_organ                ? 
_entity_src_gen.pdbx_gene_src_organelle            ? 
_entity_src_gen.pdbx_gene_src_cell                 ? 
_entity_src_gen.pdbx_gene_src_cellular_location    ? 
_entity_src_gen.host_org_common_name               ? 
_entity_src_gen.pdbx_host_org_scientific_name      'Escherichia coli' 
_entity_src_gen.pdbx_host_org_ncbi_taxonomy_id     562 
_entity_src_gen.host_org_genus                     ? 
_entity_src_gen.pdbx_host_org_gene                 ? 
_entity_src_gen.pdbx_host_org_organ                ? 
_entity_src_gen.host_org_species                   ? 
_entity_src_gen.pdbx_host_org_tissue               ? 
_entity_src_gen.pdbx_host_org_tissue_fraction      ? 
_entity_src_gen.pdbx_host_org_strain               'BL21(DE3)' 
_entity_src_gen.pdbx_host_org_variant              ? 
_entity_src_gen.pdbx_host_org_cell_line            ? 
_entity_src_gen.pdbx_host_org_atcc                 ? 
_entity_src_gen.pdbx_host_org_culture_collection   ? 
_entity_src_gen.pdbx_host_org_cell                 ? 
_entity_src_gen.pdbx_host_org_organelle            ? 
_entity_src_gen.pdbx_host_org_cellular_location    ? 
_entity_src_gen.pdbx_host_org_vector_type          Plasmid 
_entity_src_gen.pdbx_host_org_vector               ? 
_entity_src_gen.host_org_details                   ? 
_entity_src_gen.expression_system_id               ? 
_entity_src_gen.plasmid_name                       pGEX6P1 
_entity_src_gen.plasmid_details                    ? 
_entity_src_gen.pdbx_description                   ? 
# 
_struct_ref.id                         1 
_struct_ref.db_name                    UNP 
_struct_ref.db_code                    U603_ARATH 
_struct_ref.pdbx_db_accession          Q9ZVL6 
_struct_ref.entity_id                  1 
_struct_ref.pdbx_seq_one_letter_code   
;ASEFNILNDGPPKETYVVDDAGVLSRVTKSDLKKLLSDLEYRKKLRLNFITVRKLTSKADAFEYADQVLEKWYPSIEEGN
NKGIVVLITSQKEGAITGGPAFIEAVGENILDATVSENLPVLATDEKYNEAVYSSAKRLVAAIDGQPDPGGP
;
_struct_ref.pdbx_align_begin           84 
_struct_ref.pdbx_db_isoform            ? 
# 
_struct_ref_seq.align_id                      1 
_struct_ref_seq.ref_id                        1 
_struct_ref_seq.pdbx_PDB_id_code              3PVH 
_struct_ref_seq.pdbx_strand_id                A 
_struct_ref_seq.seq_align_beg                 2 
_struct_ref_seq.pdbx_seq_align_beg_ins_code   ? 
_struct_ref_seq.seq_align_end                 153 
_struct_ref_seq.pdbx_seq_align_end_ins_code   ? 
_struct_ref_seq.pdbx_db_accession             Q9ZVL6 
_struct_ref_seq.db_align_beg                  84 
_struct_ref_seq.pdbx_db_align_beg_ins_code    ? 
_struct_ref_seq.db_align_end                  235 
_struct_ref_seq.pdbx_db_align_end_ins_code    ? 
_struct_ref_seq.pdbx_auth_seq_align_beg       84 
_struct_ref_seq.pdbx_auth_seq_align_end       235 
# 
_struct_ref_seq_dif.align_id                     1 
_struct_ref_seq_dif.pdbx_pdb_id_code             3PVH 
_struct_ref_seq_dif.mon_id                       SER 
_struct_ref_seq_dif.pdbx_pdb_strand_id           A 
_struct_ref_seq_dif.seq_num                      1 
_struct_ref_seq_dif.pdbx_pdb_ins_code            ? 
_struct_ref_seq_dif.pdbx_seq_db_name             UNP 
_struct_ref_seq_dif.pdbx_seq_db_accession_code   Q9ZVL6 
_struct_ref_seq_dif.db_mon_id                    ? 
_struct_ref_seq_dif.pdbx_seq_db_seq_num          ? 
_struct_ref_seq_dif.details                      'expression tag' 
_struct_ref_seq_dif.pdbx_auth_seq_num            83 
_struct_ref_seq_dif.pdbx_ordinal                 1 
# 
loop_
_chem_comp.id 
_chem_comp.type 
_chem_comp.mon_nstd_flag 
_chem_comp.name 
_chem_comp.pdbx_synonyms 
_chem_comp.formula 
_chem_comp.formula_weight 
ALA 'L-peptide linking' y ALANINE         ?                               'C3 H7 N O2'     89.093  
ARG 'L-peptide linking' y ARGININE        ?                               'C6 H15 N4 O2 1' 175.209 
ASN 'L-peptide linking' y ASPARAGINE      ?                               'C4 H8 N2 O3'    132.118 
ASP 'L-peptide linking' y 'ASPARTIC ACID' ?                               'C4 H7 N O4'     133.103 
CA  non-polymer         . 'CALCIUM ION'   ?                               'Ca 2'           40.078  
GLN 'L-peptide linking' y GLUTAMINE       ?                               'C5 H10 N2 O3'   146.144 
GLU 'L-peptide linking' y 'GLUTAMIC ACID' ?                               'C5 H9 N O4'     147.129 
GLY 'peptide linking'   y GLYCINE         ?                               'C2 H5 N O2'     75.067  
GOL non-polymer         . GLYCEROL        'GLYCERIN; PROPANE-1,2,3-TRIOL' 'C3 H8 O3'       92.094  
HOH non-polymer         . WATER           ?                               'H2 O'           18.015  
ILE 'L-peptide linking' y ISOLEUCINE      ?                               'C6 H13 N O2'    131.173 
LEU 'L-peptide linking' y LEUCINE         ?                               'C6 H13 N O2'    131.173 
LYS 'L-peptide linking' y LYSINE          ?                               'C6 H15 N2 O2 1' 147.195 
PHE 'L-peptide linking' y PHENYLALANINE   ?                               'C9 H11 N O2'    165.189 
PRO 'L-peptide linking' y PROLINE         ?                               'C5 H9 N O2'     115.130 
SER 'L-peptide linking' y SERINE          ?                               'C3 H7 N O3'     105.093 
THR 'L-peptide linking' y THREONINE       ?                               'C4 H9 N O3'     119.119 
TRP 'L-peptide linking' y TRYPTOPHAN      ?                               'C11 H12 N2 O2'  204.225 
TYR 'L-peptide linking' y TYROSINE        ?                               'C9 H11 N O3'    181.189 
VAL 'L-peptide linking' y VALINE          ?                               'C5 H11 N O2'    117.146 
# 
_exptl.entry_id          3PVH 
_exptl.method            'X-RAY DIFFRACTION' 
_exptl.crystals_number   1 
# 
_exptl_crystal.id                    1 
_exptl_crystal.density_meas          ? 
_exptl_crystal.density_Matthews      2.69 
_exptl_crystal.density_percent_sol   54.21 
_exptl_crystal.description           ? 
_exptl_crystal.F_000                 ? 
_exptl_crystal.preparation           ? 
# 
_exptl_crystal_grow.crystal_id      1 
_exptl_crystal_grow.method          'VAPOR DIFFUSION' 
_exptl_crystal_grow.temp            296 
_exptl_crystal_grow.temp_details    ? 
_exptl_crystal_grow.pH              6.5 
_exptl_crystal_grow.pdbx_details    
;0.2M Sodium acetate trihydrate, 0.1M Sodium cacodylate (pH 6.5), 25-30% (w/v) Polyethylene glycol 4000 , VAPOR DIFFUSION, temperature 296K
;
_exptl_crystal_grow.pdbx_pH_range   . 
# 
_diffrn.id                     1 
_diffrn.ambient_temp           100 
_diffrn.ambient_temp_details   ? 
_diffrn.crystal_id             1 
# 
_diffrn_detector.diffrn_id              1 
_diffrn_detector.detector               CCD 
_diffrn_detector.type                   'ADSC QUANTUM 210r' 
_diffrn_detector.pdbx_collection_date   2008-06-26 
_diffrn_detector.details                mirrors 
# 
_diffrn_radiation.diffrn_id                        1 
_diffrn_radiation.wavelength_id                    1 
_diffrn_radiation.pdbx_monochromatic_or_laue_m_l   M 
_diffrn_radiation.monochromator                    'Si (111) Double crystal' 
_diffrn_radiation.pdbx_diffrn_protocol             'SINGLE WAVELENGTH' 
_diffrn_radiation.pdbx_scattering_type             x-ray 
# 
_diffrn_radiation_wavelength.id           1 
_diffrn_radiation_wavelength.wavelength   1.00000 
_diffrn_radiation_wavelength.wt           1.0 
# 
_diffrn_source.diffrn_id                   1 
_diffrn_source.source                      SYNCHROTRON 
_diffrn_source.type                        'NSRRC BEAMLINE BL13B1' 
_diffrn_source.pdbx_synchrotron_site       NSRRC 
_diffrn_source.pdbx_synchrotron_beamline   BL13B1 
_diffrn_source.pdbx_wavelength             ? 
_diffrn_source.pdbx_wavelength_list        1.00000 
# 
_reflns.entry_id                     3PVH 
_reflns.observed_criterion_sigma_I   ? 
_reflns.observed_criterion_sigma_F   0.00 
_reflns.d_resolution_low             30 
_reflns.d_resolution_high            1.60 
_reflns.number_obs                   24243 
_reflns.number_all                   ? 
_reflns.percent_possible_obs         99.3 
_reflns.pdbx_Rmerge_I_obs            0.035 
_reflns.pdbx_Rsym_value              0.035 
_reflns.pdbx_netI_over_sigmaI        58.6 
_reflns.B_iso_Wilson_estimate        28.5 
_reflns.pdbx_redundancy              14.2 
_reflns.R_free_details               ? 
_reflns.limit_h_max                  ? 
_reflns.limit_h_min                  ? 
_reflns.limit_k_max                  ? 
_reflns.limit_k_min                  ? 
_reflns.limit_l_max                  ? 
_reflns.limit_l_min                  ? 
_reflns.observed_criterion_F_max     ? 
_reflns.observed_criterion_F_min     ? 
_reflns.pdbx_chi_squared             ? 
_reflns.pdbx_scaling_rejects         ? 
_reflns.pdbx_ordinal                 1 
_reflns.pdbx_diffrn_id               1 
# 
loop_
_reflns_shell.d_res_high 
_reflns_shell.d_res_low 
_reflns_shell.percent_possible_all 
_reflns_shell.Rmerge_I_obs 
_reflns_shell.pdbx_Rsym_value 
_reflns_shell.meanI_over_sigI_obs 
_reflns_shell.pdbx_redundancy 
_reflns_shell.percent_possible_obs 
_reflns_shell.number_unique_all 
_reflns_shell.number_measured_all 
_reflns_shell.number_measured_obs 
_reflns_shell.number_unique_obs 
_reflns_shell.pdbx_chi_squared 
_reflns_shell.pdbx_rejects 
_reflns_shell.pdbx_netI_over_sigmaI_obs 
_reflns_shell.number_possible 
_reflns_shell.Rmerge_F_all 
_reflns_shell.Rmerge_F_obs 
_reflns_shell.Rmerge_I_all 
_reflns_shell.meanI_over_sigI_all 
_reflns_shell.pdbx_Rrim_I_all 
_reflns_shell.pdbx_Rpim_I_all 
_reflns_shell.pdbx_ordinal 
_reflns_shell.pdbx_diffrn_id 
1.60 1.66  100.0 0.316 0.316 8.7  14.4 ? 2397 ? ? ? ? ? ? ? ? ? ? ? ? ? 1  1 
1.66 1.72  100.0 0.230 0.230 11.9 14.4 ? 2407 ? ? ? ? ? ? ? ? ? ? ? ? ? 2  1 
1.72 1.80  100.0 0.163 0.163 17.9 14.4 ? 2406 ? ? ? ? ? ? ? ? ? ? ? ? ? 3  1 
1.80 1.90  100.0 0.108 0.108 27.2 14.5 ? 2379 ? ? ? ? ? ? ? ? ? ? ? ? ? 4  1 
1.90 2.02  100.0 0.066 0.066 43.7 14.4 ? 2417 ? ? ? ? ? ? ? ? ? ? ? ? ? 5  1 
2.02 2.17  100.0 0.050 0.050 54.8 14.4 ? 2424 ? ? ? ? ? ? ? ? ? ? ? ? ? 6  1 
2.17 2.39  100.0 0.040 0.040 65.2 14.4 ? 2433 ? ? ? ? ? ? ? ? ? ? ? ? ? 7  1 
2.39 2.74  100.0 0.032 0.032 77.9 14.4 ? 2448 ? ? ? ? ? ? ? ? ? ? ? ? ? 8  1 
2.74 3.45  100.0 0.028 0.028 84.2 14.2 ? 2481 ? ? ? ? ? ? ? ? ? ? ? ? ? 9  1 
3.45 30.00 93.6  0.031 0.031 55.0 12.3 ? 2451 ? ? ? ? ? ? ? ? ? ? ? ? ? 10 1 
# 
_refine.entry_id                                 3PVH 
_refine.ls_number_reflns_obs                     23609 
_refine.ls_number_reflns_all                     24317 
_refine.pdbx_ls_sigma_I                          ? 
_refine.pdbx_ls_sigma_F                          0.0 
_refine.pdbx_data_cutoff_high_absF               ? 
_refine.pdbx_data_cutoff_low_absF                ? 
_refine.pdbx_data_cutoff_high_rms_absF           ? 
_refine.ls_d_res_low                             23.44 
_refine.ls_d_res_high                            1.6 
_refine.ls_percent_reflns_obs                    97.1 
_refine.ls_R_factor_obs                          ? 
_refine.ls_R_factor_all                          ? 
_refine.ls_R_factor_R_work                       0.195 
_refine.ls_R_factor_R_free                       0.230 
_refine.ls_R_factor_R_free_error                 ? 
_refine.ls_R_factor_R_free_error_details         ? 
_refine.ls_percent_reflns_R_free                 ? 
_refine.ls_number_reflns_R_free                  2346 
_refine.ls_number_parameters                     ? 
_refine.ls_number_restraints                     ? 
_refine.occupancy_min                            ? 
_refine.occupancy_max                            ? 
_refine.correlation_coeff_Fo_to_Fc               ? 
_refine.correlation_coeff_Fo_to_Fc_free          ? 
_refine.B_iso_mean                               32.72 
_refine.aniso_B[1][1]                            -2.067 
_refine.aniso_B[2][2]                            -3.039 
_refine.aniso_B[3][3]                            5.106 
_refine.aniso_B[1][2]                            0.00 
_refine.aniso_B[1][3]                            0.00 
_refine.aniso_B[2][3]                            0.00 
_refine.solvent_model_details                    ? 
_refine.solvent_model_param_ksol                 ? 
_refine.solvent_model_param_bsol                 73.0172 
_refine.pdbx_solvent_vdw_probe_radii             ? 
_refine.pdbx_solvent_ion_probe_radii             ? 
_refine.pdbx_solvent_shrinkage_radii             ? 
_refine.pdbx_ls_cross_valid_method               THROUGHOUT 
_refine.details                                  ? 
_refine.pdbx_starting_model                      'PDB ENTRY 3PTJ' 
_refine.pdbx_method_to_determine_struct          'FOURIER SYNTHESIS' 
_refine.pdbx_isotropic_thermal_model             RESTRAINED 
_refine.pdbx_stereochemistry_target_values       'Engh & Huber' 
_refine.pdbx_stereochem_target_val_spec_case     ? 
_refine.pdbx_R_Free_selection_details            RANDOM 
_refine.pdbx_overall_ESU_R_Free                  ? 
_refine.overall_SU_ML                            ? 
_refine.overall_SU_B                             ? 
_refine.overall_SU_R_Cruickshank_DPI             ? 
_refine.ls_redundancy_reflns_obs                 ? 
_refine.B_iso_min                                ? 
_refine.B_iso_max                                ? 
_refine.overall_SU_R_free                        ? 
_refine.ls_wR_factor_R_free                      ? 
_refine.ls_wR_factor_R_work                      ? 
_refine.overall_FOM_free_R_set                   ? 
_refine.overall_FOM_work_R_set                   ? 
_refine.pdbx_refine_id                           'X-RAY DIFFRACTION' 
_refine.pdbx_overall_phase_error                 ? 
_refine.pdbx_diffrn_id                           1 
_refine.pdbx_overall_ESU_R                       ? 
_refine.pdbx_TLS_residual_ADP_flag               ? 
_refine.pdbx_overall_SU_R_free_Cruickshank_DPI   ? 
_refine.pdbx_overall_SU_R_Blow_DPI               ? 
_refine.pdbx_overall_SU_R_free_Blow_DPI          ? 
# 
_refine_analyze.entry_id                        3PVH 
_refine_analyze.Luzzati_coordinate_error_obs    0.17 
_refine_analyze.Luzzati_sigma_a_obs             0.12 
_refine_analyze.Luzzati_d_res_low_obs           5.00 
_refine_analyze.Luzzati_coordinate_error_free   0.21 
_refine_analyze.Luzzati_sigma_a_free            0.16 
_refine_analyze.Luzzati_d_res_low_free          ? 
_refine_analyze.number_disordered_residues      ? 
_refine_analyze.occupancy_sum_hydrogen          ? 
_refine_analyze.occupancy_sum_non_hydrogen      ? 
_refine_analyze.pdbx_Luzzati_d_res_high_obs     ? 
_refine_analyze.pdbx_refine_id                  'X-RAY DIFFRACTION' 
# 
_refine_hist.pdbx_refine_id                   'X-RAY DIFFRACTION' 
_refine_hist.cycle_id                         LAST 
_refine_hist.pdbx_number_atoms_protein        1174 
_refine_hist.pdbx_number_atoms_nucleic_acid   0 
_refine_hist.pdbx_number_atoms_ligand         49 
_refine_hist.number_atoms_solvent             180 
_refine_hist.number_atoms_total               1403 
_refine_hist.d_res_high                       1.6 
_refine_hist.d_res_low                        23.44 
# 
loop_
_refine_ls_restr.type 
_refine_ls_restr.dev_ideal 
_refine_ls_restr.dev_ideal_target 
_refine_ls_restr.weight 
_refine_ls_restr.number 
_refine_ls_restr.pdbx_refine_id 
_refine_ls_restr.pdbx_restraint_function 
c_bond_d           0.022 ?     ? ? 'X-RAY DIFFRACTION' ? 
c_angle_deg        2.2   ?     ? ? 'X-RAY DIFFRACTION' ? 
c_torsion_deg      21.6  ?     ? ? 'X-RAY DIFFRACTION' ? 
c_torsion_impr_deg 1.38  ?     ? ? 'X-RAY DIFFRACTION' ? 
c_mcbond_it        1.505 1.500 ? ? 'X-RAY DIFFRACTION' ? 
c_scbond_it        2.528 2.000 ? ? 'X-RAY DIFFRACTION' ? 
c_mcangle_it       2.318 2.000 ? ? 'X-RAY DIFFRACTION' ? 
c_scangle_it       3.798 2.500 ? ? 'X-RAY DIFFRACTION' ? 
# 
loop_
_refine_ls_shell.pdbx_refine_id 
_refine_ls_shell.pdbx_total_number_of_bins_used 
_refine_ls_shell.d_res_high 
_refine_ls_shell.d_res_low 
_refine_ls_shell.number_reflns_R_work 
_refine_ls_shell.R_factor_R_work 
_refine_ls_shell.percent_reflns_obs 
_refine_ls_shell.R_factor_R_free 
_refine_ls_shell.R_factor_R_free_error 
_refine_ls_shell.percent_reflns_R_free 
_refine_ls_shell.number_reflns_R_free 
_refine_ls_shell.number_reflns_all 
_refine_ls_shell.R_factor_all 
_refine_ls_shell.number_reflns_obs 
_refine_ls_shell.redundancy_reflns_obs 
'X-RAY DIFFRACTION' . 1.60 1.67  . 0.235 92.8 0.275 0.016 . 283 . . 2770 . 
'X-RAY DIFFRACTION' . 1.67 1.76  . 0.221 95.3 0.267 0.016 . 273 . . 2840 . 
'X-RAY DIFFRACTION' . 1.76 1.87  . 0.228 96.7 0.275 0.017 . 275 . . 2920 . 
'X-RAY DIFFRACTION' . 1.87 2.02  . 0.194 98.3 0.241 0.014 . 286 . . 2947 . 
'X-RAY DIFFRACTION' . 2.02 2.22  . 0.202 99.2 0.231 0.013 . 331 . . 2994 . 
'X-RAY DIFFRACTION' . 2.22 2.54  . 0.195 99.3 0.235 0.013 . 306 . . 3035 . 
'X-RAY DIFFRACTION' . 2.54 3.20  . 0.182 99.6 0.221 0.013 . 304 . . 3057 . 
'X-RAY DIFFRACTION' . 3.20 30.00 . 0.193 94.8 0.215 0.013 . 288 . . 3046 . 
# 
loop_
_pdbx_xplor_file.pdbx_refine_id 
_pdbx_xplor_file.serial_no 
_pdbx_xplor_file.param_file 
_pdbx_xplor_file.topol_file 
'X-RAY DIFFRACTION' 1 protein_rep.param protein.top  
'X-RAY DIFFRACTION' 2 water_rep.param   water.top    
'X-RAY DIFFRACTION' 3 ion.param         ion.top      
'X-RAY DIFFRACTION' 4 glycerol.param    glycerol.top 
# 
_struct.entry_id                  3PVH 
_struct.title                     'Structural and Functional Analysis of Arabidopsis thaliana thylakoid lumen protein AtTLP18.3' 
_struct.pdbx_model_details        ? 
_struct.pdbx_CASP_flag            ? 
_struct.pdbx_model_type_details   ? 
# 
_struct_keywords.entry_id        3PVH 
_struct_keywords.pdbx_keywords   HYDROLASE 
_struct_keywords.text            'TAP domain, Rossmann fold, Acid Phosphatase, Arabidopsis thaliana thylakoid lumen, HYDROLASE' 
# 
loop_
_struct_asym.id 
_struct_asym.pdbx_blank_PDB_chainid_flag 
_struct_asym.pdbx_modified 
_struct_asym.entity_id 
_struct_asym.details 
A N N 1 ? 
B N N 2 ? 
C N N 3 ? 
D N N 3 ? 
E N N 3 ? 
F N N 3 ? 
G N N 3 ? 
H N N 3 ? 
I N N 3 ? 
J N N 3 ? 
K N N 4 ? 
# 
_struct_biol.id        1 
_struct_biol.details   ? 
# 
loop_
_struct_conf.conf_type_id 
_struct_conf.id 
_struct_conf.pdbx_PDB_helix_id 
_struct_conf.beg_label_comp_id 
_struct_conf.beg_label_asym_id 
_struct_conf.beg_label_seq_id 
_struct_conf.pdbx_beg_PDB_ins_code 
_struct_conf.end_label_comp_id 
_struct_conf.end_label_asym_id 
_struct_conf.end_label_seq_id 
_struct_conf.pdbx_end_PDB_ins_code 
_struct_conf.beg_auth_comp_id 
_struct_conf.beg_auth_asym_id 
_struct_conf.beg_auth_seq_id 
_struct_conf.end_auth_comp_id 
_struct_conf.end_auth_asym_id 
_struct_conf.end_auth_seq_id 
_struct_conf.pdbx_PDB_helix_class 
_struct_conf.details 
_struct_conf.pdbx_PDB_helix_length 
HELX_P HELX_P1 1 SER A 1   ? GLY A 11  ? SER A 83  GLY A 93  1 ? 11 
HELX_P HELX_P2 2 SER A 26  ? LYS A 45  ? SER A 108 LYS A 127 1 ? 20 
HELX_P HELX_P3 3 ASP A 61  ? TYR A 74  ? ASP A 143 TYR A 156 1 ? 14 
HELX_P HELX_P4 4 SER A 76  ? ASN A 81  ? SER A 158 ASN A 163 1 ? 6  
HELX_P HELX_P5 5 GLY A 100 ? GLY A 108 ? GLY A 182 GLY A 190 1 ? 9  
HELX_P HELX_P6 6 GLY A 108 ? GLU A 118 ? GLY A 190 GLU A 200 1 ? 11 
HELX_P HELX_P7 7 GLU A 118 ? ASP A 126 ? GLU A 200 ASP A 208 1 ? 9  
HELX_P HELX_P8 8 LYS A 128 ? ASP A 145 ? LYS A 210 ASP A 227 1 ? 18 
# 
_struct_conf_type.id          HELX_P 
_struct_conf_type.criteria    ? 
_struct_conf_type.reference   ? 
# 
loop_
_struct_conn.id 
_struct_conn.conn_type_id 
_struct_conn.pdbx_leaving_atom_flag 
_struct_conn.pdbx_PDB_id 
_struct_conn.ptnr1_label_asym_id 
_struct_conn.ptnr1_label_comp_id 
_struct_conn.ptnr1_label_seq_id 
_struct_conn.ptnr1_label_atom_id 
_struct_conn.pdbx_ptnr1_label_alt_id 
_struct_conn.pdbx_ptnr1_PDB_ins_code 
_struct_conn.pdbx_ptnr1_standard_comp_id 
_struct_conn.ptnr1_symmetry 
_struct_conn.ptnr2_label_asym_id 
_struct_conn.ptnr2_label_comp_id 
_struct_conn.ptnr2_label_seq_id 
_struct_conn.ptnr2_label_atom_id 
_struct_conn.pdbx_ptnr2_label_alt_id 
_struct_conn.pdbx_ptnr2_PDB_ins_code 
_struct_conn.ptnr1_auth_asym_id 
_struct_conn.ptnr1_auth_comp_id 
_struct_conn.ptnr1_auth_seq_id 
_struct_conn.ptnr2_auth_asym_id 
_struct_conn.ptnr2_auth_comp_id 
_struct_conn.ptnr2_auth_seq_id 
_struct_conn.ptnr2_symmetry 
_struct_conn.pdbx_ptnr3_label_atom_id 
_struct_conn.pdbx_ptnr3_label_seq_id 
_struct_conn.pdbx_ptnr3_label_comp_id 
_struct_conn.pdbx_ptnr3_label_asym_id 
_struct_conn.pdbx_ptnr3_label_alt_id 
_struct_conn.pdbx_ptnr3_PDB_ins_code 
_struct_conn.details 
_struct_conn.pdbx_dist_value 
_struct_conn.pdbx_value_order 
_struct_conn.pdbx_role 
metalc1 metalc ? ? K HOH .  O   ? ? ? 1_555 B CA . CA ? ? A HOH 34  A CA 300 1_555 ? ? ? ? ? ? ? 2.901 ? ? 
metalc2 metalc ? ? A ASP 21 OD2 ? ? ? 1_555 B CA . CA ? ? A ASP 103 A CA 300 1_555 ? ? ? ? ? ? ? 2.582 ? ? 
# 
_struct_conn_type.id          metalc 
_struct_conn_type.criteria    ? 
_struct_conn_type.reference   ? 
# 
_struct_sheet.id               A 
_struct_sheet.type             ? 
_struct_sheet.number_strands   4 
_struct_sheet.details          ? 
# 
loop_
_struct_sheet_order.sheet_id 
_struct_sheet_order.range_id_1 
_struct_sheet_order.range_id_2 
_struct_sheet_order.offset 
_struct_sheet_order.sense 
A 1 2 ? parallel      
A 2 3 ? parallel      
A 3 4 ? anti-parallel 
# 
loop_
_struct_sheet_range.sheet_id 
_struct_sheet_range.id 
_struct_sheet_range.beg_label_comp_id 
_struct_sheet_range.beg_label_asym_id 
_struct_sheet_range.beg_label_seq_id 
_struct_sheet_range.pdbx_beg_PDB_ins_code 
_struct_sheet_range.end_label_comp_id 
_struct_sheet_range.end_label_asym_id 
_struct_sheet_range.end_label_seq_id 
_struct_sheet_range.pdbx_end_PDB_ins_code 
_struct_sheet_range.beg_auth_comp_id 
_struct_sheet_range.beg_auth_asym_id 
_struct_sheet_range.beg_auth_seq_id 
_struct_sheet_range.end_auth_comp_id 
_struct_sheet_range.end_auth_asym_id 
_struct_sheet_range.end_auth_seq_id 
A 1 VAL A 18 ? ASP A 20 ? VAL A 100 ASP A 102 
A 2 ARG A 47 ? VAL A 53 ? ARG A 129 VAL A 135 
A 3 LYS A 83 ? ILE A 89 ? LYS A 165 ILE A 171 
A 4 GLU A 94 ? GLY A 99 ? GLU A 176 GLY A 181 
# 
loop_
_pdbx_struct_sheet_hbond.sheet_id 
_pdbx_struct_sheet_hbond.range_id_1 
_pdbx_struct_sheet_hbond.range_id_2 
_pdbx_struct_sheet_hbond.range_1_label_atom_id 
_pdbx_struct_sheet_hbond.range_1_label_comp_id 
_pdbx_struct_sheet_hbond.range_1_label_asym_id 
_pdbx_struct_sheet_hbond.range_1_label_seq_id 
_pdbx_struct_sheet_hbond.range_1_PDB_ins_code 
_pdbx_struct_sheet_hbond.range_1_auth_atom_id 
_pdbx_struct_sheet_hbond.range_1_auth_comp_id 
_pdbx_struct_sheet_hbond.range_1_auth_asym_id 
_pdbx_struct_sheet_hbond.range_1_auth_seq_id 
_pdbx_struct_sheet_hbond.range_2_label_atom_id 
_pdbx_struct_sheet_hbond.range_2_label_comp_id 
_pdbx_struct_sheet_hbond.range_2_label_asym_id 
_pdbx_struct_sheet_hbond.range_2_label_seq_id 
_pdbx_struct_sheet_hbond.range_2_PDB_ins_code 
_pdbx_struct_sheet_hbond.range_2_auth_atom_id 
_pdbx_struct_sheet_hbond.range_2_auth_comp_id 
_pdbx_struct_sheet_hbond.range_2_auth_asym_id 
_pdbx_struct_sheet_hbond.range_2_auth_seq_id 
A 1 2 N VAL A 19 ? N VAL A 101 O PHE A 50 ? O PHE A 132 
A 2 3 N ILE A 51 ? N ILE A 133 O VAL A 86 ? O VAL A 168 
A 3 4 N ILE A 89 ? N ILE A 171 O GLU A 94 ? O GLU A 176 
# 
loop_
_struct_site.id 
_struct_site.pdbx_evidence_code 
_struct_site.pdbx_auth_asym_id 
_struct_site.pdbx_auth_comp_id 
_struct_site.pdbx_auth_seq_id 
_struct_site.pdbx_auth_ins_code 
_struct_site.pdbx_num_residues 
_struct_site.details 
AC1 Software A CA  300 ? 5 'BINDING SITE FOR RESIDUE CA A 300'  
AC2 Software A GOL 303 ? 4 'BINDING SITE FOR RESIDUE GOL A 303' 
AC3 Software A GOL 304 ? 7 'BINDING SITE FOR RESIDUE GOL A 304' 
AC4 Software A GOL 305 ? 8 'BINDING SITE FOR RESIDUE GOL A 305' 
AC5 Software A GOL 306 ? 5 'BINDING SITE FOR RESIDUE GOL A 306' 
AC6 Software A GOL 307 ? 5 'BINDING SITE FOR RESIDUE GOL A 307' 
AC7 Software A GOL 308 ? 6 'BINDING SITE FOR RESIDUE GOL A 308' 
AC8 Software A GOL 309 ? 7 'BINDING SITE FOR RESIDUE GOL A 309' 
AC9 Software A GOL 310 ? 7 'BINDING SITE FOR RESIDUE GOL A 310' 
# 
loop_
_struct_site_gen.id 
_struct_site_gen.site_id 
_struct_site_gen.pdbx_num_res 
_struct_site_gen.label_comp_id 
_struct_site_gen.label_asym_id 
_struct_site_gen.label_seq_id 
_struct_site_gen.pdbx_auth_ins_code 
_struct_site_gen.auth_comp_id 
_struct_site_gen.auth_asym_id 
_struct_site_gen.auth_seq_id 
_struct_site_gen.label_atom_id 
_struct_site_gen.label_alt_id 
_struct_site_gen.symmetry 
_struct_site_gen.details 
1  AC1 5 HOH K .   ? HOH A 34  . ? 1_555 ? 
2  AC1 5 SER A 3   ? SER A 85  . ? 1_555 ? 
3  AC1 5 ASP A 21  ? ASP A 103 . ? 1_555 ? 
4  AC1 5 ALA A 22  ? ALA A 104 . ? 1_555 ? 
5  AC1 5 ARG A 54  ? ARG A 136 . ? 1_555 ? 
6  AC2 4 HOH K .   ? HOH A 17  . ? 3_757 ? 
7  AC2 4 PHE A 5   ? PHE A 87  . ? 1_555 ? 
8  AC2 4 ASN A 9   ? ASN A 91  . ? 1_555 ? 
9  AC2 4 LYS A 72  ? LYS A 154 . ? 1_555 ? 
10 AC3 7 HOH K .   ? HOH A 8   . ? 3_747 ? 
11 AC3 7 HOH K .   ? HOH A 57  . ? 3_747 ? 
12 AC3 7 THR A 29  ? THR A 111 . ? 1_555 ? 
13 AC3 7 ASP A 32  ? ASP A 114 . ? 1_555 ? 
14 AC3 7 GLU A 131 ? GLU A 213 . ? 1_555 ? 
15 AC3 7 TYR A 134 ? TYR A 216 . ? 1_555 ? 
16 AC3 7 HOH K .   ? HOH A 339 . ? 1_555 ? 
17 AC4 8 HOH K .   ? HOH A 43  . ? 1_555 ? 
18 AC4 8 HOH K .   ? HOH A 74  . ? 1_555 ? 
19 AC4 8 GLU A 15  ? GLU A 97  . ? 3_747 ? 
20 AC4 8 VAL A 24  ? VAL A 106 . ? 1_555 ? 
21 AC4 8 THR A 90  ? THR A 172 . ? 1_555 ? 
22 AC4 8 SER A 91  ? SER A 173 . ? 1_555 ? 
23 AC4 8 TYR A 129 ? TYR A 211 . ? 1_555 ? 
24 AC4 8 HOH K .   ? HOH A 283 . ? 1_555 ? 
25 AC5 5 HOH K .   ? HOH A 78  . ? 1_555 ? 
26 AC5 5 TRP A 73  ? TRP A 155 . ? 1_555 ? 
27 AC5 5 TYR A 74  ? TYR A 156 . ? 1_555 ? 
28 AC5 5 GLU A 79  ? GLU A 161 . ? 1_555 ? 
29 AC5 5 LYS A 83  ? LYS A 165 . ? 1_555 ? 
30 AC6 5 HOH K .   ? HOH A 37  . ? 1_555 ? 
31 AC6 5 ALA A 102 ? ALA A 184 . ? 1_555 ? 
32 AC6 5 GLU A 105 ? GLU A 187 . ? 1_555 ? 
33 AC6 5 ALA A 106 ? ALA A 188 . ? 1_555 ? 
34 AC6 5 HOH K .   ? HOH A 269 . ? 1_555 ? 
35 AC7 6 HOH K .   ? HOH A 55  . ? 1_555 ? 
36 AC7 6 PHE A 63  ? PHE A 145 . ? 1_555 ? 
37 AC7 6 ALA A 96  ? ALA A 178 . ? 1_555 ? 
38 AC7 6 ILE A 97  ? ILE A 179 . ? 1_555 ? 
39 AC7 6 ASP A 113 ? ASP A 195 . ? 1_555 ? 
40 AC7 6 HOH K .   ? HOH A 330 . ? 1_555 ? 
41 AC8 7 HOH K .   ? HOH A 26  . ? 1_555 ? 
42 AC8 7 TYR A 17  ? TYR A 99  . ? 1_555 ? 
43 AC8 7 SER A 38  ? SER A 120 . ? 1_555 ? 
44 AC8 7 GLU A 41  ? GLU A 123 . ? 1_555 ? 
45 AC8 7 ILE A 77  ? ILE A 159 . ? 4_567 ? 
46 AC8 7 PRO A 101 ? PRO A 183 . ? 4_567 ? 
47 AC8 7 HOH K .   ? HOH A 249 . ? 1_555 ? 
48 AC9 7 HOH K .   ? HOH A 20  . ? 1_555 ? 
49 AC9 7 HOH K .   ? HOH A 26  . ? 4_467 ? 
50 AC9 7 TYR A 42  ? TYR A 124 . ? 4_467 ? 
51 AC9 7 LYS A 45  ? LYS A 127 . ? 4_467 ? 
52 AC9 7 ASP A 67  ? ASP A 149 . ? 1_555 ? 
53 AC9 7 GLU A 71  ? GLU A 153 . ? 1_555 ? 
54 AC9 7 HOH K .   ? HOH A 237 . ? 4_467 ? 
# 
_atom_sites.entry_id                    3PVH 
_atom_sites.fract_transf_matrix[1][1]   -0.00309923 
_atom_sites.fract_transf_matrix[1][2]   0.02103098 
_atom_sites.fract_transf_matrix[1][3]   0.00180966 
_atom_sites.fract_transf_matrix[2][1]   0.01224973 
_atom_sites.fract_transf_matrix[2][2]   0.00044055 
_atom_sites.fract_transf_matrix[2][3]   0.01585913 
_atom_sites.fract_transf_matrix[3][1]   0.01016947 
_atom_sites.fract_transf_matrix[3][2]   0.00217973 
_atom_sites.fract_transf_matrix[3][3]   -0.00791553 
_atom_sites.fract_transf_vector[1]      0.879484 
_atom_sites.fract_transf_vector[2]      0.546901 
_atom_sites.fract_transf_vector[3]      1.120192 
# 
loop_
_atom_type.symbol 
C  
CA 
N  
O  
# 
loop_
_atom_site.group_PDB 
_atom_site.id 
_atom_site.type_symbol 
_atom_site.label_atom_id 
_atom_site.label_alt_id 
_atom_site.label_comp_id 
_atom_site.label_asym_id 
_atom_site.label_entity_id 
_atom_site.label_seq_id 
_atom_site.pdbx_PDB_ins_code 
_atom_site.Cartn_x 
_atom_site.Cartn_y 
_atom_site.Cartn_z 
_atom_site.occupancy 
_atom_site.B_iso_or_equiv 
_atom_site.pdbx_formal_charge 
_atom_site.auth_seq_id 
_atom_site.auth_comp_id 
_atom_site.auth_asym_id 
_atom_site.auth_atom_id 
_atom_site.pdbx_PDB_model_num 
ATOM   1    N  N   . SER A 1 1   ? 18.250  -6.040  -5.960  1.00 44.47 ? 83  SER A N   1 
ATOM   2    C  CA  . SER A 1 1   ? 18.393  -4.707  -6.621  1.00 43.89 ? 83  SER A CA  1 
ATOM   3    C  C   . SER A 1 1   ? 18.573  -3.563  -5.625  1.00 42.52 ? 83  SER A C   1 
ATOM   4    O  O   . SER A 1 1   ? 18.239  -3.684  -4.430  1.00 42.32 ? 83  SER A O   1 
ATOM   5    C  CB  . SER A 1 1   ? 17.158  -4.389  -7.481  1.00 45.00 ? 83  SER A CB  1 
ATOM   6    O  OG  . SER A 1 1   ? 16.029  -4.013  -6.660  1.00 44.81 ? 83  SER A OG  1 
ATOM   7    N  N   . ALA A 1 2   ? 19.048  -2.429  -6.122  1.00 40.34 ? 84  ALA A N   1 
ATOM   8    C  CA  . ALA A 1 2   ? 19.241  -1.284  -5.242  1.00 39.16 ? 84  ALA A CA  1 
ATOM   9    C  C   . ALA A 1 2   ? 17.865  -0.840  -4.691  1.00 36.99 ? 84  ALA A C   1 
ATOM   10   O  O   . ALA A 1 2   ? 17.750  -0.398  -3.530  1.00 35.74 ? 84  ALA A O   1 
ATOM   11   C  CB  . ALA A 1 2   ? 19.880  -0.137  -6.010  1.00 40.69 ? 84  ALA A CB  1 
ATOM   12   N  N   . SER A 1 3   ? 16.843  -0.924  -5.541  1.00 35.69 ? 85  SER A N   1 
ATOM   13   C  CA  . SER A 1 3   ? 15.491  -0.531  -5.117  1.00 33.13 ? 85  SER A CA  1 
ATOM   14   C  C   . SER A 1 3   ? 14.977  -1.398  -3.991  1.00 31.71 ? 85  SER A C   1 
ATOM   15   O  O   . SER A 1 3   ? 14.511  -0.869  -2.972  1.00 28.56 ? 85  SER A O   1 
ATOM   16   C  CB  . SER A 1 3   ? 14.506  -0.573  -6.287  1.00 33.66 ? 85  SER A CB  1 
ATOM   17   O  OG  . SER A 1 3   ? 14.698  0.600   -7.084  1.00 35.88 ? 85  SER A OG  1 
ATOM   18   N  N   . GLU A 1 4   ? 15.032  -2.711  -4.177  1.00 29.85 ? 86  GLU A N   1 
ATOM   19   C  CA  . GLU A 1 4   ? 14.532  -3.628  -3.145  1.00 31.13 ? 86  GLU A CA  1 
ATOM   20   C  C   . GLU A 1 4   ? 15.220  -3.392  -1.834  1.00 30.01 ? 86  GLU A C   1 
ATOM   21   O  O   . GLU A 1 4   ? 14.548  -3.413  -0.801  1.00 27.72 ? 86  GLU A O   1 
ATOM   22   C  CB  . GLU A 1 4   ? 14.722  -5.082  -3.542  1.00 34.09 ? 86  GLU A CB  1 
ATOM   23   C  CG  . GLU A 1 4   ? 13.664  -5.574  -4.509  1.00 38.85 ? 86  GLU A CG  1 
ATOM   24   C  CD  . GLU A 1 4   ? 14.165  -6.745  -5.347  1.00 41.48 ? 86  GLU A CD  1 
ATOM   25   O  OE1 . GLU A 1 4   ? 15.343  -6.694  -5.766  1.00 43.59 ? 86  GLU A OE1 1 
ATOM   26   O  OE2 . GLU A 1 4   ? 13.392  -7.695  -5.597  1.00 44.40 ? 86  GLU A OE2 1 
ATOM   27   N  N   . PHE A 1 5   ? 16.532  -3.128  -1.878  1.00 28.49 ? 87  PHE A N   1 
ATOM   28   C  CA  . PHE A 1 5   ? 17.305  -2.837  -0.661  1.00 28.84 ? 87  PHE A CA  1 
ATOM   29   C  C   . PHE A 1 5   ? 16.952  -1.532  -0.046  1.00 26.97 ? 87  PHE A C   1 
ATOM   30   O  O   . PHE A 1 5   ? 16.702  -1.460  1.171   1.00 27.23 ? 87  PHE A O   1 
ATOM   31   C  CB  . PHE A 1 5   ? 18.820  -2.816  -0.979  1.00 31.62 ? 87  PHE A CB  1 
ATOM   32   C  CG  . PHE A 1 5   ? 19.660  -2.333  0.178   1.00 29.32 ? 87  PHE A CG  1 
ATOM   33   C  CD1 . PHE A 1 5   ? 19.890  -3.162  1.262   1.00 33.59 ? 87  PHE A CD1 1 
ATOM   34   C  CD2 . PHE A 1 5   ? 20.157  -1.043  0.199   1.00 31.96 ? 87  PHE A CD2 1 
ATOM   35   C  CE1 . PHE A 1 5   ? 20.593  -2.720  2.345   1.00 33.04 ? 87  PHE A CE1 1 
ATOM   36   C  CE2 . PHE A 1 5   ? 20.858  -0.591  1.269   1.00 33.01 ? 87  PHE A CE2 1 
ATOM   37   C  CZ  . PHE A 1 5   ? 21.080  -1.444  2.367   1.00 33.88 ? 87  PHE A CZ  1 
ATOM   38   N  N   . ASN A 1 6   ? 16.896  -0.476  -0.854  1.00 25.92 ? 88  ASN A N   1 
ATOM   39   C  CA  . ASN A 1 6   ? 16.632  0.831   -0.290  1.00 26.00 ? 88  ASN A CA  1 
ATOM   40   C  C   . ASN A 1 6   ? 15.296  0.859   0.388   1.00 25.10 ? 88  ASN A C   1 
ATOM   41   O  O   . ASN A 1 6   ? 15.176  1.417   1.440   1.00 24.44 ? 88  ASN A O   1 
ATOM   42   C  CB  . ASN A 1 6   ? 16.647  1.960   -1.341  1.00 29.06 ? 88  ASN A CB  1 
ATOM   43   C  CG  . ASN A 1 6   ? 18.041  2.329   -1.755  1.00 31.89 ? 88  ASN A CG  1 
ATOM   44   O  OD1 . ASN A 1 6   ? 18.994  2.230   -0.962  1.00 33.91 ? 88  ASN A OD1 1 
ATOM   45   N  ND2 . ASN A 1 6   ? 18.180  2.780   -3.005  1.00 32.35 ? 88  ASN A ND2 1 
ATOM   46   N  N   . ILE A 1 7   ? 14.294  0.228   -0.250  1.00 23.16 ? 89  ILE A N   1 
ATOM   47   C  CA  . ILE A 1 7   ? 12.979  0.264   0.379   1.00 22.64 ? 89  ILE A CA  1 
ATOM   48   C  C   . ILE A 1 7   ? 12.996  -0.411  1.764   1.00 20.77 ? 89  ILE A C   1 
ATOM   49   O  O   . ILE A 1 7   ? 12.413  0.125   2.729   1.00 21.44 ? 89  ILE A O   1 
ATOM   50   C  CB  . ILE A 1 7   ? 11.944  -0.368  -0.558  1.00 20.05 ? 89  ILE A CB  1 
ATOM   51   C  CG1 . ILE A 1 7   ? 11.764  0.495   -1.799  1.00 22.70 ? 89  ILE A CG1 1 
ATOM   52   C  CG2 . ILE A 1 7   ? 10.672  -0.589  0.198   1.00 23.49 ? 89  ILE A CG2 1 
ATOM   53   C  CD1 . ILE A 1 7   ? 11.105  -0.352  -2.944  1.00 25.41 ? 89  ILE A CD1 1 
ATOM   54   N  N   . LEU A 1 8   ? 13.668  -1.539  1.865   1.00 22.24 ? 90  LEU A N   1 
ATOM   55   C  CA  . LEU A 1 8   ? 13.753  -2.264  3.145   1.00 22.36 ? 90  LEU A CA  1 
ATOM   56   C  C   . LEU A 1 8   ? 14.603  -1.460  4.160   1.00 26.06 ? 90  LEU A C   1 
ATOM   57   O  O   . LEU A 1 8   ? 14.204  -1.229  5.315   1.00 26.49 ? 90  LEU A O   1 
ATOM   58   C  CB  . LEU A 1 8   ? 14.365  -3.649  2.922   1.00 24.68 ? 90  LEU A CB  1 
ATOM   59   C  CG  . LEU A 1 8   ? 13.407  -4.671  2.294   1.00 25.56 ? 90  LEU A CG  1 
ATOM   60   C  CD1 . LEU A 1 8   ? 14.178  -5.853  1.766   1.00 26.63 ? 90  LEU A CD1 1 
ATOM   61   C  CD2 . LEU A 1 8   ? 12.416  -5.173  3.368   1.00 26.19 ? 90  LEU A CD2 1 
ATOM   62   N  N   . ASN A 1 9   ? 15.759  -1.004  3.676   1.00 25.61 ? 91  ASN A N   1 
ATOM   63   C  CA  . ASN A 1 9   ? 16.712  -0.236  4.499   1.00 26.84 ? 91  ASN A CA  1 
ATOM   64   C  C   . ASN A 1 9   ? 16.288  1.048   5.093   1.00 27.27 ? 91  ASN A C   1 
ATOM   65   O  O   . ASN A 1 9   ? 16.631  1.375   6.226   1.00 28.27 ? 91  ASN A O   1 
ATOM   66   C  CB  . ASN A 1 9   ? 17.969  0.053   3.644   1.00 24.92 ? 91  ASN A CB  1 
ATOM   67   C  CG  . ASN A 1 9   ? 19.202  0.442   4.530   1.00 25.71 ? 91  ASN A CG  1 
ATOM   68   O  OD1 . ASN A 1 9   ? 19.509  -0.280  5.469   1.00 26.73 ? 91  ASN A OD1 1 
ATOM   69   N  ND2 . ASN A 1 9   ? 19.870  1.590   4.228   1.00 23.91 ? 91  ASN A ND2 1 
ATOM   70   N  N   . ASP A 1 10  ? 15.566  1.835   4.317   1.00 27.41 ? 92  ASP A N   1 
ATOM   71   C  CA  . ASP A 1 10  ? 15.155  3.133   4.733   1.00 29.60 ? 92  ASP A CA  1 
ATOM   72   C  C   . ASP A 1 10  ? 14.058  3.144   5.762   1.00 31.52 ? 92  ASP A C   1 
ATOM   73   O  O   . ASP A 1 10  ? 13.788  4.173   6.387   1.00 34.09 ? 92  ASP A O   1 
ATOM   74   C  CB  . ASP A 1 10  ? 14.821  3.945   3.517   1.00 30.92 ? 92  ASP A CB  1 
ATOM   75   C  CG  . ASP A 1 10  ? 15.979  4.061   2.583   1.00 34.32 ? 92  ASP A CG  1 
ATOM   76   O  OD1 . ASP A 1 10  ? 17.108  3.692   3.024   1.00 35.07 ? 92  ASP A OD1 1 
ATOM   77   O  OD2 . ASP A 1 10  ? 15.793  4.514   1.417   1.00 33.58 ? 92  ASP A OD2 1 
ATOM   78   N  N   . GLY A 1 11  ? 13.384  2.008   5.961   1.00 29.57 ? 93  GLY A N   1 
ATOM   79   C  CA  . GLY A 1 11  ? 12.431  2.021   7.049   1.00 29.22 ? 93  GLY A CA  1 
ATOM   80   C  C   . GLY A 1 11  ? 11.216  2.660   6.514   1.00 27.60 ? 93  GLY A C   1 
ATOM   81   O  O   . GLY A 1 11  ? 11.148  3.123   5.344   1.00 27.79 ? 93  GLY A O   1 
ATOM   82   N  N   . PRO A 1 12  ? 10.178  2.696   7.351   1.00 27.17 ? 94  PRO A N   1 
ATOM   83   C  CA  . PRO A 1 12  ? 8.880   3.260   7.019   1.00 27.90 ? 94  PRO A CA  1 
ATOM   84   C  C   . PRO A 1 12  ? 8.905   4.769   6.878   1.00 29.96 ? 94  PRO A C   1 
ATOM   85   O  O   . PRO A 1 12  ? 9.672   5.408   7.547   1.00 32.86 ? 94  PRO A O   1 
ATOM   86   C  CB  . PRO A 1 12  ? 7.968   2.763   8.156   1.00 26.92 ? 94  PRO A CB  1 
ATOM   87   C  CG  . PRO A 1 12  ? 8.883   2.600   9.321   1.00 25.80 ? 94  PRO A CG  1 
ATOM   88   C  CD  . PRO A 1 12  ? 10.294  2.243   8.744   1.00 27.05 ? 94  PRO A CD  1 
ATOM   89   N  N   . PRO A 1 13  ? 8.136   5.315   5.934   1.00 32.28 ? 95  PRO A N   1 
ATOM   90   C  CA  . PRO A 1 13  ? 7.989   6.737   5.611   1.00 33.43 ? 95  PRO A CA  1 
ATOM   91   C  C   . PRO A 1 13  ? 7.007   7.412   6.558   1.00 37.20 ? 95  PRO A C   1 
ATOM   92   O  O   . PRO A 1 13  ? 5.816   7.686   6.200   1.00 37.69 ? 95  PRO A O   1 
ATOM   93   C  CB  . PRO A 1 13  ? 7.430   6.699   4.218   1.00 32.92 ? 95  PRO A CB  1 
ATOM   94   C  CG  . PRO A 1 13  ? 6.529   5.565   4.289   1.00 32.00 ? 95  PRO A CG  1 
ATOM   95   C  CD  . PRO A 1 13  ? 7.383   4.514   4.961   1.00 30.93 ? 95  PRO A CD  1 
ATOM   96   N  N   . LYS A 1 14  ? 7.508   7.694   7.747   1.00 37.25 ? 96  LYS A N   1 
ATOM   97   C  CA  . LYS A 1 14  ? 6.719   8.344   8.769   1.00 39.16 ? 96  LYS A CA  1 
ATOM   98   C  C   . LYS A 1 14  ? 6.069   9.698   8.429   1.00 38.74 ? 96  LYS A C   1 
ATOM   99   O  O   . LYS A 1 14  ? 4.885   9.870   8.725   1.00 39.49 ? 96  LYS A O   1 
ATOM   100  C  CB  . LYS A 1 14  ? 7.564   8.423   10.053  1.00 41.59 ? 96  LYS A CB  1 
ATOM   101  C  CG  . LYS A 1 14  ? 7.662   7.027   10.755  1.00 43.31 ? 96  LYS A CG  1 
ATOM   102  C  CD  . LYS A 1 14  ? 6.226   6.527   11.163  1.00 43.53 ? 96  LYS A CD  1 
ATOM   103  C  CE  . LYS A 1 14  ? 6.122   5.005   11.626  1.00 43.75 ? 96  LYS A CE  1 
ATOM   104  N  NZ  . LYS A 1 14  ? 5.609   4.028   10.586  1.00 36.35 ? 96  LYS A NZ  1 
ATOM   105  N  N   . GLU A 1 15  ? 6.798   10.631  7.794   1.00 35.95 ? 97  GLU A N   1 
ATOM   106  C  CA  . GLU A 1 15  ? 6.201   11.899  7.446   1.00 35.20 ? 97  GLU A CA  1 
ATOM   107  C  C   . GLU A 1 15  ? 5.319   11.801  6.198   1.00 33.39 ? 97  GLU A C   1 
ATOM   108  O  O   . GLU A 1 15  ? 4.369   12.585  6.065   1.00 34.13 ? 97  GLU A O   1 
ATOM   109  C  CB  . GLU A 1 15  ? 7.295   12.980  7.193   1.00 37.96 ? 97  GLU A CB  1 
ATOM   110  C  CG  . GLU A 1 15  ? 8.438   13.100  8.245   1.00 43.06 ? 97  GLU A CG  1 
ATOM   111  C  CD  . GLU A 1 15  ? 9.561   14.106  7.833   1.00 44.63 ? 97  GLU A CD  1 
ATOM   112  O  OE1 . GLU A 1 15  ? 9.951   14.114  6.661   1.00 47.20 ? 97  GLU A OE1 1 
ATOM   113  O  OE2 . GLU A 1 15  ? 10.070  14.883  8.669   1.00 46.48 ? 97  GLU A OE2 1 
ATOM   114  N  N   . THR A 1 16  ? 5.571   10.840  5.287   1.00 31.05 ? 98  THR A N   1 
ATOM   115  C  CA  . THR A 1 16  ? 4.813   10.801  3.979   1.00 31.07 ? 98  THR A CA  1 
ATOM   116  C  C   . THR A 1 16  ? 3.780   9.722   3.508   1.00 32.99 ? 98  THR A C   1 
ATOM   117  O  O   . THR A 1 16  ? 3.033   9.920   2.527   1.00 36.68 ? 98  THR A O   1 
ATOM   118  C  CB  . THR A 1 16  ? 5.776   10.791  2.808   1.00 33.95 ? 98  THR A CB  1 
ATOM   119  O  OG1 . THR A 1 16  ? 5.025   10.572  1.599   1.00 40.60 ? 98  THR A OG1 1 
ATOM   120  C  CG2 . THR A 1 16  ? 6.774   9.721   2.946   1.00 33.65 ? 98  THR A CG2 1 
ATOM   121  N  N   . TYR A 1 17  ? 3.760   8.624   4.183   1.00 27.46 ? 99  TYR A N   1 
ATOM   122  C  CA  . TYR A 1 17  ? 2.887   7.449   3.812   1.00 22.95 ? 99  TYR A CA  1 
ATOM   123  C  C   . TYR A 1 17  ? 3.126   6.772   2.450   1.00 23.03 ? 99  TYR A C   1 
ATOM   124  O  O   . TYR A 1 17  ? 2.461   5.778   2.147   1.00 21.99 ? 99  TYR A O   1 
ATOM   125  C  CB  . TYR A 1 17  ? 1.339   7.732   3.902   1.00 22.54 ? 99  TYR A CB  1 
ATOM   126  C  CG  . TYR A 1 17  ? 0.961   8.241   5.265   1.00 22.56 ? 99  TYR A CG  1 
ATOM   127  C  CD1 . TYR A 1 17  ? 0.370   7.402   6.201   1.00 23.10 ? 99  TYR A CD1 1 
ATOM   128  C  CD2 . TYR A 1 17  ? 1.213   9.578   5.613   1.00 26.87 ? 99  TYR A CD2 1 
ATOM   129  C  CE1 . TYR A 1 17  ? 0.044   7.853   7.487   1.00 26.29 ? 99  TYR A CE1 1 
ATOM   130  C  CE2 . TYR A 1 17  ? 0.859   10.035  6.881   1.00 25.88 ? 99  TYR A CE2 1 
ATOM   131  C  CZ  . TYR A 1 17  ? 0.307   9.171   7.786   1.00 26.14 ? 99  TYR A CZ  1 
ATOM   132  O  OH  . TYR A 1 17  ? 0.069   9.570   9.091   1.00 29.42 ? 99  TYR A OH  1 
ATOM   133  N  N   . VAL A 1 18  ? 4.073   7.263   1.656   1.00 23.99 ? 100 VAL A N   1 
ATOM   134  C  CA  . VAL A 1 18  ? 4.281   6.610   0.348   1.00 23.44 ? 100 VAL A CA  1 
ATOM   135  C  C   . VAL A 1 18  ? 5.785   6.549   0.069   1.00 23.62 ? 100 VAL A C   1 
ATOM   136  O  O   . VAL A 1 18  ? 6.532   7.504   0.344   1.00 28.12 ? 100 VAL A O   1 
ATOM   137  C  CB  . VAL A 1 18  ? 3.627   7.453   -0.718  1.00 28.08 ? 100 VAL A CB  1 
ATOM   138  C  CG1 . VAL A 1 18  ? 3.871   6.830   -2.047  1.00 28.79 ? 100 VAL A CG1 1 
ATOM   139  C  CG2 . VAL A 1 18  ? 2.162   7.516   -0.484  1.00 30.85 ? 100 VAL A CG2 1 
ATOM   140  N  N   . VAL A 1 19  ? 6.257   5.404   -0.411  1.00 20.88 ? 101 VAL A N   1 
ATOM   141  C  CA  . VAL A 1 19  ? 7.631   5.252   -0.854  1.00 20.84 ? 101 VAL A CA  1 
ATOM   142  C  C   . VAL A 1 19  ? 7.477   5.013   -2.333  1.00 22.29 ? 101 VAL A C   1 
ATOM   143  O  O   . VAL A 1 19  ? 7.245   3.905   -2.763  1.00 21.23 ? 101 VAL A O   1 
ATOM   144  C  CB  . VAL A 1 19  ? 8.364   4.069   -0.229  1.00 21.91 ? 101 VAL A CB  1 
ATOM   145  C  CG1 . VAL A 1 19  ? 9.787   3.970   -0.751  1.00 23.47 ? 101 VAL A CG1 1 
ATOM   146  C  CG2 . VAL A 1 19  ? 8.318   4.246   1.298   1.00 24.66 ? 101 VAL A CG2 1 
ATOM   147  N  N   . ASP A 1 20  ? 7.578   6.081   -3.118  1.00 22.43 ? 102 ASP A N   1 
ATOM   148  C  CA  . ASP A 1 20  ? 7.428   5.925   -4.572  1.00 22.37 ? 102 ASP A CA  1 
ATOM   149  C  C   . ASP A 1 20  ? 8.738   5.683   -5.261  1.00 25.22 ? 102 ASP A C   1 
ATOM   150  O  O   . ASP A 1 20  ? 9.266   6.574   -5.947  1.00 25.70 ? 102 ASP A O   1 
ATOM   151  C  CB  . ASP A 1 20  ? 6.733   7.194   -5.083  1.00 24.23 ? 102 ASP A CB  1 
ATOM   152  C  CG  . ASP A 1 20  ? 6.454   7.186   -6.611  1.00 25.92 ? 102 ASP A CG  1 
ATOM   153  O  OD1 . ASP A 1 20  ? 6.246   6.131   -7.253  1.00 25.60 ? 102 ASP A OD1 1 
ATOM   154  O  OD2 . ASP A 1 20  ? 6.399   8.352   -7.110  1.00 26.76 ? 102 ASP A OD2 1 
ATOM   155  N  N   . ASP A 1 21  ? 9.266   4.484   -5.098  1.00 22.64 ? 103 ASP A N   1 
ATOM   156  C  CA  . ASP A 1 21  ? 10.591  4.173   -5.650  1.00 25.33 ? 103 ASP A CA  1 
ATOM   157  C  C   . ASP A 1 21  ? 10.544  4.089   -7.167  1.00 26.46 ? 103 ASP A C   1 
ATOM   158  O  O   . ASP A 1 21  ? 11.560  4.399   -7.841  1.00 28.33 ? 103 ASP A O   1 
ATOM   159  C  CB  . ASP A 1 21  ? 11.075  2.864   -5.039  1.00 26.06 ? 103 ASP A CB  1 
ATOM   160  C  CG  . ASP A 1 21  ? 12.488  2.553   -5.431  1.00 29.54 ? 103 ASP A CG  1 
ATOM   161  O  OD1 . ASP A 1 21  ? 13.396  3.052   -4.745  1.00 31.85 ? 103 ASP A OD1 1 
ATOM   162  O  OD2 . ASP A 1 21  ? 12.700  1.874   -6.456  1.00 30.60 ? 103 ASP A OD2 1 
ATOM   163  N  N   . ALA A 1 22  ? 9.395   3.740   -7.719  1.00 26.19 ? 104 ALA A N   1 
ATOM   164  C  CA  . ALA A 1 22  ? 9.292   3.674   -9.189  1.00 26.58 ? 104 ALA A CA  1 
ATOM   165  C  C   . ALA A 1 22  ? 9.143   5.068   -9.800  1.00 28.40 ? 104 ALA A C   1 
ATOM   166  O  O   . ALA A 1 22  ? 9.330   5.211   -11.010 1.00 29.77 ? 104 ALA A O   1 
ATOM   167  C  CB  . ALA A 1 22  ? 8.130   2.833   -9.565  1.00 25.89 ? 104 ALA A CB  1 
ATOM   168  N  N   . GLY A 1 23  ? 8.838   6.094   -9.003  1.00 27.91 ? 105 GLY A N   1 
ATOM   169  C  CA  . GLY A 1 23  ? 8.705   7.446   -9.587  1.00 29.26 ? 105 GLY A CA  1 
ATOM   170  C  C   . GLY A 1 23  ? 7.518   7.621   -10.495 1.00 30.13 ? 105 GLY A C   1 
ATOM   171  O  O   . GLY A 1 23  ? 7.617   8.349   -11.518 1.00 31.43 ? 105 GLY A O   1 
ATOM   172  N  N   . VAL A 1 24  ? 6.403   6.961   -10.179 1.00 27.75 ? 106 VAL A N   1 
ATOM   173  C  CA  . VAL A 1 24  ? 5.179   6.984   -10.976 1.00 26.02 ? 106 VAL A CA  1 
ATOM   174  C  C   . VAL A 1 24  ? 4.033   7.834   -10.423 1.00 27.19 ? 106 VAL A C   1 
ATOM   175  O  O   . VAL A 1 24  ? 2.956   7.968   -11.050 1.00 28.73 ? 106 VAL A O   1 
ATOM   176  C  CB  . VAL A 1 24  ? 4.656   5.561   -11.276 1.00 27.18 ? 106 VAL A CB  1 
ATOM   177  C  CG1 . VAL A 1 24  ? 5.646   4.796   -12.172 1.00 25.70 ? 106 VAL A CG1 1 
ATOM   178  C  CG2 . VAL A 1 24  ? 4.446   4.779   -9.971  1.00 24.77 ? 106 VAL A CG2 1 
ATOM   179  N  N   . LEU A 1 25  ? 4.241   8.454   -9.268  1.00 25.23 ? 107 LEU A N   1 
ATOM   180  C  CA  . LEU A 1 25  ? 3.184   9.277   -8.646  1.00 25.31 ? 107 LEU A CA  1 
ATOM   181  C  C   . LEU A 1 25  ? 3.572   10.744  -8.617  1.00 26.24 ? 107 LEU A C   1 
ATOM   182  O  O   . LEU A 1 25  ? 4.703   11.078  -8.395  1.00 27.46 ? 107 LEU A O   1 
ATOM   183  C  CB  . LEU A 1 25  ? 2.975   8.864   -7.179  1.00 23.82 ? 107 LEU A CB  1 
ATOM   184  C  CG  . LEU A 1 25  ? 2.596   7.387   -7.059  1.00 22.01 ? 107 LEU A CG  1 
ATOM   185  C  CD1 . LEU A 1 25  ? 2.522   7.187   -5.445  1.00 22.96 ? 107 LEU A CD1 1 
ATOM   186  C  CD2 . LEU A 1 25  ? 1.297   7.007   -7.695  1.00 26.33 ? 107 LEU A CD2 1 
ATOM   187  N  N   . SER A 1 26  ? 2.604   11.614  -8.866  1.00 24.99 ? 108 SER A N   1 
ATOM   188  C  CA  . SER A 1 26  ? 2.898   13.054  -8.857  1.00 25.89 ? 108 SER A CA  1 
ATOM   189  C  C   . SER A 1 26  ? 2.972   13.684  -7.470  1.00 27.52 ? 108 SER A C   1 
ATOM   190  O  O   . SER A 1 26  ? 2.442   13.142  -6.464  1.00 26.02 ? 108 SER A O   1 
ATOM   191  C  CB  . SER A 1 26  ? 1.784   13.756  -9.586  1.00 25.81 ? 108 SER A CB  1 
ATOM   192  O  OG  . SER A 1 26  ? 0.537   13.709  -8.882  1.00 26.25 ? 108 SER A OG  1 
ATOM   193  N  N   . ARG A 1 27  ? 3.511   14.892  -7.421  1.00 27.92 ? 109 ARG A N   1 
ATOM   194  C  CA  . ARG A 1 27  ? 3.619   15.614  -6.154  1.00 29.62 ? 109 ARG A CA  1 
ATOM   195  C  C   . ARG A 1 27  ? 2.194   15.862  -5.577  1.00 29.45 ? 109 ARG A C   1 
ATOM   196  O  O   . ARG A 1 27  ? 1.972   15.755  -4.361  1.00 28.04 ? 109 ARG A O   1 
ATOM   197  C  CB  . ARG A 1 27  ? 4.320   16.961  -6.414  1.00 33.71 ? 109 ARG A CB  1 
ATOM   198  C  CG  . ARG A 1 27  ? 4.261   17.990  -5.250  1.00 41.05 ? 109 ARG A CG  1 
ATOM   199  C  CD  . ARG A 1 27  ? 4.936   19.393  -5.622  1.00 45.94 ? 109 ARG A CD  1 
ATOM   200  N  NE  . ARG A 1 27  ? 4.188   20.142  -6.644  1.00 50.31 ? 109 ARG A NE  1 
ATOM   201  C  CZ  . ARG A 1 27  ? 4.600   21.262  -7.259  1.00 52.86 ? 109 ARG A CZ  1 
ATOM   202  N  NH1 . ARG A 1 27  ? 5.787   21.809  -6.976  1.00 53.63 ? 109 ARG A NH1 1 
ATOM   203  N  NH2 . ARG A 1 27  ? 3.818   21.850  -8.173  1.00 53.94 ? 109 ARG A NH2 1 
ATOM   204  N  N   . VAL A 1 28  ? 1.254   16.244  -6.431  1.00 27.33 ? 110 VAL A N   1 
ATOM   205  C  CA  . VAL A 1 28  ? -0.099  16.477  -6.015  1.00 27.69 ? 110 VAL A CA  1 
ATOM   206  C  C   . VAL A 1 28  ? -0.728  15.219  -5.425  1.00 26.99 ? 110 VAL A C   1 
ATOM   207  O  O   . VAL A 1 28  ? -1.338  15.264  -4.363  1.00 25.73 ? 110 VAL A O   1 
ATOM   208  C  CB  . VAL A 1 28  ? -0.970  17.039  -7.221  1.00 29.51 ? 110 VAL A CB  1 
ATOM   209  C  CG1 . VAL A 1 28  ? -2.450  17.089  -6.837  1.00 32.71 ? 110 VAL A CG1 1 
ATOM   210  C  CG2 . VAL A 1 28  ? -0.480  18.435  -7.544  1.00 30.67 ? 110 VAL A CG2 1 
ATOM   211  N  N   . THR A 1 29  ? -0.569  14.103  -6.101  1.00 24.75 ? 111 THR A N   1 
ATOM   212  C  CA  . THR A 1 29  ? -1.195  12.882  -5.629  1.00 25.83 ? 111 THR A CA  1 
ATOM   213  C  C   . THR A 1 29  ? -0.534  12.391  -4.358  1.00 23.27 ? 111 THR A C   1 
ATOM   214  O  O   . THR A 1 29  ? -1.250  11.880  -3.472  1.00 25.02 ? 111 THR A O   1 
ATOM   215  C  CB  . THR A 1 29  ? -1.187  11.805  -6.724  1.00 27.57 ? 111 THR A CB  1 
ATOM   216  O  OG1 . THR A 1 29  ? -2.112  12.224  -7.743  1.00 27.80 ? 111 THR A OG1 1 
ATOM   217  C  CG2 . THR A 1 29  ? -1.668  10.421  -6.136  1.00 26.02 ? 111 THR A CG2 1 
ATOM   218  N  N   . LYS A 1 30  ? 0.770   12.571  -4.235  1.00 23.91 ? 112 LYS A N   1 
ATOM   219  C  CA  . LYS A 1 30  ? 1.418   12.159  -2.975  1.00 23.84 ? 112 LYS A CA  1 
ATOM   220  C  C   . LYS A 1 30  ? 0.912   13.067  -1.850  1.00 24.70 ? 112 LYS A C   1 
ATOM   221  O  O   . LYS A 1 30  ? 0.757   12.609  -0.674  1.00 22.17 ? 112 LYS A O   1 
ATOM   222  C  CB  . LYS A 1 30  ? 2.937   12.173  -3.068  1.00 26.20 ? 112 LYS A CB  1 
ATOM   223  C  CG  . LYS A 1 30  ? 3.383   11.021  -3.927  1.00 28.04 ? 112 LYS A CG  1 
ATOM   224  C  CD  . LYS A 1 30  ? 4.867   10.853  -4.072  1.00 33.82 ? 112 LYS A CD  1 
ATOM   225  C  CE  . LYS A 1 30  ? 5.351   11.718  -5.217  1.00 35.50 ? 112 LYS A CE  1 
ATOM   226  N  NZ  . LYS A 1 30  ? 6.848   11.481  -5.448  1.00 39.06 ? 112 LYS A NZ  1 
ATOM   227  N  N   . SER A 1 31  ? 0.641   14.332  -2.166  1.00 24.05 ? 113 SER A N   1 
ATOM   228  C  CA  . SER A 1 31  ? 0.116   15.238  -1.123  1.00 23.73 ? 113 SER A CA  1 
ATOM   229  C  C   . SER A 1 31  ? -1.311  14.810  -0.733  1.00 24.13 ? 113 SER A C   1 
ATOM   230  O  O   . SER A 1 31  ? -1.698  14.823  0.455   1.00 24.96 ? 113 SER A O   1 
ATOM   231  C  CB  . SER A 1 31  ? 0.058   16.688  -1.685  1.00 26.93 ? 113 SER A CB  1 
ATOM   232  O  OG  . SER A 1 31  ? -0.567  17.557  -0.746  1.00 32.73 ? 113 SER A OG  1 
ATOM   233  N  N   . ASP A 1 32  ? -2.130  14.459  -1.738  1.00 22.68 ? 114 ASP A N   1 
ATOM   234  C  CA  . ASP A 1 32  ? -3.470  14.034  -1.488  1.00 24.08 ? 114 ASP A CA  1 
ATOM   235  C  C   . ASP A 1 32  ? -3.443  12.727  -0.681  1.00 22.05 ? 114 ASP A C   1 
ATOM   236  O  O   . ASP A 1 32  ? -4.299  12.543  0.184   1.00 23.68 ? 114 ASP A O   1 
ATOM   237  C  CB  . ASP A 1 32  ? -4.211  13.794  -2.790  1.00 25.41 ? 114 ASP A CB  1 
ATOM   238  C  CG  . ASP A 1 32  ? -4.606  15.106  -3.487  1.00 28.70 ? 114 ASP A CG  1 
ATOM   239  O  OD1 . ASP A 1 32  ? -4.654  16.149  -2.810  1.00 31.25 ? 114 ASP A OD1 1 
ATOM   240  O  OD2 . ASP A 1 32  ? -4.913  15.120  -4.710  1.00 29.60 ? 114 ASP A OD2 1 
ATOM   241  N  N   . LEU A 1 33  ? -2.509  11.822  -1.002  1.00 21.28 ? 115 LEU A N   1 
ATOM   242  C  CA  . LEU A 1 33  ? -2.441  10.550  -0.231  1.00 20.64 ? 115 LEU A CA  1 
ATOM   243  C  C   . LEU A 1 33  ? -2.034  10.878  1.218   1.00 22.19 ? 115 LEU A C   1 
ATOM   244  O  O   . LEU A 1 33  ? -2.600  10.278  2.165   1.00 22.10 ? 115 LEU A O   1 
ATOM   245  C  CB  . LEU A 1 33  ? -1.426  9.608   -0.840  1.00 22.97 ? 115 LEU A CB  1 
ATOM   246  C  CG  . LEU A 1 33  ? -1.986  8.870   -2.063  1.00 26.64 ? 115 LEU A CG  1 
ATOM   247  C  CD1 . LEU A 1 33  ? -0.826  8.292   -2.925  1.00 28.89 ? 115 LEU A CD1 1 
ATOM   248  C  CD2 . LEU A 1 33  ? -2.886  7.688   -1.555  1.00 25.77 ? 115 LEU A CD2 1 
ATOM   249  N  N   . LYS A 1 34  ? -1.097  11.807  1.396   1.00 22.25 ? 116 LYS A N   1 
ATOM   250  C  CA  . LYS A 1 34  ? -0.706  12.177  2.772   1.00 23.56 ? 116 LYS A CA  1 
ATOM   251  C  C   . LYS A 1 34  ? -1.901  12.711  3.529   1.00 23.09 ? 116 LYS A C   1 
ATOM   252  O  O   . LYS A 1 34  ? -2.050  12.392  4.748   1.00 22.70 ? 116 LYS A O   1 
ATOM   253  C  CB  . LYS A 1 34  ? 0.416   13.235  2.764   1.00 24.27 ? 116 LYS A CB  1 
ATOM   254  C  CG  . LYS A 1 34  ? 0.827   13.606  4.215   1.00 27.02 ? 116 LYS A CG  1 
ATOM   255  C  CD  . LYS A 1 34  ? 2.079   14.372  4.167   1.00 32.28 ? 116 LYS A CD  1 
ATOM   256  C  CE  . LYS A 1 34  ? 2.443   14.712  5.591   1.00 35.93 ? 116 LYS A CE  1 
ATOM   257  N  NZ  . LYS A 1 34  ? 3.675   15.494  5.546   1.00 39.76 ? 116 LYS A NZ  1 
ATOM   258  N  N   . LYS A 1 35  ? -2.760  13.532  2.901   1.00 21.06 ? 117 LYS A N   1 
ATOM   259  C  CA  . LYS A 1 35  ? -3.946  14.094  3.550   1.00 21.97 ? 117 LYS A CA  1 
ATOM   260  C  C   . LYS A 1 35  ? -4.912  12.999  3.964   1.00 22.59 ? 117 LYS A C   1 
ATOM   261  O  O   . LYS A 1 35  ? -5.270  12.882  5.133   1.00 23.23 ? 117 LYS A O   1 
ATOM   262  C  CB  . LYS A 1 35  ? -4.638  15.113  2.627   1.00 24.74 ? 117 LYS A CB  1 
ATOM   263  C  CG  . LYS A 1 35  ? -3.869  16.375  2.529   1.00 31.82 ? 117 LYS A CG  1 
ATOM   264  C  CD  . LYS A 1 35  ? -4.576  17.372  1.600   1.00 36.48 ? 117 LYS A CD  1 
ATOM   265  C  CE  . LYS A 1 35  ? -3.834  18.704  1.581   1.00 39.72 ? 117 LYS A CE  1 
ATOM   266  N  NZ  . LYS A 1 35  ? -4.306  19.544  0.417   1.00 42.11 ? 117 LYS A NZ  1 
ATOM   267  N  N   . LEU A 1 36  ? -5.158  12.074  3.045   1.00 21.25 ? 118 LEU A N   1 
ATOM   268  C  CA  . LEU A 1 36  ? -6.090  10.984  3.277   1.00 21.35 ? 118 LEU A CA  1 
ATOM   269  C  C   . LEU A 1 36  ? -5.601  10.007  4.335   1.00 19.70 ? 118 LEU A C   1 
ATOM   270  O  O   . LEU A 1 36  ? -6.384  9.639   5.208   1.00 20.73 ? 118 LEU A O   1 
ATOM   271  C  CB  . LEU A 1 36  ? -6.337  10.214  1.958   1.00 21.94 ? 118 LEU A CB  1 
ATOM   272  C  CG  . LEU A 1 36  ? -7.271  9.038   2.087   1.00 21.72 ? 118 LEU A CG  1 
ATOM   273  C  CD1 . LEU A 1 36  ? -8.778  9.491   2.281   1.00 23.91 ? 118 LEU A CD1 1 
ATOM   274  C  CD2 . LEU A 1 36  ? -7.115  8.216   0.752   1.00 23.32 ? 118 LEU A CD2 1 
ATOM   275  N  N   . LEU A 1 37  ? -4.344  9.616   4.265   1.00 19.33 ? 119 LEU A N   1 
ATOM   276  C  CA  . LEU A 1 37  ? -3.833  8.558   5.161   1.00 17.95 ? 119 LEU A CA  1 
ATOM   277  C  C   . LEU A 1 37  ? -3.421  9.149   6.501   1.00 19.47 ? 119 LEU A C   1 
ATOM   278  O  O   . LEU A 1 37  ? -3.449  8.381   7.477   1.00 19.58 ? 119 LEU A O   1 
ATOM   279  C  CB  . LEU A 1 37  ? -2.678  7.815   4.465   1.00 20.84 ? 119 LEU A CB  1 
ATOM   280  C  CG  . LEU A 1 37  ? -3.157  7.182   3.189   1.00 22.57 ? 119 LEU A CG  1 
ATOM   281  C  CD1 . LEU A 1 37  ? -1.869  6.558   2.529   1.00 23.11 ? 119 LEU A CD1 1 
ATOM   282  C  CD2 . LEU A 1 37  ? -4.245  6.108   3.472   1.00 23.30 ? 119 LEU A CD2 1 
ATOM   283  N  N   . SER A 1 38  ? -3.025  10.443  6.542   1.00 19.08 ? 120 SER A N   1 
ATOM   284  C  CA  . SER A 1 38  ? -2.713  10.989  7.910   1.00 19.29 ? 120 SER A CA  1 
ATOM   285  C  C   . SER A 1 38  ? -4.066  11.161  8.602   1.00 20.46 ? 120 SER A C   1 
ATOM   286  O  O   . SER A 1 38  ? -4.161  11.014  9.878   1.00 21.34 ? 120 SER A O   1 
ATOM   287  C  CB  . SER A 1 38  ? -1.949  12.339  7.774   1.00 20.87 ? 120 SER A CB  1 
ATOM   288  O  OG  . SER A 1 38  ? -2.766  13.317  7.174   1.00 23.56 ? 120 SER A OG  1 
ATOM   289  N  N   . ASP A 1 39  ? -5.136  11.443  7.883   1.00 19.68 ? 121 ASP A N   1 
ATOM   290  C  CA  . ASP A 1 39  ? -6.429  11.526  8.502   1.00 21.60 ? 121 ASP A CA  1 
ATOM   291  C  C   . ASP A 1 39  ? -6.882  10.159  8.980   1.00 22.01 ? 121 ASP A C   1 
ATOM   292  O  O   . ASP A 1 39  ? -7.432  10.006  10.111  1.00 22.05 ? 121 ASP A O   1 
ATOM   293  C  CB  . ASP A 1 39  ? -7.463  12.122  7.532   1.00 22.70 ? 121 ASP A CB  1 
ATOM   294  C  CG  . ASP A 1 39  ? -8.830  12.206  8.146   1.00 26.97 ? 121 ASP A CG  1 
ATOM   295  O  OD1 . ASP A 1 39  ? -9.000  12.945  9.150   1.00 27.06 ? 121 ASP A OD1 1 
ATOM   296  O  OD2 . ASP A 1 39  ? -9.741  11.552  7.652   1.00 26.93 ? 121 ASP A OD2 1 
ATOM   297  N  N   . LEU A 1 40  ? -6.604  9.103   8.194   1.00 20.12 ? 122 LEU A N   1 
ATOM   298  C  CA  . LEU A 1 40  ? -6.999  7.750   8.669   1.00 21.05 ? 122 LEU A CA  1 
ATOM   299  C  C   . LEU A 1 40  ? -6.209  7.417   9.945   1.00 20.51 ? 122 LEU A C   1 
ATOM   300  O  O   . LEU A 1 40  ? -6.803  6.844   10.888  1.00 21.28 ? 122 LEU A O   1 
ATOM   301  C  CB  . LEU A 1 40  ? -6.676  6.698   7.529   1.00 20.09 ? 122 LEU A CB  1 
ATOM   302  C  CG  . LEU A 1 40  ? -6.709  5.255   7.948   1.00 22.32 ? 122 LEU A CG  1 
ATOM   303  C  CD1 . LEU A 1 40  ? -8.161  4.850   8.209   1.00 26.13 ? 122 LEU A CD1 1 
ATOM   304  C  CD2 . LEU A 1 40  ? -6.095  4.357   6.844   1.00 23.32 ? 122 LEU A CD2 1 
ATOM   305  N  N   . GLU A 1 41  ? -4.942  7.770   10.014  1.00 19.38 ? 123 GLU A N   1 
ATOM   306  C  CA  . GLU A 1 41  ? -4.121  7.408   11.180  1.00 18.97 ? 123 GLU A CA  1 
ATOM   307  C  C   . GLU A 1 41  ? -4.622  8.195   12.379  1.00 20.30 ? 123 GLU A C   1 
ATOM   308  O  O   . GLU A 1 41  ? -4.705  7.674   13.479  1.00 20.74 ? 123 GLU A O   1 
ATOM   309  C  CB  . GLU A 1 41  ? -2.652  7.708   10.925  1.00 20.59 ? 123 GLU A CB  1 
ATOM   310  C  CG  . GLU A 1 41  ? -1.833  7.133   12.079  1.00 23.62 ? 123 GLU A CG  1 
ATOM   311  C  CD  . GLU A 1 41  ? -0.326  7.118   11.846  1.00 28.09 ? 123 GLU A CD  1 
ATOM   312  O  OE1 . GLU A 1 41  ? 0.161   7.722   10.896  1.00 32.40 ? 123 GLU A OE1 1 
ATOM   313  O  OE2 . GLU A 1 41  ? 0.409   6.475   12.601  1.00 34.05 ? 123 GLU A OE2 1 
ATOM   314  N  N   . TYR A 1 42  ? -5.022  9.434   12.135  1.00 20.94 ? 124 TYR A N   1 
ATOM   315  C  CA  . TYR A 1 42  ? -5.507  10.263  13.286  1.00 19.99 ? 124 TYR A CA  1 
ATOM   316  C  C   . TYR A 1 42  ? -6.784  9.734   13.860  1.00 22.24 ? 124 TYR A C   1 
ATOM   317  O  O   . TYR A 1 42  ? -6.962  9.639   15.120  1.00 23.86 ? 124 TYR A O   1 
ATOM   318  C  CB  . TYR A 1 42  ? -5.700  11.705  12.716  1.00 20.35 ? 124 TYR A CB  1 
ATOM   319  C  CG  . TYR A 1 42  ? -6.458  12.636  13.718  1.00 17.81 ? 124 TYR A CG  1 
ATOM   320  C  CD1 . TYR A 1 42  ? -5.687  13.408  14.569  1.00 18.84 ? 124 TYR A CD1 1 
ATOM   321  C  CD2 . TYR A 1 42  ? -7.802  12.662  13.761  1.00 19.96 ? 124 TYR A CD2 1 
ATOM   322  C  CE1 . TYR A 1 42  ? -6.356  14.247  15.501  1.00 17.91 ? 124 TYR A CE1 1 
ATOM   323  C  CE2 . TYR A 1 42  ? -8.494  13.487  14.681  1.00 19.92 ? 124 TYR A CE2 1 
ATOM   324  C  CZ  . TYR A 1 42  ? -7.712  14.256  15.508  1.00 18.97 ? 124 TYR A CZ  1 
ATOM   325  O  OH  . TYR A 1 42  ? -8.372  15.112  16.461  1.00 19.49 ? 124 TYR A OH  1 
ATOM   326  N  N   . ARG A 1 43  ? -7.694  9.359   12.988  1.00 22.03 ? 125 ARG A N   1 
ATOM   327  C  CA  . ARG A 1 43  ? -9.019  8.909   13.385  1.00 22.83 ? 125 ARG A CA  1 
ATOM   328  C  C   . ARG A 1 43  ? -9.077  7.497   13.897  1.00 23.20 ? 125 ARG A C   1 
ATOM   329  O  O   . ARG A 1 43  ? -9.740  7.230   14.906  1.00 23.91 ? 125 ARG A O   1 
ATOM   330  C  CB  . ARG A 1 43  ? -10.035 9.028   12.221  1.00 24.59 ? 125 ARG A CB  1 
ATOM   331  C  CG  . ARG A 1 43  ? -10.292 10.458  11.739  1.00 23.33 ? 125 ARG A CG  1 
ATOM   332  C  CD  . ARG A 1 43  ? -11.413 10.484  10.695  1.00 25.14 ? 125 ARG A CD  1 
ATOM   333  N  NE  . ARG A 1 43  ? -10.988 9.774   9.446   1.00 24.62 ? 125 ARG A NE  1 
ATOM   334  C  CZ  . ARG A 1 43  ? -11.328 8.528   9.146   1.00 25.22 ? 125 ARG A CZ  1 
ATOM   335  N  NH1 . ARG A 1 43  ? -12.104 7.787   9.949   1.00 26.68 ? 125 ARG A NH1 1 
ATOM   336  N  NH2 . ARG A 1 43  ? -10.858 7.985   8.007   1.00 25.47 ? 125 ARG A NH2 1 
ATOM   337  N  N   . LYS A 1 44  ? -8.394  6.584   13.196  1.00 22.40 ? 126 LYS A N   1 
ATOM   338  C  CA  . LYS A 1 44  ? -8.522  5.159   13.505  1.00 23.67 ? 126 LYS A CA  1 
ATOM   339  C  C   . LYS A 1 44  ? -7.286  4.475   14.039  1.00 21.99 ? 126 LYS A C   1 
ATOM   340  O  O   . LYS A 1 44  ? -7.328  3.260   14.329  1.00 24.41 ? 126 LYS A O   1 
ATOM   341  C  CB  . LYS A 1 44  ? -8.990  4.448   12.212  1.00 25.60 ? 126 LYS A CB  1 
ATOM   342  C  CG  . LYS A 1 44  ? -10.201 5.009   11.503  1.00 29.32 ? 126 LYS A CG  1 
ATOM   343  C  CD  . LYS A 1 44  ? -11.469 4.884   12.382  1.00 34.52 ? 126 LYS A CD  1 
ATOM   344  C  CE  . LYS A 1 44  ? -12.028 3.492   12.348  1.00 34.82 ? 126 LYS A CE  1 
ATOM   345  N  NZ  . LYS A 1 44  ? -13.437 3.599   12.967  1.00 39.48 ? 126 LYS A NZ  1 
ATOM   346  N  N   . LYS A 1 45  ? -6.198  5.207   14.159  1.00 20.54 ? 127 LYS A N   1 
ATOM   347  C  CA  . LYS A 1 45  ? -4.924  4.733   14.651  1.00 19.51 ? 127 LYS A CA  1 
ATOM   348  C  C   . LYS A 1 45  ? -4.438  3.516   13.806  1.00 21.85 ? 127 LYS A C   1 
ATOM   349  O  O   . LYS A 1 45  ? -3.846  2.601   14.351  1.00 23.44 ? 127 LYS A O   1 
ATOM   350  C  CB  . LYS A 1 45  ? -5.020  4.381   16.172  1.00 22.40 ? 127 LYS A CB  1 
ATOM   351  C  CG  . LYS A 1 45  ? -5.415  5.684   16.973  1.00 25.37 ? 127 LYS A CG  1 
ATOM   352  C  CD  . LYS A 1 45  ? -5.718  5.330   18.439  1.00 27.55 ? 127 LYS A CD  1 
ATOM   353  C  CE  . LYS A 1 45  ? -5.696  6.609   19.316  1.00 29.55 ? 127 LYS A CE  1 
ATOM   354  N  NZ  . LYS A 1 45  ? -6.581  7.721   18.821  1.00 29.62 ? 127 LYS A NZ  1 
ATOM   355  N  N   . LEU A 1 46  ? -4.671  3.583   12.495  1.00 19.37 ? 128 LEU A N   1 
ATOM   356  C  CA  . LEU A 1 46  ? -4.177  2.561   11.568  1.00 19.80 ? 128 LEU A CA  1 
ATOM   357  C  C   . LEU A 1 46  ? -3.266  3.366   10.600  1.00 20.72 ? 128 LEU A C   1 
ATOM   358  O  O   . LEU A 1 46  ? -3.679  4.410   10.087  1.00 21.61 ? 128 LEU A O   1 
ATOM   359  C  CB  . LEU A 1 46  ? -5.281  1.922   10.757  1.00 20.95 ? 128 LEU A CB  1 
ATOM   360  C  CG  . LEU A 1 46  ? -6.170  1.088   11.664  1.00 21.52 ? 128 LEU A CG  1 
ATOM   361  C  CD1 . LEU A 1 46  ? -7.380  0.713   10.909  1.00 24.56 ? 128 LEU A CD1 1 
ATOM   362  C  CD2 . LEU A 1 46  ? -5.424  -0.185  12.157  1.00 22.72 ? 128 LEU A CD2 1 
ATOM   363  N  N   . ARG A 1 47  ? -2.063  2.860   10.380  1.00 19.65 ? 129 ARG A N   1 
ATOM   364  C  CA  . ARG A 1 47  ? -1.118  3.533   9.460   1.00 19.77 ? 129 ARG A CA  1 
ATOM   365  C  C   . ARG A 1 47  ? -0.978  2.702   8.198   1.00 20.77 ? 129 ARG A C   1 
ATOM   366  O  O   . ARG A 1 47  ? -0.517  1.594   8.286   1.00 21.45 ? 129 ARG A O   1 
ATOM   367  C  CB  . ARG A 1 47  ? 0.228   3.687   10.174  1.00 21.68 ? 129 ARG A CB  1 
ATOM   368  C  CG  . ARG A 1 47  ? 1.251   4.464   9.306   1.00 28.25 ? 129 ARG A CG  1 
ATOM   369  C  CD  . ARG A 1 47  ? 2.311   5.130   10.141  1.00 34.64 ? 129 ARG A CD  1 
ATOM   370  N  NE  . ARG A 1 47  ? 3.059   5.624   9.047   1.00 37.62 ? 129 ARG A NE  1 
ATOM   371  C  CZ  . ARG A 1 47  ? 3.311   6.848   8.718   1.00 37.93 ? 129 ARG A CZ  1 
ATOM   372  N  NH1 . ARG A 1 47  ? 2.932   7.902   9.433   1.00 38.60 ? 129 ARG A NH1 1 
ATOM   373  N  NH2 . ARG A 1 47  ? 3.827   6.975   7.529   1.00 36.25 ? 129 ARG A NH2 1 
ATOM   374  N  N   . LEU A 1 48  ? -1.412  3.242   7.061   1.00 18.42 ? 130 LEU A N   1 
ATOM   375  C  CA  . LEU A 1 48  ? -1.369  2.501   5.759   1.00 17.98 ? 130 LEU A CA  1 
ATOM   376  C  C   . LEU A 1 48  ? -0.294  3.175   4.917   1.00 18.76 ? 130 LEU A C   1 
ATOM   377  O  O   . LEU A 1 48  ? -0.365  4.397   4.727   1.00 20.24 ? 130 LEU A O   1 
ATOM   378  C  CB  . LEU A 1 48  ? -2.706  2.663   5.099   1.00 20.31 ? 130 LEU A CB  1 
ATOM   379  C  CG  . LEU A 1 48  ? -2.925  2.106   3.741   1.00 23.88 ? 130 LEU A CG  1 
ATOM   380  C  CD1 . LEU A 1 48  ? -2.383  0.630   3.734   1.00 22.92 ? 130 LEU A CD1 1 
ATOM   381  C  CD2 . LEU A 1 48  ? -4.437  2.236   3.449   1.00 23.47 ? 130 LEU A CD2 1 
ATOM   382  N  N   . ASN A 1 49  ? 0.706   2.403   4.485   1.00 17.12 ? 131 ASN A N   1 
ATOM   383  C  CA  . ASN A 1 49  ? 1.818   2.891   3.666   1.00 17.53 ? 131 ASN A CA  1 
ATOM   384  C  C   . ASN A 1 49  ? 1.698   2.259   2.278   1.00 17.93 ? 131 ASN A C   1 
ATOM   385  O  O   . ASN A 1 49  ? 1.317   1.118   2.133   1.00 18.86 ? 131 ASN A O   1 
ATOM   386  C  CB  . ASN A 1 49  ? 3.149   2.332   4.171   1.00 21.15 ? 131 ASN A CB  1 
ATOM   387  C  CG  . ASN A 1 49  ? 3.431   2.692   5.604   1.00 28.70 ? 131 ASN A CG  1 
ATOM   388  O  OD1 . ASN A 1 49  ? 3.754   3.791   5.862   1.00 28.10 ? 131 ASN A OD1 1 
ATOM   389  N  ND2 . ASN A 1 49  ? 3.279   1.723   6.533   1.00 31.19 ? 131 ASN A ND2 1 
ATOM   390  N  N   . PHE A 1 50  ? 2.068   3.018   1.261   1.00 17.65 ? 132 PHE A N   1 
ATOM   391  C  CA  . PHE A 1 50  ? 2.058   2.486   -0.117  1.00 17.76 ? 132 PHE A CA  1 
ATOM   392  C  C   . PHE A 1 50  ? 3.475   2.487   -0.615  1.00 17.65 ? 132 PHE A C   1 
ATOM   393  O  O   . PHE A 1 50  ? 4.220   3.452   -0.303  1.00 20.18 ? 132 PHE A O   1 
ATOM   394  C  CB  . PHE A 1 50  ? 1.208   3.413   -1.013  1.00 18.05 ? 132 PHE A CB  1 
ATOM   395  C  CG  . PHE A 1 50  ? -0.250  3.163   -0.939  1.00 19.42 ? 132 PHE A CG  1 
ATOM   396  C  CD1 . PHE A 1 50  ? -0.890  2.408   -1.949  1.00 19.80 ? 132 PHE A CD1 1 
ATOM   397  C  CD2 . PHE A 1 50  ? -0.995  3.640   0.147   1.00 20.68 ? 132 PHE A CD2 1 
ATOM   398  C  CE1 . PHE A 1 50  ? -2.271  2.116   -1.847  1.00 21.55 ? 132 PHE A CE1 1 
ATOM   399  C  CE2 . PHE A 1 50  ? -2.385  3.343   0.235   1.00 22.12 ? 132 PHE A CE2 1 
ATOM   400  C  CZ  . PHE A 1 50  ? -2.993  2.570   -0.778  1.00 21.30 ? 132 PHE A CZ  1 
ATOM   401  N  N   . ILE A 1 51  ? 3.873   1.459   -1.388  1.00 16.29 ? 133 ILE A N   1 
ATOM   402  C  CA  . ILE A 1 51  ? 5.255   1.402   -1.947  1.00 17.65 ? 133 ILE A CA  1 
ATOM   403  C  C   . ILE A 1 51  ? 5.074   1.115   -3.426  1.00 17.72 ? 133 ILE A C   1 
ATOM   404  O  O   . ILE A 1 51  ? 4.343   0.209   -3.776  1.00 19.26 ? 133 ILE A O   1 
ATOM   405  C  CB  . ILE A 1 51  ? 5.993   0.177   -1.382  1.00 18.34 ? 133 ILE A CB  1 
ATOM   406  C  CG1 . ILE A 1 51  ? 6.229   0.420   0.106   1.00 20.66 ? 133 ILE A CG1 1 
ATOM   407  C  CG2 . ILE A 1 51  ? 7.352   -0.016  -2.103  1.00 20.38 ? 133 ILE A CG2 1 
ATOM   408  C  CD1 . ILE A 1 51  ? 6.718   -0.841  0.849   1.00 20.27 ? 133 ILE A CD1 1 
ATOM   409  N  N   . THR A 1 52  ? 5.785   1.882   -4.238  1.00 18.23 ? 134 THR A N   1 
ATOM   410  C  CA  . THR A 1 52  ? 5.810   1.525   -5.677  1.00 19.62 ? 134 THR A CA  1 
ATOM   411  C  C   . THR A 1 52  ? 7.242   1.050   -5.984  1.00 19.27 ? 134 THR A C   1 
ATOM   412  O  O   . THR A 1 52  ? 8.219   1.574   -5.419  1.00 20.96 ? 134 THR A O   1 
ATOM   413  C  CB  . THR A 1 52  ? 5.501   2.690   -6.656  1.00 20.95 ? 134 THR A CB  1 
ATOM   414  O  OG1 . THR A 1 52  ? 6.490   3.704   -6.562  1.00 23.60 ? 134 THR A OG1 1 
ATOM   415  C  CG2 . THR A 1 52  ? 4.154   3.210   -6.383  1.00 20.99 ? 134 THR A CG2 1 
ATOM   416  N  N   . VAL A 1 53  ? 7.398   0.030   -6.847  1.00 20.51 ? 135 VAL A N   1 
ATOM   417  C  CA  . VAL A 1 53  ? 8.751   -0.414  -7.186  1.00 22.67 ? 135 VAL A CA  1 
ATOM   418  C  C   . VAL A 1 53  ? 8.606   -0.907  -8.648  1.00 23.09 ? 135 VAL A C   1 
ATOM   419  O  O   . VAL A 1 53  ? 7.593   -1.492  -9.003  1.00 23.24 ? 135 VAL A O   1 
ATOM   420  C  CB  . VAL A 1 53  ? 9.235   -1.502  -6.167  1.00 23.85 ? 135 VAL A CB  1 
ATOM   421  C  CG1 . VAL A 1 53  ? 8.252   -2.671  -6.105  1.00 24.58 ? 135 VAL A CG1 1 
ATOM   422  C  CG2 . VAL A 1 53  ? 10.652  -1.889  -6.493  1.00 26.17 ? 135 VAL A CG2 1 
ATOM   423  N  N   . ARG A 1 54  ? 9.625   -0.631  -9.491  1.00 25.36 ? 136 ARG A N   1 
ATOM   424  C  CA  . ARG A 1 54  ? 9.469   -1.025  -10.899 1.00 27.87 ? 136 ARG A CA  1 
ATOM   425  C  C   . ARG A 1 54  ? 9.491   -2.535  -11.116 1.00 29.02 ? 136 ARG A C   1 
ATOM   426  O  O   . ARG A 1 54  ? 8.646   -3.065  -11.807 1.00 29.05 ? 136 ARG A O   1 
ATOM   427  C  CB  . ARG A 1 54  ? 10.559  -0.348  -11.772 1.00 28.86 ? 136 ARG A CB  1 
ATOM   428  C  CG  . ARG A 1 54  ? 10.333  -0.670  -13.245 1.00 34.22 ? 136 ARG A CG  1 
ATOM   429  C  CD  . ARG A 1 54  ? 11.266  0.165   -14.069 1.00 36.66 ? 136 ARG A CD  1 
ATOM   430  N  NE  . ARG A 1 54  ? 12.505  -0.581  -14.064 1.00 43.57 ? 136 ARG A NE  1 
ATOM   431  C  CZ  . ARG A 1 54  ? 12.752  -1.617  -14.875 1.00 44.42 ? 136 ARG A CZ  1 
ATOM   432  N  NH1 . ARG A 1 54  ? 11.846  -2.003  -15.793 1.00 44.13 ? 136 ARG A NH1 1 
ATOM   433  N  NH2 . ARG A 1 54  ? 13.859  -2.333  -14.693 1.00 44.80 ? 136 ARG A NH2 1 
ATOM   434  N  N   . LYS A 1 55  ? 10.430  -3.237  -10.498 1.00 32.22 ? 137 LYS A N   1 
ATOM   435  C  CA  . LYS A 1 55  ? 10.446  -4.690  -10.667 1.00 34.88 ? 137 LYS A CA  1 
ATOM   436  C  C   . LYS A 1 55  ? 11.192  -5.347  -9.498  1.00 36.42 ? 137 LYS A C   1 
ATOM   437  O  O   . LYS A 1 55  ? 12.027  -4.730  -8.892  1.00 36.01 ? 137 LYS A O   1 
ATOM   438  C  CB  . LYS A 1 55  ? 11.091  -5.061  -12.039 1.00 37.83 ? 137 LYS A CB  1 
ATOM   439  C  CG  . LYS A 1 55  ? 12.536  -4.992  -12.099 1.00 40.73 ? 137 LYS A CG  1 
ATOM   440  C  CD  . LYS A 1 55  ? 13.028  -5.044  -13.577 1.00 42.75 ? 137 LYS A CD  1 
ATOM   441  C  CE  . LYS A 1 55  ? 12.809  -6.382  -14.291 1.00 44.93 ? 137 LYS A CE  1 
ATOM   442  N  NZ  . LYS A 1 55  ? 13.364  -6.282  -15.743 1.00 45.71 ? 137 LYS A NZ  1 
ATOM   443  N  N   . LEU A 1 56  ? 10.849  -6.584  -9.175  1.00 37.76 ? 138 LEU A N   1 
ATOM   444  C  CA  . LEU A 1 56  ? 11.533  -7.309  -8.092  1.00 40.93 ? 138 LEU A CA  1 
ATOM   445  C  C   . LEU A 1 56  ? 12.567  -8.205  -8.752  1.00 44.97 ? 138 LEU A C   1 
ATOM   446  O  O   . LEU A 1 56  ? 12.245  -8.923  -9.715  1.00 46.22 ? 138 LEU A O   1 
ATOM   447  C  CB  . LEU A 1 56  ? 10.559  -8.171  -7.308  1.00 39.15 ? 138 LEU A CB  1 
ATOM   448  C  CG  . LEU A 1 56  ? 9.539   -7.312  -6.561  1.00 39.15 ? 138 LEU A CG  1 
ATOM   449  C  CD1 . LEU A 1 56  ? 8.588   -8.211  -5.817  1.00 39.21 ? 138 LEU A CD1 1 
ATOM   450  C  CD2 . LEU A 1 56  ? 10.299  -6.365  -5.634  1.00 36.40 ? 138 LEU A CD2 1 
ATOM   451  N  N   . THR A 1 57  ? 13.804  -8.094  -8.276  1.00 48.33 ? 139 THR A N   1 
ATOM   452  C  CA  . THR A 1 57  ? 14.901  -8.863  -8.827  1.00 51.84 ? 139 THR A CA  1 
ATOM   453  C  C   . THR A 1 57  ? 15.053  -10.147 -8.035  1.00 52.95 ? 139 THR A C   1 
ATOM   454  O  O   . THR A 1 57  ? 15.468  -11.172 -8.586  1.00 54.53 ? 139 THR A O   1 
ATOM   455  C  CB  . THR A 1 57  ? 16.193  -8.033  -8.801  1.00 52.67 ? 139 THR A CB  1 
ATOM   456  O  OG1 . THR A 1 57  ? 17.048  -8.435  -9.893  1.00 55.27 ? 139 THR A OG1 1 
ATOM   457  C  CG2 . THR A 1 57  ? 16.898  -8.204  -7.469  1.00 53.65 ? 139 THR A CG2 1 
ATOM   458  N  N   . SER A 1 58  ? 14.787  -10.107 -6.732  1.00 53.56 ? 140 SER A N   1 
ATOM   459  C  CA  . SER A 1 58  ? 14.814  -11.354 -5.984  1.00 54.44 ? 140 SER A CA  1 
ATOM   460  C  C   . SER A 1 58  ? 13.634  -12.004 -6.732  1.00 55.05 ? 140 SER A C   1 
ATOM   461  O  O   . SER A 1 58  ? 12.814  -11.298 -7.326  1.00 55.57 ? 140 SER A O   1 
ATOM   462  C  CB  . SER A 1 58  ? 14.486  -11.119 -4.504  1.00 54.08 ? 140 SER A CB  1 
ATOM   463  O  OG  . SER A 1 58  ? 13.097  -10.898 -4.313  1.00 54.51 ? 140 SER A OG  1 
ATOM   464  N  N   . LYS A 1 59  ? 13.513  -13.320 -6.759  1.00 56.09 ? 141 LYS A N   1 
ATOM   465  C  CA  . LYS A 1 59  ? 12.394  -13.863 -7.534  1.00 56.15 ? 141 LYS A CA  1 
ATOM   466  C  C   . LYS A 1 59  ? 11.069  -13.846 -6.731  1.00 54.85 ? 141 LYS A C   1 
ATOM   467  O  O   . LYS A 1 59  ? 10.114  -14.567 -7.041  1.00 55.66 ? 141 LYS A O   1 
ATOM   468  C  CB  . LYS A 1 59  ? 12.764  -15.266 -8.032  1.00 57.54 ? 141 LYS A CB  1 
ATOM   469  C  CG  . LYS A 1 59  ? 14.118  -15.254 -8.820  1.00 58.94 ? 141 LYS A CG  1 
ATOM   470  C  CD  . LYS A 1 59  ? 14.151  -16.238 -9.997  1.00 60.29 ? 141 LYS A CD  1 
ATOM   471  C  CE  . LYS A 1 59  ? 14.359  -17.704 -9.546  1.00 60.63 ? 141 LYS A CE  1 
ATOM   472  N  NZ  . LYS A 1 59  ? 15.739  -17.946 -9.015  1.00 60.83 ? 141 LYS A NZ  1 
ATOM   473  N  N   . ALA A 1 60  ? 11.024  -12.976 -5.724  1.00 52.82 ? 142 ALA A N   1 
ATOM   474  C  CA  . ALA A 1 60  ? 9.859   -12.866 -4.844  1.00 49.72 ? 142 ALA A CA  1 
ATOM   475  C  C   . ALA A 1 60  ? 8.726   -12.184 -5.552  1.00 46.94 ? 142 ALA A C   1 
ATOM   476  O  O   . ALA A 1 60  ? 8.974   -11.294 -6.361  1.00 47.94 ? 142 ALA A O   1 
ATOM   477  C  CB  . ALA A 1 60  ? 10.229  -12.050 -3.575  1.00 51.29 ? 142 ALA A CB  1 
ATOM   478  N  N   . ASP A 1 61  ? 7.490   -12.609 -5.297  1.00 43.05 ? 143 ASP A N   1 
ATOM   479  C  CA  . ASP A 1 61  ? 6.376   -11.899 -5.881  1.00 38.72 ? 143 ASP A CA  1 
ATOM   480  C  C   . ASP A 1 61  ? 6.010   -10.778 -4.926  1.00 35.07 ? 143 ASP A C   1 
ATOM   481  O  O   . ASP A 1 61  ? 6.667   -10.589 -3.887  1.00 33.94 ? 143 ASP A O   1 
ATOM   482  C  CB  . ASP A 1 61  ? 5.160   -12.762 -6.173  1.00 38.56 ? 143 ASP A CB  1 
ATOM   483  C  CG  . ASP A 1 61  ? 4.613   -13.487 -4.964  1.00 40.61 ? 143 ASP A CG  1 
ATOM   484  O  OD1 . ASP A 1 61  ? 4.806   -13.090 -3.769  1.00 38.72 ? 143 ASP A OD1 1 
ATOM   485  O  OD2 . ASP A 1 61  ? 3.925   -14.486 -5.231  1.00 41.92 ? 143 ASP A OD2 1 
ATOM   486  N  N   . ALA A 1 62  ? 4.971   -10.053 -5.300  1.00 32.57 ? 144 ALA A N   1 
ATOM   487  C  CA  . ALA A 1 62  ? 4.588   -8.888  -4.549  1.00 30.06 ? 144 ALA A CA  1 
ATOM   488  C  C   . ALA A 1 62  ? 4.197   -9.155  -3.105  1.00 29.47 ? 144 ALA A C   1 
ATOM   489  O  O   . ALA A 1 62  ? 4.577   -8.398  -2.233  1.00 27.25 ? 144 ALA A O   1 
ATOM   490  C  CB  . ALA A 1 62  ? 3.487   -8.120  -5.292  1.00 30.21 ? 144 ALA A CB  1 
ATOM   491  N  N   . PHE A 1 63  ? 3.479   -10.227 -2.843  1.00 27.75 ? 145 PHE A N   1 
ATOM   492  C  CA  . PHE A 1 63  ? 3.098   -10.482 -1.456  1.00 27.32 ? 145 PHE A CA  1 
ATOM   493  C  C   . PHE A 1 63  ? 4.311   -10.852 -0.637  1.00 28.03 ? 145 PHE A C   1 
ATOM   494  O  O   . PHE A 1 63  ? 4.447   -10.406 0.526   1.00 25.38 ? 145 PHE A O   1 
ATOM   495  C  CB  . PHE A 1 63  ? 2.037   -11.615 -1.338  1.00 27.11 ? 145 PHE A CB  1 
ATOM   496  C  CG  . PHE A 1 63  ? 1.587   -11.847 0.095   1.00 28.97 ? 145 PHE A CG  1 
ATOM   497  C  CD1 . PHE A 1 63  ? 0.627   -11.024 0.668   1.00 31.17 ? 145 PHE A CD1 1 
ATOM   498  C  CD2 . PHE A 1 63  ? 2.193   -12.814 0.870   1.00 30.92 ? 145 PHE A CD2 1 
ATOM   499  C  CE1 . PHE A 1 63  ? 0.256   -11.147 2.008   1.00 31.87 ? 145 PHE A CE1 1 
ATOM   500  C  CE2 . PHE A 1 63  ? 1.833   -12.955 2.225   1.00 33.28 ? 145 PHE A CE2 1 
ATOM   501  C  CZ  . PHE A 1 63  ? 0.861   -12.112 2.777   1.00 33.59 ? 145 PHE A CZ  1 
ATOM   502  N  N   . GLU A 1 64  ? 5.222   -11.667 -1.181  1.00 27.62 ? 146 GLU A N   1 
ATOM   503  C  CA  . GLU A 1 64  ? 6.384   -12.037 -0.407  1.00 28.12 ? 146 GLU A CA  1 
ATOM   504  C  C   . GLU A 1 64  ? 7.189   -10.802 -0.048  1.00 26.15 ? 146 GLU A C   1 
ATOM   505  O  O   . GLU A 1 64  ? 7.666   -10.703 1.068   1.00 25.69 ? 146 GLU A O   1 
ATOM   506  C  CB  . GLU A 1 64  ? 7.321   -13.009 -1.152  1.00 32.79 ? 146 GLU A CB  1 
ATOM   507  C  CG  . GLU A 1 64  ? 6.694   -14.322 -1.450  1.00 40.81 ? 146 GLU A CG  1 
ATOM   508  C  CD  . GLU A 1 64  ? 7.703   -15.314 -2.084  1.00 44.35 ? 146 GLU A CD  1 
ATOM   509  O  OE1 . GLU A 1 64  ? 7.507   -16.547 -1.930  1.00 47.60 ? 146 GLU A OE1 1 
ATOM   510  O  OE2 . GLU A 1 64  ? 8.676   -14.858 -2.736  1.00 47.08 ? 146 GLU A OE2 1 
ATOM   511  N  N   . TYR A 1 65  ? 7.342   -9.871  -0.993  1.00 25.20 ? 147 TYR A N   1 
ATOM   512  C  CA  . TYR A 1 65  ? 8.127   -8.665  -0.681  1.00 23.34 ? 147 TYR A CA  1 
ATOM   513  C  C   . TYR A 1 65  ? 7.358   -7.806  0.339   1.00 22.98 ? 147 TYR A C   1 
ATOM   514  O  O   . TYR A 1 65  ? 7.985   -7.260  1.247   1.00 22.83 ? 147 TYR A O   1 
ATOM   515  C  CB  . TYR A 1 65  ? 8.382   -7.887  -1.984  1.00 24.43 ? 147 TYR A CB  1 
ATOM   516  C  CG  . TYR A 1 65  ? 9.286   -6.702  -1.755  1.00 22.49 ? 147 TYR A CG  1 
ATOM   517  C  CD1 . TYR A 1 65  ? 10.622  -6.907  -1.346  1.00 22.05 ? 147 TYR A CD1 1 
ATOM   518  C  CD2 . TYR A 1 65  ? 8.817   -5.378  -1.923  1.00 21.64 ? 147 TYR A CD2 1 
ATOM   519  C  CE1 . TYR A 1 65  ? 11.491  -5.836  -1.129  1.00 23.55 ? 147 TYR A CE1 1 
ATOM   520  C  CE2 . TYR A 1 65  ? 9.670   -4.276  -1.703  1.00 21.30 ? 147 TYR A CE2 1 
ATOM   521  C  CZ  . TYR A 1 65  ? 11.005  -4.518  -1.307  1.00 22.80 ? 147 TYR A CZ  1 
ATOM   522  O  OH  . TYR A 1 65  ? 11.788  -3.438  -1.034  1.00 23.46 ? 147 TYR A OH  1 
ATOM   523  N  N   . ALA A 1 66  ? 6.035   -7.679  0.177   1.00 20.77 ? 148 ALA A N   1 
ATOM   524  C  CA  . ALA A 1 66  ? 5.223   -6.869  1.119   1.00 21.26 ? 148 ALA A CA  1 
ATOM   525  C  C   . ALA A 1 66  ? 5.391   -7.435  2.522   1.00 20.88 ? 148 ALA A C   1 
ATOM   526  O  O   . ALA A 1 66  ? 5.503   -6.680  3.493   1.00 19.71 ? 148 ALA A O   1 
ATOM   527  C  CB  . ALA A 1 66  ? 3.747   -6.810  0.724   1.00 20.92 ? 148 ALA A CB  1 
ATOM   528  N  N   . ASP A 1 67  ? 5.382   -8.763  2.628   1.00 21.19 ? 149 ASP A N   1 
ATOM   529  C  CA  . ASP A 1 67  ? 5.532   -9.328  3.969   1.00 20.15 ? 149 ASP A CA  1 
ATOM   530  C  C   . ASP A 1 67  ? 6.920   -9.081  4.467   1.00 21.76 ? 149 ASP A C   1 
ATOM   531  O  O   . ASP A 1 67  ? 7.100   -8.895  5.705   1.00 22.00 ? 149 ASP A O   1 
ATOM   532  C  CB  . ASP A 1 67  ? 5.243   -10.863 3.867   1.00 24.29 ? 149 ASP A CB  1 
ATOM   533  C  CG  . ASP A 1 67  ? 5.676   -11.649 5.116   1.00 29.06 ? 149 ASP A CG  1 
ATOM   534  O  OD1 . ASP A 1 67  ? 4.846   -11.639 6.026   1.00 30.67 ? 149 ASP A OD1 1 
ATOM   535  O  OD2 . ASP A 1 67  ? 6.823   -12.228 5.211   1.00 32.24 ? 149 ASP A OD2 1 
ATOM   536  N  N   . GLN A 1 68  ? 7.919   -9.161  3.591   1.00 21.55 ? 150 GLN A N   1 
ATOM   537  C  CA  . GLN A 1 68  ? 9.278   -8.918  4.009   1.00 23.30 ? 150 GLN A CA  1 
ATOM   538  C  C   . GLN A 1 68  ? 9.409   -7.490  4.538   1.00 22.91 ? 150 GLN A C   1 
ATOM   539  O  O   . GLN A 1 68  ? 10.090  -7.196  5.557   1.00 24.49 ? 150 GLN A O   1 
ATOM   540  C  CB  . GLN A 1 68  ? 10.244  -9.091  2.828   1.00 28.17 ? 150 GLN A CB  1 
ATOM   541  C  CG  . GLN A 1 68  ? 11.667  -9.105  3.267   1.00 34.44 ? 150 GLN A CG  1 
ATOM   542  C  CD  . GLN A 1 68  ? 12.601  -9.317  2.078   1.00 37.93 ? 150 GLN A CD  1 
ATOM   543  O  OE1 . GLN A 1 68  ? 12.157  -9.737  1.004   1.00 40.63 ? 150 GLN A OE1 1 
ATOM   544  N  NE2 . GLN A 1 68  ? 13.886  -9.059  2.268   1.00 39.96 ? 150 GLN A NE2 1 
ATOM   545  N  N   . VAL A 1 69  ? 8.774   -6.576  3.831   1.00 21.25 ? 151 VAL A N   1 
ATOM   546  C  CA  . VAL A 1 69  ? 8.819   -5.191  4.259   1.00 20.71 ? 151 VAL A CA  1 
ATOM   547  C  C   . VAL A 1 69  ? 8.135   -5.000  5.618   1.00 20.26 ? 151 VAL A C   1 
ATOM   548  O  O   . VAL A 1 69  ? 8.641   -4.283  6.504   1.00 21.83 ? 151 VAL A O   1 
ATOM   549  C  CB  . VAL A 1 69  ? 8.126   -4.277  3.216   1.00 22.11 ? 151 VAL A CB  1 
ATOM   550  C  CG1 . VAL A 1 69  ? 8.020   -2.829  3.805   1.00 23.42 ? 151 VAL A CG1 1 
ATOM   551  C  CG2 . VAL A 1 69  ? 8.967   -4.253  1.889   1.00 22.08 ? 151 VAL A CG2 1 
ATOM   552  N  N   . LEU A 1 70  ? 6.950   -5.595  5.797   1.00 20.02 ? 152 LEU A N   1 
ATOM   553  C  CA  . LEU A 1 70  ? 6.220   -5.449  7.055   1.00 19.05 ? 152 LEU A CA  1 
ATOM   554  C  C   . LEU A 1 70  ? 7.121   -5.936  8.212   1.00 19.44 ? 152 LEU A C   1 
ATOM   555  O  O   . LEU A 1 70  ? 7.259   -5.235  9.222   1.00 21.27 ? 152 LEU A O   1 
ATOM   556  C  CB  . LEU A 1 70  ? 4.895   -6.271  6.957   1.00 19.34 ? 152 LEU A CB  1 
ATOM   557  C  CG  . LEU A 1 70  ? 4.123   -6.280  8.285   1.00 19.91 ? 152 LEU A CG  1 
ATOM   558  C  CD1 . LEU A 1 70  ? 3.405   -4.919  8.375   1.00 24.91 ? 152 LEU A CD1 1 
ATOM   559  C  CD2 . LEU A 1 70  ? 3.111   -7.457  8.296   1.00 20.95 ? 152 LEU A CD2 1 
ATOM   560  N  N   . GLU A 1 71  ? 7.728   -7.128  8.058   1.00 19.56 ? 153 GLU A N   1 
ATOM   561  C  CA  . GLU A 1 71  ? 8.560   -7.622  9.130   1.00 21.48 ? 153 GLU A CA  1 
ATOM   562  C  C   . GLU A 1 71  ? 9.818   -6.814  9.395   1.00 21.97 ? 153 GLU A C   1 
ATOM   563  O  O   . GLU A 1 71  ? 10.297  -6.772  10.549  1.00 25.06 ? 153 GLU A O   1 
ATOM   564  C  CB  . GLU A 1 71  ? 8.928   -9.088  8.819   1.00 22.78 ? 153 GLU A CB  1 
ATOM   565  C  CG  . GLU A 1 71  ? 7.713   -9.983  8.729   1.00 25.30 ? 153 GLU A CG  1 
ATOM   566  C  CD  . GLU A 1 71  ? 7.175   -10.437 10.096  1.00 25.44 ? 153 GLU A CD  1 
ATOM   567  O  OE1 . GLU A 1 71  ? 7.798   -10.096 11.130  1.00 25.38 ? 153 GLU A OE1 1 
ATOM   568  O  OE2 . GLU A 1 71  ? 6.157   -11.149 10.095  1.00 26.82 ? 153 GLU A OE2 1 
ATOM   569  N  N   . LYS A 1 72  ? 10.411  -6.225  8.338   1.00 21.92 ? 154 LYS A N   1 
ATOM   570  C  CA  . LYS A 1 72  ? 11.639  -5.408  8.526   1.00 22.40 ? 154 LYS A CA  1 
ATOM   571  C  C   . LYS A 1 72  ? 11.299  -4.040  9.124   1.00 23.12 ? 154 LYS A C   1 
ATOM   572  O  O   . LYS A 1 72  ? 11.976  -3.549  10.109  1.00 23.85 ? 154 LYS A O   1 
ATOM   573  C  CB  . LYS A 1 72  ? 12.306  -5.200  7.187   1.00 24.72 ? 154 LYS A CB  1 
ATOM   574  C  CG  . LYS A 1 72  ? 13.483  -4.292  7.201   1.00 30.18 ? 154 LYS A CG  1 
ATOM   575  C  CD  . LYS A 1 72  ? 14.607  -4.868  7.983   1.00 33.82 ? 154 LYS A CD  1 
ATOM   576  C  CE  . LYS A 1 72  ? 15.853  -4.098  7.579   1.00 39.31 ? 154 LYS A CE  1 
ATOM   577  N  NZ  . LYS A 1 72  ? 16.140  -4.379  6.115   1.00 44.13 ? 154 LYS A NZ  1 
ATOM   578  N  N   . TRP A 1 73  ? 10.255  -3.410  8.607   1.00 20.65 ? 155 TRP A N   1 
ATOM   579  C  CA  . TRP A 1 73  ? 9.883   -2.086  9.145   1.00 20.32 ? 155 TRP A CA  1 
ATOM   580  C  C   . TRP A 1 73  ? 9.279   -2.160  10.543  1.00 20.84 ? 155 TRP A C   1 
ATOM   581  O  O   . TRP A 1 73  ? 9.456   -1.234  11.374  1.00 21.95 ? 155 TRP A O   1 
ATOM   582  C  CB  . TRP A 1 73  ? 8.870   -1.423  8.269   1.00 18.88 ? 155 TRP A CB  1 
ATOM   583  C  CG  . TRP A 1 73  ? 9.431   -0.931  6.910   1.00 18.06 ? 155 TRP A CG  1 
ATOM   584  C  CD1 . TRP A 1 73  ? 10.665  -1.056  6.427   1.00 19.42 ? 155 TRP A CD1 1 
ATOM   585  C  CD2 . TRP A 1 73  ? 8.652   -0.206  5.930   1.00 17.52 ? 155 TRP A CD2 1 
ATOM   586  N  NE1 . TRP A 1 73  ? 10.720  -0.442  5.153   1.00 19.37 ? 155 TRP A NE1 1 
ATOM   587  C  CE2 . TRP A 1 73  ? 9.489   0.093   4.874   1.00 19.54 ? 155 TRP A CE2 1 
ATOM   588  C  CE3 . TRP A 1 73  ? 7.334   0.218   5.881   1.00 18.19 ? 155 TRP A CE3 1 
ATOM   589  C  CZ2 . TRP A 1 73  ? 9.034   0.825   3.757   1.00 18.66 ? 155 TRP A CZ2 1 
ATOM   590  C  CZ3 . TRP A 1 73  ? 6.872   0.934   4.773   1.00 18.73 ? 155 TRP A CZ3 1 
ATOM   591  C  CH2 . TRP A 1 73  ? 7.723   1.229   3.739   1.00 18.68 ? 155 TRP A CH2 1 
ATOM   592  N  N   . TYR A 1 74  ? 8.499   -3.229  10.807  1.00 20.43 ? 156 TYR A N   1 
ATOM   593  C  CA  . TYR A 1 74  ? 7.741   -3.306  12.104  1.00 19.28 ? 156 TYR A CA  1 
ATOM   594  C  C   . TYR A 1 74  ? 8.053   -4.714  12.669  1.00 21.77 ? 156 TYR A C   1 
ATOM   595  O  O   . TYR A 1 74  ? 7.271   -5.646  12.561  1.00 22.38 ? 156 TYR A O   1 
ATOM   596  C  CB  . TYR A 1 74  ? 6.264   -3.155  11.779  1.00 20.05 ? 156 TYR A CB  1 
ATOM   597  C  CG  . TYR A 1 74  ? 5.944   -1.824  11.066  1.00 20.48 ? 156 TYR A CG  1 
ATOM   598  C  CD1 . TYR A 1 74  ? 6.199   -0.567  11.660  1.00 21.50 ? 156 TYR A CD1 1 
ATOM   599  C  CD2 . TYR A 1 74  ? 5.402   -1.841  9.781   1.00 20.75 ? 156 TYR A CD2 1 
ATOM   600  C  CE1 . TYR A 1 74  ? 5.890   0.599   10.957  1.00 20.53 ? 156 TYR A CE1 1 
ATOM   601  C  CE2 . TYR A 1 74  ? 5.079   -0.679  9.098   1.00 20.50 ? 156 TYR A CE2 1 
ATOM   602  C  CZ  . TYR A 1 74  ? 5.318   0.527   9.689   1.00 22.85 ? 156 TYR A CZ  1 
ATOM   603  O  OH  . TYR A 1 74  ? 4.921   1.772   9.098   1.00 25.84 ? 156 TYR A OH  1 
ATOM   604  N  N   . PRO A 1 75  ? 9.184   -4.864  13.308  1.00 21.74 ? 157 PRO A N   1 
ATOM   605  C  CA  . PRO A 1 75  ? 9.583   -6.170  13.808  1.00 23.59 ? 157 PRO A CA  1 
ATOM   606  C  C   . PRO A 1 75  ? 8.983   -6.815  15.009  1.00 24.91 ? 157 PRO A C   1 
ATOM   607  O  O   . PRO A 1 75  ? 9.569   -7.769  15.525  1.00 28.74 ? 157 PRO A O   1 
ATOM   608  C  CB  . PRO A 1 75  ? 11.096  -6.057  13.907  1.00 24.00 ? 157 PRO A CB  1 
ATOM   609  C  CG  . PRO A 1 75  ? 11.347  -4.586  14.066  1.00 25.50 ? 157 PRO A CG  1 
ATOM   610  C  CD  . PRO A 1 75  ? 10.194  -3.831  13.551  1.00 23.42 ? 157 PRO A CD  1 
ATOM   611  N  N   . SER A 1 76  ? 7.851   -6.341  15.454  1.00 24.67 ? 158 SER A N   1 
ATOM   612  C  CA  . SER A 1 76  ? 7.136   -6.936  16.574  1.00 23.32 ? 158 SER A CA  1 
ATOM   613  C  C   . SER A 1 76  ? 5.686   -6.644  16.384  1.00 23.51 ? 158 SER A C   1 
ATOM   614  O  O   . SER A 1 76  ? 5.334   -5.688  15.668  1.00 23.68 ? 158 SER A O   1 
ATOM   615  C  CB  . SER A 1 76  ? 7.590   -6.323  17.891  1.00 25.48 ? 158 SER A CB  1 
ATOM   616  O  OG  . SER A 1 76  ? 7.074   -4.994  17.988  1.00 27.60 ? 158 SER A OG  1 
ATOM   617  N  N   . ILE A 1 77  ? 4.793   -7.376  17.021  1.00 20.24 ? 159 ILE A N   1 
ATOM   618  C  CA  . ILE A 1 77  ? 3.394   -7.116  16.843  1.00 21.25 ? 159 ILE A CA  1 
ATOM   619  C  C   . ILE A 1 77  ? 3.019   -5.740  17.458  1.00 22.68 ? 159 ILE A C   1 
ATOM   620  O  O   . ILE A 1 77  ? 2.092   -5.099  16.998  1.00 21.54 ? 159 ILE A O   1 
ATOM   621  C  CB  . ILE A 1 77  ? 2.505   -8.271  17.405  1.00 22.50 ? 159 ILE A CB  1 
ATOM   622  C  CG1 . ILE A 1 77  ? 1.068   -8.117  16.884  1.00 23.71 ? 159 ILE A CG1 1 
ATOM   623  C  CG2 . ILE A 1 77  ? 2.641   -8.339  18.925  1.00 23.14 ? 159 ILE A CG2 1 
ATOM   624  C  CD1 . ILE A 1 77  ? 0.171   -9.274  17.120  1.00 25.75 ? 159 ILE A CD1 1 
ATOM   625  N  N   . GLU A 1 78  ? 3.761   -5.316  18.485  1.00 24.56 ? 160 GLU A N   1 
ATOM   626  C  CA  . GLU A 1 78  ? 3.430   -4.009  19.096  1.00 26.53 ? 160 GLU A CA  1 
ATOM   627  C  C   . GLU A 1 78  ? 3.605   -2.918  18.033  1.00 25.67 ? 160 GLU A C   1 
ATOM   628  O  O   . GLU A 1 78  ? 2.818   -1.969  17.981  1.00 27.26 ? 160 GLU A O   1 
ATOM   629  C  CB  . GLU A 1 78  ? 4.409   -3.707  20.214  1.00 30.65 ? 160 GLU A CB  1 
ATOM   630  C  CG  . GLU A 1 78  ? 4.172   -2.376  20.893  1.00 38.90 ? 160 GLU A CG  1 
ATOM   631  C  CD  . GLU A 1 78  ? 4.852   -2.263  22.291  1.00 44.87 ? 160 GLU A CD  1 
ATOM   632  O  OE1 . GLU A 1 78  ? 5.230   -3.310  22.899  1.00 48.38 ? 160 GLU A OE1 1 
ATOM   633  O  OE2 . GLU A 1 78  ? 4.974   -1.110  22.781  1.00 47.77 ? 160 GLU A OE2 1 
ATOM   634  N  N   . GLU A 1 79  ? 4.589   -3.114  17.182  1.00 23.21 ? 161 GLU A N   1 
ATOM   635  C  CA  . GLU A 1 79  ? 4.921   -2.123  16.141  1.00 23.94 ? 161 GLU A CA  1 
ATOM   636  C  C   . GLU A 1 79  ? 4.085   -2.340  14.892  1.00 24.54 ? 161 GLU A C   1 
ATOM   637  O  O   . GLU A 1 79  ? 3.702   -1.368  14.222  1.00 24.98 ? 161 GLU A O   1 
ATOM   638  C  CB  . GLU A 1 79  ? 6.387   -2.264  15.731  1.00 26.17 ? 161 GLU A CB  1 
ATOM   639  C  CG  . GLU A 1 79  ? 7.313   -1.723  16.815  1.00 30.45 ? 161 GLU A CG  1 
ATOM   640  C  CD  . GLU A 1 79  ? 8.731   -2.204  16.598  1.00 33.78 ? 161 GLU A CD  1 
ATOM   641  O  OE1 . GLU A 1 79  ? 8.989   -3.409  16.844  1.00 35.52 ? 161 GLU A OE1 1 
ATOM   642  O  OE2 . GLU A 1 79  ? 9.607   -1.401  16.148  1.00 35.81 ? 161 GLU A OE2 1 
ATOM   643  N  N   . GLY A 1 80  ? 3.791   -3.620  14.571  1.00 20.25 ? 162 GLY A N   1 
ATOM   644  C  CA  . GLY A 1 80  ? 3.063   -3.870  13.339  1.00 19.28 ? 162 GLY A CA  1 
ATOM   645  C  C   . GLY A 1 80  ? 1.587   -4.100  13.317  1.00 18.95 ? 162 GLY A C   1 
ATOM   646  O  O   . GLY A 1 80  ? 0.922   -4.110  12.329  1.00 19.38 ? 162 GLY A O   1 
ATOM   647  N  N   . ASN A 1 81  ? 1.006   -4.290  14.491  1.00 19.07 ? 163 ASN A N   1 
ATOM   648  C  CA  . ASN A 1 81  ? -0.396  -4.623  14.543  1.00 18.95 ? 163 ASN A CA  1 
ATOM   649  C  C   . ASN A 1 81  ? -1.356  -3.739  13.773  1.00 19.64 ? 163 ASN A C   1 
ATOM   650  O  O   . ASN A 1 81  ? -2.292  -4.225  13.155  1.00 20.62 ? 163 ASN A O   1 
ATOM   651  C  CB  . ASN A 1 81  ? -0.801  -4.673  16.057  1.00 20.87 ? 163 ASN A CB  1 
ATOM   652  C  CG  . ASN A 1 81  ? -2.177  -5.281  16.285  1.00 22.26 ? 163 ASN A CG  1 
ATOM   653  O  OD1 . ASN A 1 81  ? -2.549  -6.302  15.705  1.00 24.97 ? 163 ASN A OD1 1 
ATOM   654  N  ND2 . ASN A 1 81  ? -2.979  -4.599  17.153  1.00 27.96 ? 163 ASN A ND2 1 
ATOM   655  N  N   . ASN A 1 82  ? -1.092  -2.412  13.888  1.00 19.21 ? 164 ASN A N   1 
ATOM   656  C  CA  . ASN A 1 82  ? -1.980  -1.474  13.271  1.00 20.45 ? 164 ASN A CA  1 
ATOM   657  C  C   . ASN A 1 82  ? -1.429  -0.929  11.962  1.00 19.06 ? 164 ASN A C   1 
ATOM   658  O  O   . ASN A 1 82  ? -1.824  0.191   11.558  1.00 21.54 ? 164 ASN A O   1 
ATOM   659  C  CB  . ASN A 1 82  ? -2.204  -0.267  14.211  1.00 21.54 ? 164 ASN A CB  1 
ATOM   660  C  CG  . ASN A 1 82  ? -0.929  0.579   14.412  1.00 26.97 ? 164 ASN A CG  1 
ATOM   661  O  OD1 . ASN A 1 82  ? 0.181   0.080   14.372  1.00 28.05 ? 164 ASN A OD1 1 
ATOM   662  N  ND2 . ASN A 1 82  ? -1.107  1.921   14.606  1.00 28.97 ? 164 ASN A ND2 1 
ATOM   663  N  N   . LYS A 1 83  ? -0.530  -1.677  11.330  1.00 19.71 ? 165 LYS A N   1 
ATOM   664  C  CA  . LYS A 1 83  ? 0.106   -1.184  10.115  1.00 17.62 ? 165 LYS A CA  1 
ATOM   665  C  C   . LYS A 1 83  ? -0.325  -1.981  8.873   1.00 20.00 ? 165 LYS A C   1 
ATOM   666  O  O   . LYS A 1 83  ? -0.565  -3.215  8.928   1.00 19.72 ? 165 LYS A O   1 
ATOM   667  C  CB  . LYS A 1 83  ? 1.631   -1.321  10.199  1.00 19.15 ? 165 LYS A CB  1 
ATOM   668  C  CG  . LYS A 1 83  ? 2.334   -0.632  11.335  1.00 19.20 ? 165 LYS A CG  1 
ATOM   669  C  CD  . LYS A 1 83  ? 2.036   0.860   11.345  1.00 21.48 ? 165 LYS A CD  1 
ATOM   670  C  CE  . LYS A 1 83  ? 2.855   1.517   12.451  1.00 24.24 ? 165 LYS A CE  1 
ATOM   671  N  NZ  . LYS A 1 83  ? 2.462   1.161   13.854  1.00 25.25 ? 165 LYS A NZ  1 
ATOM   672  N  N   . GLY A 1 84  ? -0.469  -1.241  7.769   1.00 17.66 ? 166 GLY A N   1 
ATOM   673  C  CA  . GLY A 1 84  ? -0.745  -1.926  6.517   1.00 18.35 ? 166 GLY A CA  1 
ATOM   674  C  C   . GLY A 1 84  ? 0.277   -1.523  5.471   1.00 18.74 ? 166 GLY A C   1 
ATOM   675  O  O   . GLY A 1 84  ? 0.768   -0.386  5.511   1.00 18.59 ? 166 GLY A O   1 
ATOM   676  N  N   . ILE A 1 85  ? 0.607   -2.450  4.542   1.00 17.47 ? 167 ILE A N   1 
ATOM   677  C  CA  . ILE A 1 85  ? 1.583   -2.123  3.494   1.00 17.99 ? 167 ILE A CA  1 
ATOM   678  C  C   . ILE A 1 85  ? 0.993   -2.565  2.152   1.00 18.09 ? 167 ILE A C   1 
ATOM   679  O  O   . ILE A 1 85  ? 0.530   -3.707  2.012   1.00 19.68 ? 167 ILE A O   1 
ATOM   680  C  CB  . ILE A 1 85  ? 2.861   -2.850  3.759   1.00 21.21 ? 167 ILE A CB  1 
ATOM   681  C  CG1 . ILE A 1 85  ? 3.550   -2.126  5.012   1.00 24.12 ? 167 ILE A CG1 1 
ATOM   682  C  CG2 . ILE A 1 85  ? 3.851   -2.745  2.524   1.00 25.14 ? 167 ILE A CG2 1 
ATOM   683  C  CD1 . ILE A 1 85  ? 4.893   -2.734  5.307   1.00 31.53 ? 167 ILE A CD1 1 
ATOM   684  N  N   . VAL A 1 86  ? 0.913   -1.620  1.229   1.00 18.65 ? 168 VAL A N   1 
ATOM   685  C  CA  . VAL A 1 86  ? 0.438   -1.953  -0.127  1.00 18.63 ? 168 VAL A CA  1 
ATOM   686  C  C   . VAL A 1 86  ? 1.633   -1.847  -1.065  1.00 20.06 ? 168 VAL A C   1 
ATOM   687  O  O   . VAL A 1 86  ? 2.307   -0.832  -1.058  1.00 19.95 ? 168 VAL A O   1 
ATOM   688  C  CB  . VAL A 1 86  ? -0.627  -0.977  -0.602  1.00 19.85 ? 168 VAL A CB  1 
ATOM   689  C  CG1 . VAL A 1 86  ? -1.076  -1.339  -2.043  1.00 19.99 ? 168 VAL A CG1 1 
ATOM   690  C  CG2 . VAL A 1 86  ? -1.783  -0.962  0.384   1.00 21.84 ? 168 VAL A CG2 1 
ATOM   691  N  N   . VAL A 1 87  ? 1.892   -2.894  -1.864  1.00 17.34 ? 169 VAL A N   1 
ATOM   692  C  CA  . VAL A 1 87  ? 3.039   -2.856  -2.787  1.00 19.77 ? 169 VAL A CA  1 
ATOM   693  C  C   . VAL A 1 87  ? 2.491   -2.929  -4.223  1.00 19.87 ? 169 VAL A C   1 
ATOM   694  O  O   . VAL A 1 87  ? 1.630   -3.767  -4.502  1.00 21.64 ? 169 VAL A O   1 
ATOM   695  C  CB  . VAL A 1 87  ? 4.036   -4.101  -2.606  1.00 20.90 ? 169 VAL A CB  1 
ATOM   696  C  CG1 . VAL A 1 87  ? 5.060   -4.181  -3.776  1.00 24.26 ? 169 VAL A CG1 1 
ATOM   697  C  CG2 . VAL A 1 87  ? 4.821   -3.940  -1.321  1.00 22.34 ? 169 VAL A CG2 1 
ATOM   698  N  N   . LEU A 1 88  ? 2.983   -2.028  -5.074  1.00 20.29 ? 170 LEU A N   1 
ATOM   699  C  CA  . LEU A 1 88  ? 2.598   -2.112  -6.505  1.00 22.01 ? 170 LEU A CA  1 
ATOM   700  C  C   . LEU A 1 88  ? 3.940   -2.253  -7.262  1.00 21.10 ? 170 LEU A C   1 
ATOM   701  O  O   . LEU A 1 88  ? 4.801   -1.388  -7.152  1.00 21.16 ? 170 LEU A O   1 
ATOM   702  C  CB  . LEU A 1 88  ? 1.850   -0.822  -6.943  1.00 23.08 ? 170 LEU A CB  1 
ATOM   703  C  CG  . LEU A 1 88  ? 1.688   -0.658  -8.474  1.00 24.92 ? 170 LEU A CG  1 
ATOM   704  C  CD1 . LEU A 1 88  ? 0.788   -1.715  -8.938  1.00 25.92 ? 170 LEU A CD1 1 
ATOM   705  C  CD2 . LEU A 1 88  ? 1.152   0.739   -8.769  1.00 26.06 ? 170 LEU A CD2 1 
ATOM   706  N  N   . ILE A 1 89  ? 4.092   -3.361  -8.026  1.00 22.52 ? 171 ILE A N   1 
ATOM   707  C  CA  . ILE A 1 89  ? 5.276   -3.594  -8.877  1.00 24.77 ? 171 ILE A CA  1 
ATOM   708  C  C   . ILE A 1 89  ? 4.825   -3.050  -10.278 1.00 25.25 ? 171 ILE A C   1 
ATOM   709  O  O   . ILE A 1 89  ? 3.959   -3.602  -10.934 1.00 26.16 ? 171 ILE A O   1 
ATOM   710  C  CB  . ILE A 1 89  ? 5.577   -5.096  -8.983  1.00 26.81 ? 171 ILE A CB  1 
ATOM   711  C  CG1 . ILE A 1 89  ? 5.776   -5.714  -7.588  1.00 28.09 ? 171 ILE A CG1 1 
ATOM   712  C  CG2 . ILE A 1 89  ? 6.849   -5.298  -9.863  1.00 28.83 ? 171 ILE A CG2 1 
ATOM   713  C  CD1 . ILE A 1 89  ? 5.917   -7.241  -7.743  1.00 32.21 ? 171 ILE A CD1 1 
ATOM   714  N  N   . THR A 1 90  ? 5.380   -1.946  -10.693 1.00 26.13 ? 172 THR A N   1 
ATOM   715  C  CA  . THR A 1 90  ? 4.835   -1.289  -11.881 1.00 28.36 ? 172 THR A CA  1 
ATOM   716  C  C   . THR A 1 90  ? 5.113   -1.963  -13.204 1.00 30.51 ? 172 THR A C   1 
ATOM   717  O  O   . THR A 1 90  ? 4.238   -1.886  -14.091 1.00 31.98 ? 172 THR A O   1 
ATOM   718  C  CB  . THR A 1 90  ? 5.265   0.166   -11.961 1.00 27.01 ? 172 THR A CB  1 
ATOM   719  O  OG1 . THR A 1 90  ? 6.676   0.220   -12.101 1.00 28.12 ? 172 THR A OG1 1 
ATOM   720  C  CG2 . THR A 1 90  ? 4.842   0.957   -10.642 1.00 27.83 ? 172 THR A CG2 1 
ATOM   721  N  N   . SER A 1 91  ? 6.250   -2.641  -13.334 1.00 31.19 ? 173 SER A N   1 
ATOM   722  C  CA  . SER A 1 91  ? 6.520   -3.329  -14.619 1.00 31.91 ? 173 SER A CA  1 
ATOM   723  C  C   . SER A 1 91  ? 5.620   -4.535  -14.777 1.00 33.71 ? 173 SER A C   1 
ATOM   724  O  O   . SER A 1 91  ? 5.170   -4.872  -15.917 1.00 34.52 ? 173 SER A O   1 
ATOM   725  C  CB  . SER A 1 91  ? 8.011   -3.735  -14.713 1.00 31.68 ? 173 SER A CB  1 
ATOM   726  O  OG  . SER A 1 91  ? 8.371   -4.740  -13.753 1.00 34.33 ? 173 SER A OG  1 
ATOM   727  N  N   . GLN A 1 92  ? 5.318   -5.222  -13.682 1.00 31.88 ? 174 GLN A N   1 
ATOM   728  C  CA  . GLN A 1 92  ? 4.469   -6.407  -13.702 1.00 33.17 ? 174 GLN A CA  1 
ATOM   729  C  C   . GLN A 1 92  ? 2.976   -6.169  -13.557 1.00 32.40 ? 174 GLN A C   1 
ATOM   730  O  O   . GLN A 1 92  ? 2.187   -7.097  -13.723 1.00 33.86 ? 174 GLN A O   1 
ATOM   731  C  CB  . GLN A 1 92  ? 4.872   -7.397  -12.607 1.00 36.81 ? 174 GLN A CB  1 
ATOM   732  C  CG  . GLN A 1 92  ? 6.203   -8.035  -12.802 1.00 41.86 ? 174 GLN A CG  1 
ATOM   733  C  CD  . GLN A 1 92  ? 6.373   -8.570  -14.241 1.00 45.13 ? 174 GLN A CD  1 
ATOM   734  O  OE1 . GLN A 1 92  ? 7.168   -8.024  -15.038 1.00 47.69 ? 174 GLN A OE1 1 
ATOM   735  N  NE2 . GLN A 1 92  ? 5.622   -9.623  -14.573 1.00 46.42 ? 174 GLN A NE2 1 
ATOM   736  N  N   . LYS A 1 93  ? 2.565   -4.950  -13.166 1.00 30.83 ? 175 LYS A N   1 
ATOM   737  C  CA  . LYS A 1 93  ? 1.176   -4.648  -13.008 1.00 30.46 ? 175 LYS A CA  1 
ATOM   738  C  C   . LYS A 1 93  ? 0.591   -5.576  -11.940 1.00 29.93 ? 175 LYS A C   1 
ATOM   739  O  O   . LYS A 1 93  ? -0.530  -6.087  -12.062 1.00 30.36 ? 175 LYS A O   1 
ATOM   740  C  CB  . LYS A 1 93  ? 0.395   -4.789  -14.364 1.00 31.37 ? 175 LYS A CB  1 
ATOM   741  C  CG  . LYS A 1 93  ? 1.092   -4.118  -15.537 1.00 34.48 ? 175 LYS A CG  1 
ATOM   742  C  CD  . LYS A 1 93  ? 1.216   -2.650  -15.280 1.00 34.89 ? 175 LYS A CD  1 
ATOM   743  C  CE  . LYS A 1 93  ? 1.905   -1.936  -16.422 1.00 35.93 ? 175 LYS A CE  1 
ATOM   744  N  NZ  . LYS A 1 93  ? 3.299   -2.410  -16.578 1.00 38.17 ? 175 LYS A NZ  1 
ATOM   745  N  N   . GLU A 1 94  ? 1.348   -5.780  -10.858 1.00 29.15 ? 176 GLU A N   1 
ATOM   746  C  CA  . GLU A 1 94  ? 0.945   -6.705  -9.790  1.00 30.01 ? 176 GLU A CA  1 
ATOM   747  C  C   . GLU A 1 94  ? 0.966   -5.934  -8.445  1.00 28.53 ? 176 GLU A C   1 
ATOM   748  O  O   . GLU A 1 94  ? 1.917   -5.167  -8.194  1.00 28.38 ? 176 GLU A O   1 
ATOM   749  C  CB  . GLU A 1 94  ? 2.006   -7.844  -9.736  1.00 33.28 ? 176 GLU A CB  1 
ATOM   750  C  CG  . GLU A 1 94  ? 1.971   -8.896  -8.624  1.00 40.23 ? 176 GLU A CG  1 
ATOM   751  C  CD  . GLU A 1 94  ? 3.249   -9.800  -8.706  1.00 43.71 ? 176 GLU A CD  1 
ATOM   752  O  OE1 . GLU A 1 94  ? 3.971   -9.659  -9.748  1.00 45.99 ? 176 GLU A OE1 1 
ATOM   753  O  OE2 . GLU A 1 94  ? 3.533   -10.628 -7.789  1.00 43.97 ? 176 GLU A OE2 1 
ATOM   754  N  N   . GLY A 1 95  ? -0.066  -6.167  -7.644  1.00 25.21 ? 177 GLY A N   1 
ATOM   755  C  CA  . GLY A 1 95  ? -0.093  -5.537  -6.315  1.00 25.05 ? 177 GLY A CA  1 
ATOM   756  C  C   . GLY A 1 95  ? -0.261  -6.588  -5.229  1.00 25.54 ? 177 GLY A C   1 
ATOM   757  O  O   . GLY A 1 95  ? -0.565  -7.763  -5.483  1.00 26.75 ? 177 GLY A O   1 
ATOM   758  N  N   . ALA A 1 96  ? 0.030   -6.200  -3.997  1.00 21.72 ? 178 ALA A N   1 
ATOM   759  C  CA  . ALA A 1 96  ? -0.202  -7.109  -2.846  1.00 20.37 ? 178 ALA A CA  1 
ATOM   760  C  C   . ALA A 1 96  ? -0.465  -6.191  -1.634  1.00 20.34 ? 178 ALA A C   1 
ATOM   761  O  O   . ALA A 1 96  ? 0.026   -5.061  -1.600  1.00 19.99 ? 178 ALA A O   1 
ATOM   762  C  CB  . ALA A 1 96  ? 1.022   -7.962  -2.524  1.00 22.33 ? 178 ALA A CB  1 
ATOM   763  N  N   . ILE A 1 97  ? -1.180  -6.729  -0.648  1.00 20.23 ? 179 ILE A N   1 
ATOM   764  C  CA  . ILE A 1 97  ? -1.426  -5.947  0.578   1.00 19.36 ? 179 ILE A CA  1 
ATOM   765  C  C   . ILE A 1 97  ? -1.175  -6.871  1.767   1.00 20.46 ? 179 ILE A C   1 
ATOM   766  O  O   . ILE A 1 97  ? -1.591  -8.033  1.740   1.00 22.48 ? 179 ILE A O   1 
ATOM   767  C  CB  . ILE A 1 97  ? -2.827  -5.440  0.665   1.00 20.43 ? 179 ILE A CB  1 
ATOM   768  C  CG1 . ILE A 1 97  ? -3.139  -4.469  -0.483  1.00 21.91 ? 179 ILE A CG1 1 
ATOM   769  C  CG2 . ILE A 1 97  ? -2.986  -4.632  1.939   1.00 20.49 ? 179 ILE A CG2 1 
ATOM   770  C  CD1 . ILE A 1 97  ? -4.616  -4.057  -0.562  1.00 25.16 ? 179 ILE A CD1 1 
ATOM   771  N  N   . THR A 1 98  ? -0.415  -6.416  2.764   1.00 19.71 ? 180 THR A N   1 
ATOM   772  C  CA  . THR A 1 98  ? -0.329  -7.222  3.961   1.00 20.40 ? 180 THR A CA  1 
ATOM   773  C  C   . THR A 1 98  ? -0.393  -6.241  5.147   1.00 21.42 ? 180 THR A C   1 
ATOM   774  O  O   . THR A 1 98  ? -0.503  -5.007  4.938   1.00 20.99 ? 180 THR A O   1 
ATOM   775  C  CB  . THR A 1 98  ? 0.924   -8.055  4.020   1.00 22.50 ? 180 THR A CB  1 
ATOM   776  O  OG1 . THR A 1 98  ? 0.780   -8.975  5.149   1.00 25.77 ? 180 THR A OG1 1 
ATOM   777  C  CG2 . THR A 1 98  ? 2.161   -7.218  4.170   1.00 25.12 ? 180 THR A CG2 1 
ATOM   778  N  N   . GLY A 1 99  ? -0.323  -6.778  6.354   1.00 19.53 ? 181 GLY A N   1 
ATOM   779  C  CA  . GLY A 1 99  ? -0.380  -5.845  7.471   1.00 19.14 ? 181 GLY A CA  1 
ATOM   780  C  C   . GLY A 1 99  ? -0.528  -6.659  8.747   1.00 20.47 ? 181 GLY A C   1 
ATOM   781  O  O   . GLY A 1 99  ? -0.575  -7.906  8.727   1.00 21.53 ? 181 GLY A O   1 
ATOM   782  N  N   . GLY A 1 100 ? -0.574  -5.945  9.848   1.00 19.00 ? 182 GLY A N   1 
ATOM   783  C  CA  . GLY A 1 100 ? -0.725  -6.599  11.158  1.00 21.64 ? 182 GLY A CA  1 
ATOM   784  C  C   . GLY A 1 100 ? -2.170  -6.985  11.306  1.00 20.74 ? 182 GLY A C   1 
ATOM   785  O  O   . GLY A 1 100 ? -3.081  -6.550  10.630  1.00 21.68 ? 182 GLY A O   1 
ATOM   786  N  N   . PRO A 1 101 ? -2.424  -7.851  12.320  1.00 22.55 ? 183 PRO A N   1 
ATOM   787  C  CA  . PRO A 1 101 ? -3.795  -8.283  12.490  1.00 23.62 ? 183 PRO A CA  1 
ATOM   788  C  C   . PRO A 1 101 ? -4.891  -7.231  12.642  1.00 22.25 ? 183 PRO A C   1 
ATOM   789  O  O   . PRO A 1 101 ? -5.996  -7.435  12.128  1.00 24.72 ? 183 PRO A O   1 
ATOM   790  C  CB  . PRO A 1 101 ? -3.729  -9.229  13.713  1.00 21.77 ? 183 PRO A CB  1 
ATOM   791  C  CG  . PRO A 1 101 ? -2.267  -9.634  13.784  1.00 23.09 ? 183 PRO A CG  1 
ATOM   792  C  CD  . PRO A 1 101 ? -1.479  -8.407  13.286  1.00 23.17 ? 183 PRO A CD  1 
ATOM   793  N  N   . ALA A 1 102 ? -4.633  -6.162  13.362  1.00 22.63 ? 184 ALA A N   1 
ATOM   794  C  CA  . ALA A 1 102 ? -5.701  -5.193  13.520  1.00 23.51 ? 184 ALA A CA  1 
ATOM   795  C  C   . ALA A 1 102 ? -6.004  -4.532  12.187  1.00 21.85 ? 184 ALA A C   1 
ATOM   796  O  O   . ALA A 1 102 ? -7.181  -4.252  11.887  1.00 24.36 ? 184 ALA A O   1 
ATOM   797  C  CB  . ALA A 1 102 ? -5.313  -4.139  14.590  1.00 26.13 ? 184 ALA A CB  1 
ATOM   798  N  N   . PHE A 1 103 ? -4.949  -4.268  11.384  1.00 20.62 ? 185 PHE A N   1 
ATOM   799  C  CA  . PHE A 1 103 ? -5.207  -3.680  10.098  1.00 20.90 ? 185 PHE A CA  1 
ATOM   800  C  C   . PHE A 1 103 ? -5.992  -4.605  9.182   1.00 18.65 ? 185 PHE A C   1 
ATOM   801  O  O   . PHE A 1 103 ? -6.959  -4.186  8.547   1.00 22.00 ? 185 PHE A O   1 
ATOM   802  C  CB  . PHE A 1 103 ? -3.855  -3.303  9.415   1.00 18.68 ? 185 PHE A CB  1 
ATOM   803  C  CG  . PHE A 1 103 ? -4.022  -2.850  7.991   1.00 21.21 ? 185 PHE A CG  1 
ATOM   804  C  CD1 . PHE A 1 103 ? -4.417  -1.546  7.706   1.00 22.54 ? 185 PHE A CD1 1 
ATOM   805  C  CD2 . PHE A 1 103 ? -3.865  -3.744  6.949   1.00 22.55 ? 185 PHE A CD2 1 
ATOM   806  C  CE1 . PHE A 1 103 ? -4.661  -1.137  6.393   1.00 22.47 ? 185 PHE A CE1 1 
ATOM   807  C  CE2 . PHE A 1 103 ? -4.120  -3.310  5.588   1.00 23.13 ? 185 PHE A CE2 1 
ATOM   808  C  CZ  . PHE A 1 103 ? -4.500  -2.050  5.356   1.00 21.58 ? 185 PHE A CZ  1 
ATOM   809  N  N   . ILE A 1 104 ? -5.569  -5.877  9.106   1.00 20.81 ? 186 ILE A N   1 
ATOM   810  C  CA  . ILE A 1 104 ? -6.250  -6.826  8.244   1.00 22.83 ? 186 ILE A CA  1 
ATOM   811  C  C   . ILE A 1 104 ? -7.720  -7.013  8.657   1.00 24.25 ? 186 ILE A C   1 
ATOM   812  O  O   . ILE A 1 104 ? -8.584  -7.020  7.816   1.00 25.44 ? 186 ILE A O   1 
ATOM   813  C  CB  . ILE A 1 104 ? -5.488  -8.193  8.310   1.00 23.87 ? 186 ILE A CB  1 
ATOM   814  C  CG1 . ILE A 1 104 ? -4.089  -8.029  7.710   1.00 25.51 ? 186 ILE A CG1 1 
ATOM   815  C  CG2 . ILE A 1 104 ? -6.273  -9.279  7.499   1.00 27.49 ? 186 ILE A CG2 1 
ATOM   816  C  CD1 . ILE A 1 104 ? -4.015  -7.603  6.180   1.00 24.77 ? 186 ILE A CD1 1 
ATOM   817  N  N   . GLU A 1 105 ? -7.968  -7.105  9.960   1.00 24.58 ? 187 GLU A N   1 
ATOM   818  C  CA  . GLU A 1 105 ? -9.350  -7.267  10.443  1.00 27.59 ? 187 GLU A CA  1 
ATOM   819  C  C   . GLU A 1 105 ? -10.207 -6.063  10.097  1.00 25.92 ? 187 GLU A C   1 
ATOM   820  O  O   . GLU A 1 105 ? -11.394 -6.193  9.724   1.00 27.13 ? 187 GLU A O   1 
ATOM   821  C  CB  . GLU A 1 105 ? -9.318  -7.457  11.948  1.00 30.14 ? 187 GLU A CB  1 
ATOM   822  C  CG  . GLU A 1 105 ? -10.661 -7.902  12.595  1.00 38.60 ? 187 GLU A CG  1 
ATOM   823  C  CD  . GLU A 1 105 ? -11.770 -6.868  12.596  1.00 42.51 ? 187 GLU A CD  1 
ATOM   824  O  OE1 . GLU A 1 105 ? -11.510 -5.638  12.534  1.00 44.52 ? 187 GLU A OE1 1 
ATOM   825  O  OE2 . GLU A 1 105 ? -12.939 -7.327  12.699  1.00 46.00 ? 187 GLU A OE2 1 
ATOM   826  N  N   . ALA A 1 106 ? -9.597  -4.864  10.144  1.00 24.23 ? 188 ALA A N   1 
ATOM   827  C  CA  . ALA A 1 106 ? -10.343 -3.649  9.854   1.00 24.45 ? 188 ALA A CA  1 
ATOM   828  C  C   . ALA A 1 106 ? -10.768 -3.520  8.416   1.00 23.21 ? 188 ALA A C   1 
ATOM   829  O  O   . ALA A 1 106 ? -11.844 -2.981  8.126   1.00 24.90 ? 188 ALA A O   1 
ATOM   830  C  CB  . ALA A 1 106 ? -9.507  -2.398  10.308  1.00 25.29 ? 188 ALA A CB  1 
ATOM   831  N  N   . VAL A 1 107 ? -9.928  -3.961  7.506   1.00 23.19 ? 189 VAL A N   1 
ATOM   832  C  CA  . VAL A 1 107 ? -10.292 -3.918  6.096   1.00 23.84 ? 189 VAL A CA  1 
ATOM   833  C  C   . VAL A 1 107 ? -11.216 -5.054  5.692   1.00 24.57 ? 189 VAL A C   1 
ATOM   834  O  O   . VAL A 1 107 ? -12.222 -4.796  5.024   1.00 27.20 ? 189 VAL A O   1 
ATOM   835  C  CB  . VAL A 1 107 ? -9.053  -4.001  5.210   1.00 24.08 ? 189 VAL A CB  1 
ATOM   836  C  CG1 . VAL A 1 107 ? -9.468  -3.968  3.758   1.00 27.98 ? 189 VAL A CG1 1 
ATOM   837  C  CG2 . VAL A 1 107 ? -8.149  -2.783  5.552   1.00 24.30 ? 189 VAL A CG2 1 
ATOM   838  N  N   . GLY A 1 108 ? -10.827 -6.248  6.081   1.00 26.86 ? 190 GLY A N   1 
ATOM   839  C  CA  . GLY A 1 108 ? -11.596 -7.442  5.746   1.00 28.33 ? 190 GLY A CA  1 
ATOM   840  C  C   . GLY A 1 108 ? -11.031 -8.062  4.493   1.00 30.89 ? 190 GLY A C   1 
ATOM   841  O  O   . GLY A 1 108 ? -10.595 -7.357  3.587   1.00 28.18 ? 190 GLY A O   1 
ATOM   842  N  N   . GLU A 1 109 ? -11.044 -9.394  4.399   1.00 32.19 ? 191 GLU A N   1 
ATOM   843  C  CA  . GLU A 1 109 ? -10.471 -10.067 3.227   1.00 34.55 ? 191 GLU A CA  1 
ATOM   844  C  C   . GLU A 1 109 ? -11.135 -9.739  1.896   1.00 33.99 ? 191 GLU A C   1 
ATOM   845  O  O   . GLU A 1 109 ? -10.484 -9.695  0.838   1.00 33.51 ? 191 GLU A O   1 
ATOM   846  C  CB  . GLU A 1 109 ? -10.501 -11.581 3.466   1.00 38.50 ? 191 GLU A CB  1 
ATOM   847  C  CG  . GLU A 1 109 ? -9.809  -12.010 4.790   1.00 44.40 ? 191 GLU A CG  1 
ATOM   848  C  CD  . GLU A 1 109 ? -8.262  -11.901 4.790   1.00 48.61 ? 191 GLU A CD  1 
ATOM   849  O  OE1 . GLU A 1 109 ? -7.686  -11.327 3.832   1.00 50.60 ? 191 GLU A OE1 1 
ATOM   850  O  OE2 . GLU A 1 109 ? -7.625  -12.411 5.759   1.00 50.61 ? 191 GLU A OE2 1 
ATOM   851  N  N   . ASN A 1 110 ? -12.440 -9.521  1.913   1.00 34.96 ? 192 ASN A N   1 
ATOM   852  C  CA  . ASN A 1 110 ? -13.103 -9.212  0.669   1.00 35.42 ? 192 ASN A CA  1 
ATOM   853  C  C   . ASN A 1 110 ? -12.545 -7.966  -0.014  1.00 33.39 ? 192 ASN A C   1 
ATOM   854  O  O   . ASN A 1 110 ? -12.216 -8.001  -1.200  1.00 31.58 ? 192 ASN A O   1 
ATOM   855  C  CB  . ASN A 1 110 ? -14.600 -9.092  0.888   1.00 39.86 ? 192 ASN A CB  1 
ATOM   856  C  CG  . ASN A 1 110 ? -15.212 -10.422 1.360   1.00 45.22 ? 192 ASN A CG  1 
ATOM   857  O  OD1 . ASN A 1 110 ? -14.612 -11.509 1.180   1.00 47.55 ? 192 ASN A OD1 1 
ATOM   858  N  ND2 . ASN A 1 110 ? -16.417 -10.350 1.944   1.00 46.61 ? 192 ASN A ND2 1 
ATOM   859  N  N   . ILE A 1 111 ? -12.390 -6.874  0.756   1.00 31.15 ? 193 ILE A N   1 
ATOM   860  C  CA  . ILE A 1 111 ? -11.849 -5.665  0.137   1.00 29.32 ? 193 ILE A CA  1 
ATOM   861  C  C   . ILE A 1 111 ? -10.318 -5.748  -0.113  1.00 28.23 ? 193 ILE A C   1 
ATOM   862  O  O   . ILE A 1 111 ? -9.833  -5.190  -1.089  1.00 26.92 ? 193 ILE A O   1 
ATOM   863  C  CB  . ILE A 1 111 ? -12.260 -4.424  0.950   1.00 29.71 ? 193 ILE A CB  1 
ATOM   864  C  CG1 . ILE A 1 111 ? -13.804 -4.250  0.854   1.00 33.23 ? 193 ILE A CG1 1 
ATOM   865  C  CG2 . ILE A 1 111 ? -11.563 -3.186  0.399   1.00 30.88 ? 193 ILE A CG2 1 
ATOM   866  C  CD1 . ILE A 1 111 ? -14.322 -3.995  -0.551  1.00 32.80 ? 193 ILE A CD1 1 
ATOM   867  N  N   . LEU A 1 112 ? -9.580  -6.484  0.719   1.00 27.62 ? 194 LEU A N   1 
ATOM   868  C  CA  . LEU A 1 112 ? -8.146  -6.696  0.510   1.00 26.79 ? 194 LEU A CA  1 
ATOM   869  C  C   . LEU A 1 112 ? -7.984  -7.395  -0.832  1.00 28.83 ? 194 LEU A C   1 
ATOM   870  O  O   . LEU A 1 112 ? -7.201  -6.985  -1.654  1.00 27.56 ? 194 LEU A O   1 
ATOM   871  C  CB  . LEU A 1 112 ? -7.551  -7.579  1.594   1.00 27.26 ? 194 LEU A CB  1 
ATOM   872  C  CG  . LEU A 1 112 ? -7.502  -6.810  2.895   1.00 27.00 ? 194 LEU A CG  1 
ATOM   873  C  CD1 . LEU A 1 112 ? -7.178  -7.745  4.019   1.00 27.75 ? 194 LEU A CD1 1 
ATOM   874  C  CD2 . LEU A 1 112 ? -6.385  -5.671  2.849   1.00 25.92 ? 194 LEU A CD2 1 
ATOM   875  N  N   . ASP A 1 113 ? -8.750  -8.458  -1.013  1.00 29.37 ? 195 ASP A N   1 
ATOM   876  C  CA  . ASP A 1 113 ? -8.674  -9.203  -2.263  1.00 31.89 ? 195 ASP A CA  1 
ATOM   877  C  C   . ASP A 1 113 ? -9.134  -8.382  -3.480  1.00 28.89 ? 195 ASP A C   1 
ATOM   878  O  O   . ASP A 1 113 ? -8.525  -8.408  -4.569  1.00 28.74 ? 195 ASP A O   1 
ATOM   879  C  CB  . ASP A 1 113 ? -9.555  -10.457 -2.146  1.00 35.70 ? 195 ASP A CB  1 
ATOM   880  C  CG  . ASP A 1 113 ? -8.929  -11.539 -1.300  1.00 40.80 ? 195 ASP A CG  1 
ATOM   881  O  OD1 . ASP A 1 113 ? -7.720  -11.446 -0.933  1.00 42.74 ? 195 ASP A OD1 1 
ATOM   882  O  OD2 . ASP A 1 113 ? -9.646  -12.519 -0.994  1.00 43.52 ? 195 ASP A OD2 1 
ATOM   883  N  N   . ALA A 1 114 ? -10.217 -7.677  -3.325  1.00 27.73 ? 196 ALA A N   1 
ATOM   884  C  CA  . ALA A 1 114 ? -10.742 -6.889  -4.421  1.00 28.22 ? 196 ALA A CA  1 
ATOM   885  C  C   . ALA A 1 114 ? -9.774  -5.792  -4.840  1.00 28.57 ? 196 ALA A C   1 
ATOM   886  O  O   . ALA A 1 114 ? -9.585  -5.531  -6.011  1.00 28.57 ? 196 ALA A O   1 
ATOM   887  C  CB  . ALA A 1 114 ? -12.054 -6.262  -4.036  1.00 28.98 ? 196 ALA A CB  1 
ATOM   888  N  N   . THR A 1 115 ? -9.133  -5.137  -3.865  1.00 26.82 ? 197 THR A N   1 
ATOM   889  C  CA  . THR A 1 115 ? -8.230  -4.049  -4.240  1.00 25.79 ? 197 THR A CA  1 
ATOM   890  C  C   . THR A 1 115 ? -7.029  -4.524  -5.035  1.00 26.11 ? 197 THR A C   1 
ATOM   891  O  O   . THR A 1 115 ? -6.588  -3.848  -5.956  1.00 25.19 ? 197 THR A O   1 
ATOM   892  C  CB  . THR A 1 115 ? -7.780  -3.314  -2.939  1.00 24.60 ? 197 THR A CB  1 
ATOM   893  O  OG1 . THR A 1 115 ? -8.963  -2.878  -2.277  1.00 26.22 ? 197 THR A OG1 1 
ATOM   894  C  CG2 . THR A 1 115 ? -6.890  -2.110  -3.272  1.00 26.69 ? 197 THR A CG2 1 
ATOM   895  N  N   . VAL A 1 116 ? -6.494  -5.673  -4.664  1.00 25.76 ? 198 VAL A N   1 
ATOM   896  C  CA  . VAL A 1 116 ? -5.335  -6.197  -5.363  1.00 28.73 ? 198 VAL A CA  1 
ATOM   897  C  C   . VAL A 1 116 ? -5.681  -6.861  -6.681  1.00 29.90 ? 198 VAL A C   1 
ATOM   898  O  O   . VAL A 1 116 ? -4.867  -6.944  -7.539  1.00 30.42 ? 198 VAL A O   1 
ATOM   899  C  CB  . VAL A 1 116 ? -4.532  -7.198  -4.501  1.00 30.16 ? 198 VAL A CB  1 
ATOM   900  C  CG1 . VAL A 1 116 ? -4.196  -6.560  -3.182  1.00 30.95 ? 198 VAL A CG1 1 
ATOM   901  C  CG2 . VAL A 1 116 ? -5.257  -8.488  -4.263  1.00 32.07 ? 198 VAL A CG2 1 
ATOM   902  N  N   . SER A 1 117 ? -6.915  -7.277  -6.843  1.00 31.47 ? 199 SER A N   1 
ATOM   903  C  CA  . SER A 1 117 ? -7.240  -7.939  -8.117  1.00 32.82 ? 199 SER A CA  1 
ATOM   904  C  C   . SER A 1 117 ? -7.919  -6.984  -9.076  1.00 32.62 ? 199 SER A C   1 
ATOM   905  O  O   . SER A 1 117 ? -8.027  -7.288  -10.269 1.00 33.58 ? 199 SER A O   1 
ATOM   906  C  CB  . SER A 1 117 ? -8.137  -9.130  -7.872  1.00 35.28 ? 199 SER A CB  1 
ATOM   907  O  OG  . SER A 1 117 ? -9.375  -8.690  -7.357  1.00 39.66 ? 199 SER A OG  1 
ATOM   908  N  N   . GLU A 1 118 ? -8.368  -5.833  -8.585  1.00 30.42 ? 200 GLU A N   1 
ATOM   909  C  CA  . GLU A 1 118 ? -9.036  -4.853  -9.411  1.00 30.86 ? 200 GLU A CA  1 
ATOM   910  C  C   . GLU A 1 118 ? -8.312  -3.513  -9.540  1.00 29.71 ? 200 GLU A C   1 
ATOM   911  O  O   . GLU A 1 118 ? -7.643  -3.276  -10.509 1.00 30.27 ? 200 GLU A O   1 
ATOM   912  C  CB  . GLU A 1 118 ? -10.456 -4.622  -8.896  1.00 32.01 ? 200 GLU A CB  1 
ATOM   913  C  CG  . GLU A 1 118 ? -11.293 -5.945  -8.848  1.00 35.84 ? 200 GLU A CG  1 
ATOM   914  C  CD  . GLU A 1 118 ? -12.709 -5.791  -8.269  1.00 39.83 ? 200 GLU A CD  1 
ATOM   915  O  OE1 . GLU A 1 118 ? -13.047 -4.763  -7.616  1.00 39.71 ? 200 GLU A OE1 1 
ATOM   916  O  OE2 . GLU A 1 118 ? -13.510 -6.748  -8.472  1.00 43.03 ? 200 GLU A OE2 1 
ATOM   917  N  N   . ASN A 1 119 ? -8.431  -2.638  -8.530  1.00 30.04 ? 201 ASN A N   1 
ATOM   918  C  CA  . ASN A 1 119 ? -7.837  -1.312  -8.640  1.00 28.01 ? 201 ASN A CA  1 
ATOM   919  C  C   . ASN A 1 119 ? -6.383  -1.281  -9.027  1.00 28.65 ? 201 ASN A C   1 
ATOM   920  O  O   . ASN A 1 119 ? -5.991  -0.589  -9.940  1.00 30.32 ? 201 ASN A O   1 
ATOM   921  C  CB  . ASN A 1 119 ? -7.991  -0.514  -7.314  1.00 27.72 ? 201 ASN A CB  1 
ATOM   922  C  CG  . ASN A 1 119 ? -9.429  -0.354  -6.901  1.00 27.54 ? 201 ASN A CG  1 
ATOM   923  O  OD1 . ASN A 1 119 ? -9.989  0.764   -6.811  1.00 31.93 ? 201 ASN A OD1 1 
ATOM   924  N  ND2 . ASN A 1 119 ? -10.044 -1.462  -6.629  1.00 27.03 ? 201 ASN A ND2 1 
ATOM   925  N  N   . LEU A 1 120 ? -5.561  -2.049  -8.334  1.00 27.29 ? 202 LEU A N   1 
ATOM   926  C  CA  . LEU A 1 120 ? -4.157  -1.970  -8.625  1.00 27.18 ? 202 LEU A CA  1 
ATOM   927  C  C   . LEU A 1 120 ? -3.728  -2.432  -10.004 1.00 29.04 ? 202 LEU A C   1 
ATOM   928  O  O   . LEU A 1 120 ? -3.136  -1.681  -10.759 1.00 29.96 ? 202 LEU A O   1 
ATOM   929  C  CB  . LEU A 1 120 ? -3.378  -2.713  -7.524  1.00 27.44 ? 202 LEU A CB  1 
ATOM   930  C  CG  . LEU A 1 120 ? -3.376  -1.918  -6.216  1.00 27.50 ? 202 LEU A CG  1 
ATOM   931  C  CD1 . LEU A 1 120 ? -2.853  -2.828  -5.093  1.00 26.77 ? 202 LEU A CD1 1 
ATOM   932  C  CD2 . LEU A 1 120 ? -2.551  -0.680  -6.331  1.00 26.28 ? 202 LEU A CD2 1 
ATOM   933  N  N   . PRO A 1 121 ? -4.039  -3.685  -10.355 1.00 30.74 ? 203 PRO A N   1 
ATOM   934  C  CA  . PRO A 1 121 ? -3.597  -4.126  -11.680 1.00 31.79 ? 203 PRO A CA  1 
ATOM   935  C  C   . PRO A 1 121 ? -4.282  -3.466  -12.874 1.00 32.96 ? 203 PRO A C   1 
ATOM   936  O  O   . PRO A 1 121 ? -3.607  -3.192  -13.864 1.00 33.11 ? 203 PRO A O   1 
ATOM   937  C  CB  . PRO A 1 121 ? -3.824  -5.647  -11.639 1.00 31.86 ? 203 PRO A CB  1 
ATOM   938  C  CG  . PRO A 1 121 ? -4.949  -5.875  -10.599 1.00 30.87 ? 203 PRO A CG  1 
ATOM   939  C  CD  . PRO A 1 121 ? -4.615  -4.786  -9.542  1.00 31.85 ? 203 PRO A CD  1 
ATOM   940  N  N   . VAL A 1 122 ? -5.590  -3.194  -12.776 1.00 33.92 ? 204 VAL A N   1 
ATOM   941  C  CA  . VAL A 1 122 ? -6.311  -2.597  -13.907 1.00 33.89 ? 204 VAL A CA  1 
ATOM   942  C  C   . VAL A 1 122 ? -5.823  -1.190  -14.195 1.00 34.10 ? 204 VAL A C   1 
ATOM   943  O  O   . VAL A 1 122 ? -5.495  -0.825  -15.335 1.00 35.43 ? 204 VAL A O   1 
ATOM   944  C  CB  . VAL A 1 122 ? -7.846  -2.615  -13.655 1.00 34.21 ? 204 VAL A CB  1 
ATOM   945  C  CG1 . VAL A 1 122 ? -8.579  -1.904  -14.766 1.00 35.31 ? 204 VAL A CG1 1 
ATOM   946  C  CG2 . VAL A 1 122 ? -8.297  -4.052  -13.544 1.00 33.78 ? 204 VAL A CG2 1 
ATOM   947  N  N   . LEU A 1 123 ? -5.715  -0.371  -13.160 1.00 32.12 ? 205 LEU A N   1 
ATOM   948  C  CA  . LEU A 1 123 ? -5.271  0.970   -13.413 1.00 31.05 ? 205 LEU A CA  1 
ATOM   949  C  C   . LEU A 1 123 ? -3.805  1.083   -13.786 1.00 30.76 ? 205 LEU A C   1 
ATOM   950  O  O   . LEU A 1 123 ? -3.428  1.907   -14.637 1.00 31.35 ? 205 LEU A O   1 
ATOM   951  C  CB  . LEU A 1 123 ? -5.665  1.855   -12.193 1.00 29.78 ? 205 LEU A CB  1 
ATOM   952  C  CG  . LEU A 1 123 ? -7.200  2.041   -12.171 1.00 30.88 ? 205 LEU A CG  1 
ATOM   953  C  CD1 . LEU A 1 123 ? -7.656  2.703   -10.870 1.00 30.65 ? 205 LEU A CD1 1 
ATOM   954  C  CD2 . LEU A 1 123 ? -7.622  2.993   -13.342 1.00 32.95 ? 205 LEU A CD2 1 
ATOM   955  N  N   . ALA A 1 124 ? -2.943  0.252   -13.182 1.00 30.99 ? 206 ALA A N   1 
ATOM   956  C  CA  . ALA A 1 124 ? -1.526  0.303   -13.539 1.00 30.58 ? 206 ALA A CA  1 
ATOM   957  C  C   . ALA A 1 124 ? -1.325  -0.166  -14.998 1.00 33.11 ? 206 ALA A C   1 
ATOM   958  O  O   . ALA A 1 124 ? -0.473  0.395   -15.685 1.00 32.54 ? 206 ALA A O   1 
ATOM   959  C  CB  . ALA A 1 124 ? -0.657  -0.567  -12.563 1.00 31.12 ? 206 ALA A CB  1 
ATOM   960  N  N   . THR A 1 125 ? -2.099  -1.161  -15.428 1.00 33.74 ? 207 THR A N   1 
ATOM   961  C  CA  . THR A 1 125 ? -1.983  -1.692  -16.804 1.00 36.31 ? 207 THR A CA  1 
ATOM   962  C  C   . THR A 1 125 ? -2.222  -0.510  -17.768 1.00 37.90 ? 207 THR A C   1 
ATOM   963  O  O   . THR A 1 125 ? -1.499  -0.353  -18.783 1.00 37.44 ? 207 THR A O   1 
ATOM   964  C  CB  . THR A 1 125 ? -2.963  -2.879  -17.041 1.00 36.74 ? 207 THR A CB  1 
ATOM   965  O  OG1 . THR A 1 125 ? -2.601  -4.002  -16.201 1.00 37.10 ? 207 THR A OG1 1 
ATOM   966  C  CG2 . THR A 1 125 ? -2.883  -3.372  -18.524 1.00 37.63 ? 207 THR A CG2 1 
ATOM   967  N  N   . ASP A 1 126 ? -3.177  0.365   -17.458 1.00 38.45 ? 208 ASP A N   1 
ATOM   968  C  CA  . ASP A 1 126 ? -3.361  1.533   -18.318 1.00 40.13 ? 208 ASP A CA  1 
ATOM   969  C  C   . ASP A 1 126 ? -2.431  2.693   -17.996 1.00 39.04 ? 208 ASP A C   1 
ATOM   970  O  O   . ASP A 1 126 ? -2.651  3.819   -18.426 1.00 39.20 ? 208 ASP A O   1 
ATOM   971  C  CB  . ASP A 1 126 ? -4.793  2.000   -18.226 1.00 43.41 ? 208 ASP A CB  1 
ATOM   972  C  CG  . ASP A 1 126 ? -5.693  1.211   -19.151 1.00 47.40 ? 208 ASP A CG  1 
ATOM   973  O  OD1 . ASP A 1 126 ? -5.100  0.441   -19.935 1.00 49.57 ? 208 ASP A OD1 1 
ATOM   974  O  OD2 . ASP A 1 126 ? -6.955  1.331   -19.110 1.00 49.60 ? 208 ASP A OD2 1 
ATOM   975  N  N   . GLU A 1 127 ? -1.376  2.410   -17.244 1.00 38.24 ? 209 GLU A N   1 
ATOM   976  C  CA  . GLU A 1 127 ? -0.430  3.411   -16.787 1.00 38.01 ? 209 GLU A CA  1 
ATOM   977  C  C   . GLU A 1 127 ? -1.065  4.518   -15.944 1.00 36.88 ? 209 GLU A C   1 
ATOM   978  O  O   . GLU A 1 127 ? -0.504  5.591   -15.882 1.00 38.51 ? 209 GLU A O   1 
ATOM   979  C  CB  . GLU A 1 127 ? 0.373   4.074   -17.943 1.00 40.68 ? 209 GLU A CB  1 
ATOM   980  C  CG  . GLU A 1 127 ? 1.269   3.132   -18.685 1.00 41.48 ? 209 GLU A CG  1 
ATOM   981  C  CD  . GLU A 1 127 ? 2.178   3.856   -19.674 1.00 43.19 ? 209 GLU A CD  1 
ATOM   982  O  OE1 . GLU A 1 127 ? 1.724   4.237   -20.780 1.00 44.37 ? 209 GLU A OE1 1 
ATOM   983  O  OE2 . GLU A 1 127 ? 3.359   4.072   -19.325 1.00 45.16 ? 209 GLU A OE2 1 
ATOM   984  N  N   . LYS A 1 128 ? -2.211  4.266   -15.289 1.00 33.70 ? 210 LYS A N   1 
ATOM   985  C  CA  . LYS A 1 128 ? -2.844  5.313   -14.465 1.00 32.37 ? 210 LYS A CA  1 
ATOM   986  C  C   . LYS A 1 128 ? -2.412  5.022   -13.012 1.00 30.00 ? 210 LYS A C   1 
ATOM   987  O  O   . LYS A 1 128 ? -3.238  4.614   -12.192 1.00 29.66 ? 210 LYS A O   1 
ATOM   988  C  CB  . LYS A 1 128 ? -4.365  5.230   -14.585 1.00 32.97 ? 210 LYS A CB  1 
ATOM   989  C  CG  . LYS A 1 128 ? -4.835  5.641   -16.001 1.00 36.29 ? 210 LYS A CG  1 
ATOM   990  C  CD  . LYS A 1 128 ? -6.310  5.536   -16.211 1.00 40.39 ? 210 LYS A CD  1 
ATOM   991  C  CE  . LYS A 1 128 ? -6.668  6.123   -17.606 1.00 42.63 ? 210 LYS A CE  1 
ATOM   992  N  NZ  . LYS A 1 128 ? -8.093  5.953   -18.004 1.00 45.84 ? 210 LYS A NZ  1 
ATOM   993  N  N   . TYR A 1 129 ? -1.138  5.222   -12.749 1.00 30.64 ? 211 TYR A N   1 
ATOM   994  C  CA  . TYR A 1 129 ? -0.588  4.878   -11.410 1.00 27.28 ? 211 TYR A CA  1 
ATOM   995  C  C   . TYR A 1 129 ? -1.107  5.758   -10.301 1.00 28.72 ? 211 TYR A C   1 
ATOM   996  O  O   . TYR A 1 129 ? -1.331  5.277   -9.163  1.00 26.40 ? 211 TYR A O   1 
ATOM   997  C  CB  . TYR A 1 129 ? 0.914   4.943   -11.436 1.00 28.03 ? 211 TYR A CB  1 
ATOM   998  C  CG  . TYR A 1 129 ? 1.521   4.026   -12.460 1.00 30.10 ? 211 TYR A CG  1 
ATOM   999  C  CD1 . TYR A 1 129 ? 1.536   2.647   -12.258 1.00 29.33 ? 211 TYR A CD1 1 
ATOM   1000 C  CD2 . TYR A 1 129 ? 2.109   4.539   -13.627 1.00 31.56 ? 211 TYR A CD2 1 
ATOM   1001 C  CE1 . TYR A 1 129 ? 2.120   1.794   -13.139 1.00 31.09 ? 211 TYR A CE1 1 
ATOM   1002 C  CE2 . TYR A 1 129 ? 2.680   3.655   -14.559 1.00 31.10 ? 211 TYR A CE2 1 
ATOM   1003 C  CZ  . TYR A 1 129 ? 2.679   2.305   -14.301 1.00 32.67 ? 211 TYR A CZ  1 
ATOM   1004 O  OH  . TYR A 1 129 ? 3.211   1.395   -15.179 1.00 33.81 ? 211 TYR A OH  1 
ATOM   1005 N  N   . ASN A 1 130 ? -1.260  7.058   -10.548 1.00 26.96 ? 212 ASN A N   1 
ATOM   1006 C  CA  . ASN A 1 130 ? -1.834  7.899   -9.499  1.00 26.93 ? 212 ASN A CA  1 
ATOM   1007 C  C   . ASN A 1 130 ? -3.205  7.429   -9.129  1.00 28.49 ? 212 ASN A C   1 
ATOM   1008 O  O   . ASN A 1 130 ? -3.525  7.391   -7.931  1.00 25.94 ? 212 ASN A O   1 
ATOM   1009 C  CB  . ASN A 1 130 ? -1.926  9.378   -9.915  1.00 27.67 ? 212 ASN A CB  1 
ATOM   1010 C  CG  . ASN A 1 130 ? -0.584  10.032  -10.010 1.00 24.65 ? 212 ASN A CG  1 
ATOM   1011 O  OD1 . ASN A 1 130 ? 0.213   10.082  -9.091  1.00 26.49 ? 212 ASN A OD1 1 
ATOM   1012 N  ND2 . ASN A 1 130 ? -0.292  10.587  -11.226 1.00 31.95 ? 212 ASN A ND2 1 
ATOM   1013 N  N   . GLU A 1 131 ? -4.048  7.129   -10.123 1.00 27.50 ? 213 GLU A N   1 
ATOM   1014 C  CA  . GLU A 1 131 ? -5.394  6.643   -9.820  1.00 28.05 ? 213 GLU A CA  1 
ATOM   1015 C  C   . GLU A 1 131 ? -5.373  5.284   -9.160  1.00 26.91 ? 213 GLU A C   1 
ATOM   1016 O  O   . GLU A 1 131 ? -6.221  4.990   -8.319  1.00 26.75 ? 213 GLU A O   1 
ATOM   1017 C  CB  . GLU A 1 131 ? -6.271  6.608   -11.098 1.00 30.47 ? 213 GLU A CB  1 
ATOM   1018 C  CG  . GLU A 1 131 ? -6.398  7.968   -11.671 1.00 32.10 ? 213 GLU A CG  1 
ATOM   1019 C  CD  . GLU A 1 131 ? -5.371  8.259   -12.771 1.00 32.90 ? 213 GLU A CD  1 
ATOM   1020 O  OE1 . GLU A 1 131 ? -4.270  7.651   -12.747 1.00 31.78 ? 213 GLU A OE1 1 
ATOM   1021 O  OE2 . GLU A 1 131 ? -5.680  9.118   -13.676 1.00 33.46 ? 213 GLU A OE2 1 
ATOM   1022 N  N   . ALA A 1 132 ? -4.433  4.421   -9.571  1.00 25.50 ? 214 ALA A N   1 
ATOM   1023 C  CA  . ALA A 1 132 ? -4.338  3.082   -9.025  1.00 25.10 ? 214 ALA A CA  1 
ATOM   1024 C  C   . ALA A 1 132 ? -4.116  3.162   -7.538  1.00 24.45 ? 214 ALA A C   1 
ATOM   1025 O  O   . ALA A 1 132 ? -4.805  2.509   -6.760  1.00 23.89 ? 214 ALA A O   1 
ATOM   1026 C  CB  . ALA A 1 132 ? -3.163  2.312   -9.676  1.00 26.56 ? 214 ALA A CB  1 
ATOM   1027 N  N   . VAL A 1 133 ? -3.149  3.968   -7.187  1.00 22.72 ? 215 VAL A N   1 
ATOM   1028 C  CA  . VAL A 1 133 ? -2.842  4.087   -5.768  1.00 22.05 ? 215 VAL A CA  1 
ATOM   1029 C  C   . VAL A 1 133 ? -3.904  4.876   -4.990  1.00 22.22 ? 215 VAL A C   1 
ATOM   1030 O  O   . VAL A 1 133 ? -4.318  4.466   -3.874  1.00 20.02 ? 215 VAL A O   1 
ATOM   1031 C  CB  . VAL A 1 133 ? -1.463  4.735   -5.602  1.00 22.39 ? 215 VAL A CB  1 
ATOM   1032 C  CG1 . VAL A 1 133 ? -1.202  5.079   -4.159  1.00 25.27 ? 215 VAL A CG1 1 
ATOM   1033 C  CG2 . VAL A 1 133 ? -0.379  3.769   -6.102  1.00 24.13 ? 215 VAL A CG2 1 
ATOM   1034 N  N   . TYR A 1 134 ? -4.360  6.034   -5.526  1.00 20.99 ? 216 TYR A N   1 
ATOM   1035 C  CA  . TYR A 1 134 ? -5.291  6.827   -4.758  1.00 20.34 ? 216 TYR A CA  1 
ATOM   1036 C  C   . TYR A 1 134 ? -6.672  6.105   -4.683  1.00 22.02 ? 216 TYR A C   1 
ATOM   1037 O  O   . TYR A 1 134 ? -7.312  6.090   -3.642  1.00 21.53 ? 216 TYR A O   1 
ATOM   1038 C  CB  . TYR A 1 134 ? -5.457  8.252   -5.354  1.00 22.26 ? 216 TYR A CB  1 
ATOM   1039 C  CG  . TYR A 1 134 ? -6.199  9.172   -4.397  1.00 23.84 ? 216 TYR A CG  1 
ATOM   1040 C  CD1 . TYR A 1 134 ? -5.525  9.740   -3.313  1.00 24.56 ? 216 TYR A CD1 1 
ATOM   1041 C  CD2 . TYR A 1 134 ? -7.568  9.450   -4.565  1.00 25.78 ? 216 TYR A CD2 1 
ATOM   1042 C  CE1 . TYR A 1 134 ? -6.197  10.586  -2.392  1.00 25.97 ? 216 TYR A CE1 1 
ATOM   1043 C  CE2 . TYR A 1 134 ? -8.213  10.302  -3.668  1.00 26.24 ? 216 TYR A CE2 1 
ATOM   1044 C  CZ  . TYR A 1 134 ? -7.518  10.852  -2.608  1.00 27.36 ? 216 TYR A CZ  1 
ATOM   1045 O  OH  . TYR A 1 134 ? -8.204  11.729  -1.798  1.00 29.53 ? 216 TYR A OH  1 
ATOM   1046 N  N   . SER A 1 135 ? -7.088  5.435   -5.767  1.00 22.02 ? 217 SER A N   1 
ATOM   1047 C  CA  . SER A 1 135 ? -8.373  4.780   -5.676  1.00 25.08 ? 217 SER A CA  1 
ATOM   1048 C  C   . SER A 1 135 ? -8.279  3.603   -4.712  1.00 23.71 ? 217 SER A C   1 
ATOM   1049 O  O   . SER A 1 135 ? -9.256  3.285   -4.002  1.00 23.88 ? 217 SER A O   1 
ATOM   1050 C  CB  . SER A 1 135 ? -8.919  4.318   -7.069  1.00 26.35 ? 217 SER A CB  1 
ATOM   1051 O  OG  . SER A 1 135 ? -8.176  3.300   -7.574  1.00 29.07 ? 217 SER A OG  1 
ATOM   1052 N  N   . SER A 1 136 ? -7.103  2.944   -4.680  1.00 21.90 ? 218 SER A N   1 
ATOM   1053 C  CA  . SER A 1 136 ? -6.957  1.797   -3.745  1.00 21.64 ? 218 SER A CA  1 
ATOM   1054 C  C   . SER A 1 136 ? -6.979  2.352   -2.328  1.00 20.74 ? 218 SER A C   1 
ATOM   1055 O  O   . SER A 1 136 ? -7.584  1.796   -1.440  1.00 21.91 ? 218 SER A O   1 
ATOM   1056 C  CB  . SER A 1 136 ? -5.637  1.063   -3.946  1.00 21.27 ? 218 SER A CB  1 
ATOM   1057 O  OG  . SER A 1 136 ? -5.619  0.386   -5.224  1.00 24.66 ? 218 SER A OG  1 
ATOM   1058 N  N   . ALA A 1 137 ? -6.285  3.472   -2.097  1.00 18.52 ? 219 ALA A N   1 
ATOM   1059 C  CA  . ALA A 1 137 ? -6.361  4.018   -0.737  1.00 19.23 ? 219 ALA A CA  1 
ATOM   1060 C  C   . ALA A 1 137 ? -7.787  4.357   -0.265  1.00 20.45 ? 219 ALA A C   1 
ATOM   1061 O  O   . ALA A 1 137 ? -8.176  4.068   0.885   1.00 22.14 ? 219 ALA A O   1 
ATOM   1062 C  CB  . ALA A 1 137 ? -5.437  5.280   -0.660  1.00 19.99 ? 219 ALA A CB  1 
ATOM   1063 N  N   . LYS A 1 138 ? -8.539  5.027   -1.132  1.00 22.02 ? 220 LYS A N   1 
ATOM   1064 C  CA  . LYS A 1 138 ? -9.902  5.404   -0.844  1.00 23.05 ? 220 LYS A CA  1 
ATOM   1065 C  C   . LYS A 1 138 ? -10.750 4.162   -0.571  1.00 23.23 ? 220 LYS A C   1 
ATOM   1066 O  O   . LYS A 1 138 ? -11.549 4.179   0.357   1.00 24.92 ? 220 LYS A O   1 
ATOM   1067 C  CB  . LYS A 1 138 ? -10.456 6.182   -2.047  1.00 25.80 ? 220 LYS A CB  1 
ATOM   1068 C  CG  . LYS A 1 138 ? -9.820  7.555   -2.164  1.00 30.77 ? 220 LYS A CG  1 
ATOM   1069 C  CD  . LYS A 1 138 ? -10.367 8.554   -1.111  1.00 36.66 ? 220 LYS A CD  1 
ATOM   1070 C  CE  . LYS A 1 138 ? -11.820 8.893   -1.377  1.00 38.46 ? 220 LYS A CE  1 
ATOM   1071 N  NZ  . LYS A 1 138 ? -12.156 10.111  -0.544  1.00 40.47 ? 220 LYS A NZ  1 
ATOM   1072 N  N   . ARG A 1 139 ? -10.554 3.092   -1.356  1.00 23.45 ? 221 ARG A N   1 
ATOM   1073 C  CA  . ARG A 1 139 ? -11.322 1.866   -1.160  1.00 22.99 ? 221 ARG A CA  1 
ATOM   1074 C  C   . ARG A 1 139 ? -10.999 1.175   0.175   1.00 23.16 ? 221 ARG A C   1 
ATOM   1075 O  O   . ARG A 1 139 ? -11.871 0.695   0.883   1.00 24.00 ? 221 ARG A O   1 
ATOM   1076 C  CB  . ARG A 1 139 ? -11.088 0.916   -2.350  1.00 24.38 ? 221 ARG A CB  1 
ATOM   1077 C  CG  . ARG A 1 139 ? -12.100 -0.205  -2.392  1.00 24.22 ? 221 ARG A CG  1 
ATOM   1078 C  CD  . ARG A 1 139 ? -11.859 -1.014  -3.656  1.00 27.42 ? 221 ARG A CD  1 
ATOM   1079 N  NE  . ARG A 1 139 ? -13.015 -1.903  -3.808  1.00 28.47 ? 221 ARG A NE  1 
ATOM   1080 C  CZ  . ARG A 1 139 ? -13.133 -2.813  -4.752  1.00 30.18 ? 221 ARG A CZ  1 
ATOM   1081 N  NH1 . ARG A 1 139 ? -12.176 -2.998  -5.640  1.00 31.00 ? 221 ARG A NH1 1 
ATOM   1082 N  NH2 . ARG A 1 139 ? -14.260 -3.542  -4.803  1.00 31.19 ? 221 ARG A NH2 1 
ATOM   1083 N  N   . LEU A 1 140 ? -9.727  1.161   0.552   1.00 21.97 ? 222 LEU A N   1 
ATOM   1084 C  CA  . LEU A 1 140 ? -9.343  0.535   1.829   1.00 20.50 ? 222 LEU A CA  1 
ATOM   1085 C  C   . LEU A 1 140 ? -9.893  1.421   2.965   1.00 20.94 ? 222 LEU A C   1 
ATOM   1086 O  O   . LEU A 1 140 ? -10.344 0.895   3.975   1.00 22.28 ? 222 LEU A O   1 
ATOM   1087 C  CB  . LEU A 1 140 ? -7.794  0.465   1.909   1.00 19.20 ? 222 LEU A CB  1 
ATOM   1088 C  CG  . LEU A 1 140 ? -7.237  -0.485  0.822   1.00 20.00 ? 222 LEU A CG  1 
ATOM   1089 C  CD1 . LEU A 1 140 ? -5.721  -0.290  0.709   1.00 21.19 ? 222 LEU A CD1 1 
ATOM   1090 C  CD2 . LEU A 1 140 ? -7.586  -1.962  1.182   1.00 23.20 ? 222 LEU A CD2 1 
ATOM   1091 N  N   . VAL A 1 141 ? -9.751  2.753   2.838   1.00 21.95 ? 223 VAL A N   1 
ATOM   1092 C  CA  . VAL A 1 141 ? -10.283 3.663   3.870   1.00 22.80 ? 223 VAL A CA  1 
ATOM   1093 C  C   . VAL A 1 141 ? -11.811 3.467   4.029   1.00 23.90 ? 223 VAL A C   1 
ATOM   1094 O  O   . VAL A 1 141 ? -12.294 3.349   5.153   1.00 25.14 ? 223 VAL A O   1 
ATOM   1095 C  CB  . VAL A 1 141 ? -9.986  5.078   3.495   1.00 22.95 ? 223 VAL A CB  1 
ATOM   1096 C  CG1 . VAL A 1 141 ? -10.782 6.045   4.359   1.00 24.39 ? 223 VAL A CG1 1 
ATOM   1097 C  CG2 . VAL A 1 141 ? -8.509  5.326   3.701   1.00 23.46 ? 223 VAL A CG2 1 
ATOM   1098 N  N   . ALA A 1 142 ? -12.522 3.336   2.919   1.00 26.22 ? 224 ALA A N   1 
ATOM   1099 C  CA  . ALA A 1 142 ? -13.982 3.123   3.005   1.00 28.03 ? 224 ALA A CA  1 
ATOM   1100 C  C   . ALA A 1 142 ? -14.289 1.827   3.778   1.00 27.59 ? 224 ALA A C   1 
ATOM   1101 O  O   . ALA A 1 142 ? -15.221 1.822   4.633   1.00 28.59 ? 224 ALA A O   1 
ATOM   1102 C  CB  . ALA A 1 142 ? -14.613 3.096   1.577   1.00 28.70 ? 224 ALA A CB  1 
ATOM   1103 N  N   . ALA A 1 143 ? -13.501 0.760   3.567   1.00 26.69 ? 225 ALA A N   1 
ATOM   1104 C  CA  . ALA A 1 143 ? -13.760 -0.516  4.290   1.00 26.51 ? 225 ALA A CA  1 
ATOM   1105 C  C   . ALA A 1 143 ? -13.500 -0.363  5.780   1.00 26.73 ? 225 ALA A C   1 
ATOM   1106 O  O   . ALA A 1 143 ? -14.311 -0.777  6.619   1.00 27.91 ? 225 ALA A O   1 
ATOM   1107 C  CB  . ALA A 1 143 ? -12.925 -1.627  3.758   1.00 26.22 ? 225 ALA A CB  1 
ATOM   1108 N  N   . ILE A 1 144 ? -12.378 0.302   6.116   1.00 25.71 ? 226 ILE A N   1 
ATOM   1109 C  CA  . ILE A 1 144 ? -12.039 0.506   7.495   1.00 25.48 ? 226 ILE A CA  1 
ATOM   1110 C  C   . ILE A 1 144 ? -13.148 1.321   8.182   1.00 27.26 ? 226 ILE A C   1 
ATOM   1111 O  O   . ILE A 1 144 ? -13.525 1.012   9.308   1.00 27.90 ? 226 ILE A O   1 
ATOM   1112 C  CB  . ILE A 1 144 ? -10.698 1.232   7.601   1.00 25.02 ? 226 ILE A CB  1 
ATOM   1113 C  CG1 . ILE A 1 144 ? -9.617  0.273   7.136   1.00 24.70 ? 226 ILE A CG1 1 
ATOM   1114 C  CG2 . ILE A 1 144 ? -10.451 1.751   9.055   1.00 25.32 ? 226 ILE A CG2 1 
ATOM   1115 C  CD1 . ILE A 1 144 ? -8.213  1.056   6.917   1.00 22.83 ? 226 ILE A CD1 1 
ATOM   1116 N  N   . ASP A 1 145 ? -13.678 2.323   7.487   1.00 27.90 ? 227 ASP A N   1 
ATOM   1117 C  CA  . ASP A 1 145 ? -14.710 3.186   8.069   1.00 30.37 ? 227 ASP A CA  1 
ATOM   1118 C  C   . ASP A 1 145 ? -16.130 2.627   7.961   1.00 31.72 ? 227 ASP A C   1 
ATOM   1119 O  O   . ASP A 1 145 ? -17.062 3.284   8.393   1.00 32.01 ? 227 ASP A O   1 
ATOM   1120 C  CB  . ASP A 1 145 ? -14.663 4.570   7.446   1.00 29.96 ? 227 ASP A CB  1 
ATOM   1121 C  CG  . ASP A 1 145 ? -13.461 5.336   7.908   1.00 32.91 ? 227 ASP A CG  1 
ATOM   1122 O  OD1 . ASP A 1 145 ? -13.072 5.179   9.104   1.00 32.04 ? 227 ASP A OD1 1 
ATOM   1123 O  OD2 . ASP A 1 145 ? -12.896 6.110   7.110   1.00 32.34 ? 227 ASP A OD2 1 
ATOM   1124 N  N   . GLY A 1 146 ? -16.272 1.428   7.425   1.00 33.27 ? 228 GLY A N   1 
ATOM   1125 C  CA  . GLY A 1 146 ? -17.615 0.863   7.299   1.00 35.52 ? 228 GLY A CA  1 
ATOM   1126 C  C   . GLY A 1 146 ? -18.516 1.639   6.390   1.00 37.65 ? 228 GLY A C   1 
ATOM   1127 O  O   . GLY A 1 146 ? -19.731 1.683   6.617   1.00 38.49 ? 228 GLY A O   1 
ATOM   1128 N  N   . GLN A 1 147 ? -17.950 2.260   5.368   1.00 37.43 ? 229 GLN A N   1 
ATOM   1129 C  CA  . GLN A 1 147 ? -18.698 3.008   4.393   1.00 38.97 ? 229 GLN A CA  1 
ATOM   1130 C  C   . GLN A 1 147 ? -19.006 2.128   3.185   1.00 39.61 ? 229 GLN A C   1 
ATOM   1131 O  O   . GLN A 1 147 ? -18.447 1.040   2.999   1.00 39.07 ? 229 GLN A O   1 
ATOM   1132 C  CB  . GLN A 1 147 ? -17.917 4.248   3.960   1.00 40.43 ? 229 GLN A CB  1 
ATOM   1133 C  CG  . GLN A 1 147 ? -17.695 5.207   5.107   1.00 43.69 ? 229 GLN A CG  1 
ATOM   1134 C  CD  . GLN A 1 147 ? -19.017 5.715   5.666   1.00 46.73 ? 229 GLN A CD  1 
ATOM   1135 O  OE1 . GLN A 1 147 ? -19.843 6.249   4.925   1.00 47.59 ? 229 GLN A OE1 1 
ATOM   1136 N  NE2 . GLN A 1 147 ? -19.220 5.544   6.977   1.00 48.65 ? 229 GLN A NE2 1 
ATOM   1137 N  N   . PRO A 1 148 ? -19.951 2.567   2.356   1.00 40.42 ? 230 PRO A N   1 
ATOM   1138 C  CA  . PRO A 1 148 ? -20.277 1.753   1.181   1.00 40.51 ? 230 PRO A CA  1 
ATOM   1139 C  C   . PRO A 1 148 ? -19.029 1.600   0.291   1.00 39.48 ? 230 PRO A C   1 
ATOM   1140 O  O   . PRO A 1 148 ? -18.325 2.577   0.074   1.00 39.82 ? 230 PRO A O   1 
ATOM   1141 C  CB  . PRO A 1 148 ? -21.384 2.574   0.498   1.00 41.32 ? 230 PRO A CB  1 
ATOM   1142 C  CG  . PRO A 1 148 ? -22.028 3.301   1.626   1.00 41.73 ? 230 PRO A CG  1 
ATOM   1143 C  CD  . PRO A 1 148 ? -20.888 3.688   2.536   1.00 40.57 ? 230 PRO A CD  1 
ATOM   1144 N  N   . ASP A 1 149 ? -18.781 0.390   -0.216  1.00 38.14 ? 231 ASP A N   1 
ATOM   1145 C  CA  . ASP A 1 149 ? -17.635 0.105   -1.081  1.00 39.13 ? 231 ASP A CA  1 
ATOM   1146 C  C   . ASP A 1 149 ? -17.685 0.873   -2.385  1.00 39.57 ? 231 ASP A C   1 
ATOM   1147 O  O   . ASP A 1 149 ? -18.668 0.776   -3.133  1.00 41.59 ? 231 ASP A O   1 
ATOM   1148 C  CB  . ASP A 1 149 ? -17.574 -1.381  -1.383  1.00 37.30 ? 231 ASP A CB  1 
ATOM   1149 C  CG  . ASP A 1 149 ? -16.395 -1.764  -2.280  1.00 38.00 ? 231 ASP A CG  1 
ATOM   1150 O  OD1 . ASP A 1 149 ? -15.340 -1.061  -2.268  1.00 36.85 ? 231 ASP A OD1 1 
ATOM   1151 O  OD2 . ASP A 1 149 ? -16.478 -2.791  -2.969  1.00 37.83 ? 231 ASP A OD2 1 
ATOM   1152 N  N   . PRO A 1 150 ? -16.654 1.676   -2.682  1.00 39.66 ? 232 PRO A N   1 
ATOM   1153 C  CA  . PRO A 1 150 ? -16.734 2.400   -3.948  1.00 40.93 ? 232 PRO A CA  1 
ATOM   1154 C  C   . PRO A 1 150 ? -16.581 1.478   -5.147  1.00 42.81 ? 232 PRO A C   1 
ATOM   1155 O  O   . PRO A 1 150 ? -16.909 1.859   -6.283  1.00 44.64 ? 232 PRO A O   1 
ATOM   1156 C  CB  . PRO A 1 150 ? -15.626 3.454   -3.834  1.00 40.29 ? 232 PRO A CB  1 
ATOM   1157 C  CG  . PRO A 1 150 ? -14.673 2.850   -2.811  1.00 39.09 ? 232 PRO A CG  1 
ATOM   1158 C  CD  . PRO A 1 150 ? -15.534 2.145   -1.839  1.00 38.35 ? 232 PRO A CD  1 
ATOM   1159 N  N   . GLY A 1 151 ? -16.117 0.257   -4.893  1.00 43.44 ? 233 GLY A N   1 
ATOM   1160 C  CA  . GLY A 1 151 ? -15.944 -0.705  -5.956  1.00 43.91 ? 233 GLY A CA  1 
ATOM   1161 C  C   . GLY A 1 151 ? -14.653 -0.525  -6.732  1.00 44.68 ? 233 GLY A C   1 
ATOM   1162 O  O   . GLY A 1 151 ? -13.882 0.411   -6.489  1.00 43.57 ? 233 GLY A O   1 
ATOM   1163 N  N   . GLY A 1 152 ? -14.423 -1.439  -7.677  1.00 44.69 ? 234 GLY A N   1 
ATOM   1164 C  CA  . GLY A 1 152 ? -13.220 -1.383  -8.486  1.00 45.46 ? 234 GLY A CA  1 
ATOM   1165 C  C   . GLY A 1 152 ? -13.377 -0.491  -9.700  1.00 46.68 ? 234 GLY A C   1 
ATOM   1166 O  O   . GLY A 1 152 ? -14.451 0.053   -9.942  1.00 47.54 ? 234 GLY A O   1 
ATOM   1167 N  N   . PRO A 1 153 ? -12.317 -0.291  -10.473 1.00 47.34 ? 235 PRO A N   1 
ATOM   1168 C  CA  . PRO A 1 153 ? -12.471 0.568   -11.647 1.00 47.79 ? 235 PRO A CA  1 
ATOM   1169 C  C   . PRO A 1 153 ? -13.124 -0.259  -12.752 1.00 48.42 ? 235 PRO A C   1 
ATOM   1170 O  O   . PRO A 1 153 ? -13.022 -1.509  -12.679 1.00 49.11 ? 235 PRO A O   1 
ATOM   1171 C  CB  . PRO A 1 153 ? -11.040 0.932   -11.981 1.00 47.62 ? 235 PRO A CB  1 
ATOM   1172 C  CG  . PRO A 1 153 ? -10.316 -0.344  -11.623 1.00 47.48 ? 235 PRO A CG  1 
ATOM   1173 C  CD  . PRO A 1 153 ? -10.923 -0.727  -10.308 1.00 47.29 ? 235 PRO A CD  1 
ATOM   1174 O  OXT . PRO A 1 153 ? -13.691 0.351   -13.680 1.00 48.90 ? 235 PRO A OXT 1 
HETATM 1175 CA CA  . CA  B 2 .   ? 11.831  1.028   -8.735  1.00 53.32 ? 300 CA  A CA  1 
HETATM 1176 C  C1  . GOL C 3 .   ? 18.437  -3.247  5.229   1.00 51.55 ? 303 GOL A C1  1 
HETATM 1177 O  O1  . GOL C 3 .   ? 18.778  -2.575  6.448   1.00 46.47 ? 303 GOL A O1  1 
HETATM 1178 C  C2  . GOL C 3 .   ? 19.275  -4.516  5.042   1.00 52.43 ? 303 GOL A C2  1 
HETATM 1179 O  O2  . GOL C 3 .   ? 19.093  -5.379  6.167   1.00 55.03 ? 303 GOL A O2  1 
HETATM 1180 C  C3  . GOL C 3 .   ? 18.814  -5.264  3.790   1.00 54.11 ? 303 GOL A C3  1 
HETATM 1181 O  O3  . GOL C 3 .   ? 17.511  -5.805  4.023   1.00 53.82 ? 303 GOL A O3  1 
HETATM 1182 C  C1  . GOL D 3 .   ? -5.551  12.190  -6.080  1.00 37.35 ? 304 GOL A C1  1 
HETATM 1183 O  O1  . GOL D 3 .   ? -4.498  13.067  -6.490  1.00 34.08 ? 304 GOL A O1  1 
HETATM 1184 C  C2  . GOL D 3 .   ? -6.256  11.604  -7.306  1.00 38.47 ? 304 GOL A C2  1 
HETATM 1185 O  O2  . GOL D 3 .   ? -6.971  12.635  -7.992  1.00 40.44 ? 304 GOL A O2  1 
HETATM 1186 C  C3  . GOL D 3 .   ? -5.236  10.945  -8.237  1.00 37.94 ? 304 GOL A C3  1 
HETATM 1187 O  O3  . GOL D 3 .   ? -5.906  10.437  -9.397  1.00 36.95 ? 304 GOL A O3  1 
HETATM 1188 C  C1  . GOL E 3 .   ? 6.517   2.429   -14.725 1.00 54.75 ? 305 GOL A C1  1 
HETATM 1189 O  O1  . GOL E 3 .   ? 7.431   2.212   -13.647 1.00 53.28 ? 305 GOL A O1  1 
HETATM 1190 C  C2  . GOL E 3 .   ? 7.024   1.615   -15.916 1.00 55.25 ? 305 GOL A C2  1 
HETATM 1191 O  O2  . GOL E 3 .   ? 8.379   1.995   -16.162 1.00 57.47 ? 305 GOL A O2  1 
HETATM 1192 C  C3  . GOL E 3 .   ? 6.985   0.132   -15.541 1.00 55.80 ? 305 GOL A C3  1 
HETATM 1193 O  O3  . GOL E 3 .   ? 7.497   -0.644  -16.626 1.00 55.39 ? 305 GOL A O3  1 
HETATM 1194 C  C1  . GOL F 3 .   ? 7.939   0.079   14.236  1.00 58.78 ? 306 GOL A C1  1 
HETATM 1195 O  O1  . GOL F 3 .   ? 9.297   0.291   13.844  1.00 57.33 ? 306 GOL A O1  1 
HETATM 1196 C  C2  . GOL F 3 .   ? 7.337   1.326   14.890  1.00 59.08 ? 306 GOL A C2  1 
HETATM 1197 O  O2  . GOL F 3 .   ? 7.368   2.425   13.976  1.00 60.15 ? 306 GOL A O2  1 
HETATM 1198 C  C3  . GOL F 3 .   ? 5.880   1.019   15.244  1.00 59.32 ? 306 GOL A C3  1 
HETATM 1199 O  O3  . GOL F 3 .   ? 5.217   2.195   15.715  1.00 58.79 ? 306 GOL A O3  1 
HETATM 1200 C  C1  . GOL G 3 .   ? -8.699  -0.897  14.922  1.00 55.96 ? 307 GOL A C1  1 
HETATM 1201 O  O1  . GOL G 3 .   ? -7.386  -1.055  15.467  1.00 56.82 ? 307 GOL A O1  1 
HETATM 1202 C  C2  . GOL G 3 .   ? -9.413  -2.249  14.846  1.00 55.44 ? 307 GOL A C2  1 
HETATM 1203 O  O2  . GOL G 3 .   ? -10.723 -2.076  14.298  1.00 56.96 ? 307 GOL A O2  1 
HETATM 1204 C  C3  . GOL G 3 .   ? -8.606  -3.187  13.944  1.00 54.45 ? 307 GOL A C3  1 
HETATM 1205 O  O3  . GOL G 3 .   ? -9.327  -4.397  13.705  1.00 50.44 ? 307 GOL A O3  1 
HETATM 1206 C  C1  . GOL H 3 .   ? -2.551  -10.570 -0.846  1.00 50.23 ? 308 GOL A C1  1 
HETATM 1207 O  O1  . GOL H 3 .   ? -2.082  -9.383  -1.492  1.00 44.05 ? 308 GOL A O1  1 
HETATM 1208 C  C2  . GOL H 3 .   ? -4.080  -10.576 -0.875  1.00 51.22 ? 308 GOL A C2  1 
HETATM 1209 O  O2  . GOL H 3 .   ? -4.569  -11.715 -0.162  1.00 54.20 ? 308 GOL A O2  1 
HETATM 1210 C  C3  . GOL H 3 .   ? -4.589  -9.312  -0.181  1.00 50.92 ? 308 GOL A C3  1 
HETATM 1211 O  O3  . GOL H 3 .   ? -4.165  -9.333  1.186   1.00 50.44 ? 308 GOL A O3  1 
HETATM 1212 C  C1  . GOL I 3 .   ? 1.813   11.888  10.986  1.00 54.00 ? 309 GOL A C1  1 
HETATM 1213 O  O1  . GOL I 3 .   ? 2.251   10.961  11.981  1.00 55.88 ? 309 GOL A O1  1 
HETATM 1214 C  C2  . GOL I 3 .   ? 0.384   12.321  11.318  1.00 51.27 ? 309 GOL A C2  1 
HETATM 1215 O  O2  . GOL I 3 .   ? -0.031  13.314  10.375  1.00 53.62 ? 309 GOL A O2  1 
HETATM 1216 C  C3  . GOL I 3 .   ? -0.545  11.102  11.270  1.00 49.53 ? 309 GOL A C3  1 
HETATM 1217 O  O3  . GOL I 3 .   ? -1.863  11.424  11.724  1.00 37.70 ? 309 GOL A O3  1 
HETATM 1218 C  C1  . GOL J 3 .   ? 1.976   -10.358 10.700  1.00 44.65 ? 310 GOL A C1  1 
HETATM 1219 O  O1  . GOL J 3 .   ? 0.742   -10.988 11.056  1.00 45.19 ? 310 GOL A O1  1 
HETATM 1220 C  C2  . GOL J 3 .   ? 2.626   -11.105 9.534   1.00 42.76 ? 310 GOL A C2  1 
HETATM 1221 O  O2  . GOL J 3 .   ? 3.120   -12.372 9.987   1.00 37.19 ? 310 GOL A O2  1 
HETATM 1222 C  C3  . GOL J 3 .   ? 1.541   -11.273 8.467   1.00 43.79 ? 310 GOL A C3  1 
HETATM 1223 O  O3  . GOL J 3 .   ? 2.117   -11.853 7.295   1.00 48.07 ? 310 GOL A O3  1 
HETATM 1224 O  O   . HOH K 4 .   ? 13.284  4.192   0.477   1.00 33.89 ? 1   HOH A O   1 
HETATM 1225 O  O   . HOH K 4 .   ? -12.344 12.780  7.671   1.00 39.76 ? 2   HOH A O   1 
HETATM 1226 O  O   . HOH K 4 .   ? 8.114   -12.862 2.910   1.00 38.23 ? 3   HOH A O   1 
HETATM 1227 O  O   . HOH K 4 .   ? -16.546 -0.920  2.121   1.00 34.21 ? 4   HOH A O   1 
HETATM 1228 O  O   . HOH K 4 .   ? -13.129 6.463   0.816   1.00 31.89 ? 5   HOH A O   1 
HETATM 1229 O  O   . HOH K 4 .   ? 11.782  2.768   2.636   1.00 29.42 ? 6   HOH A O   1 
HETATM 1230 O  O   . HOH K 4 .   ? -2.356  -7.637  -8.530  1.00 30.45 ? 7   HOH A O   1 
HETATM 1231 O  O   . HOH K 4 .   ? 19.265  3.047   1.589   1.00 27.96 ? 8   HOH A O   1 
HETATM 1232 O  O   . HOH K 4 .   ? -14.512 -0.490  0.353   1.00 28.38 ? 9   HOH A O   1 
HETATM 1233 O  O   . HOH K 4 .   ? 4.831   15.890  -10.052 1.00 38.94 ? 10  HOH A O   1 
HETATM 1234 O  O   . HOH K 4 .   ? 11.154  6.004   3.750   1.00 36.42 ? 11  HOH A O   1 
HETATM 1235 O  O   . HOH K 4 .   ? -11.979 3.857   -4.592  1.00 32.05 ? 12  HOH A O   1 
HETATM 1236 O  O   . HOH K 4 .   ? -8.926  6.446   17.539  1.00 38.09 ? 13  HOH A O   1 
HETATM 1237 O  O   . HOH K 4 .   ? -6.938  13.393  -0.113  1.00 33.05 ? 14  HOH A O   1 
HETATM 1238 O  O   . HOH K 4 .   ? 14.071  -4.784  11.417  1.00 35.54 ? 15  HOH A O   1 
HETATM 1239 O  O   . HOH K 4 .   ? -13.649 -6.448  3.358   1.00 37.88 ? 16  HOH A O   1 
HETATM 1240 O  O   . HOH K 4 .   ? 2.123   17.344  -9.283  1.00 30.94 ? 17  HOH A O   1 
HETATM 1241 O  O   . HOH K 4 .   ? -17.569 5.332   -0.264  1.00 55.00 ? 18  HOH A O   1 
HETATM 1242 O  O   . HOH K 4 .   ? 3.965   15.848  -2.395  1.00 43.39 ? 19  HOH A O   1 
HETATM 1243 O  O   . HOH K 4 .   ? -1.368  -10.044 10.050  1.00 35.77 ? 20  HOH A O   1 
HETATM 1244 O  O   . HOH K 4 .   ? 9.214   8.439   1.282   1.00 50.21 ? 21  HOH A O   1 
HETATM 1245 O  O   . HOH K 4 .   ? -11.730 9.683   4.413   1.00 37.60 ? 22  HOH A O   1 
HETATM 1246 O  O   . HOH K 4 .   ? -14.898 6.491   -1.246  1.00 48.29 ? 23  HOH A O   1 
HETATM 1247 O  O   . HOH K 4 .   ? 10.842  -11.500 6.639   1.00 43.53 ? 24  HOH A O   1 
HETATM 1248 O  O   . HOH K 4 .   ? -3.922  -11.443 10.444  1.00 43.40 ? 25  HOH A O   1 
HETATM 1249 O  O   . HOH K 4 .   ? -1.885  10.561  14.180  1.00 37.83 ? 26  HOH A O   1 
HETATM 1250 O  O   . HOH K 4 .   ? 9.021   -7.774  -10.760 1.00 39.55 ? 27  HOH A O   1 
HETATM 1251 O  O   . HOH K 4 .   ? -12.251 8.898   1.822   1.00 38.67 ? 28  HOH A O   1 
HETATM 1252 O  O   . HOH K 4 .   ? 16.655  3.594   8.397   1.00 35.25 ? 29  HOH A O   1 
HETATM 1253 O  O   . HOH K 4 .   ? -0.281  16.774  1.979   1.00 50.96 ? 30  HOH A O   1 
HETATM 1254 O  O   . HOH K 4 .   ? -13.871 8.408   12.200  1.00 39.32 ? 31  HOH A O   1 
HETATM 1255 O  O   . HOH K 4 .   ? -13.997 7.407   5.197   1.00 40.98 ? 32  HOH A O   1 
HETATM 1256 O  O   . HOH K 4 .   ? 15.994  3.353   -4.731  1.00 40.51 ? 33  HOH A O   1 
HETATM 1257 O  O   . HOH K 4 .   ? 12.890  -1.588  -9.407  1.00 43.60 ? 34  HOH A O   1 
HETATM 1258 O  O   . HOH K 4 .   ? 13.196  4.551   -2.377  1.00 43.16 ? 35  HOH A O   1 
HETATM 1259 O  O   . HOH K 4 .   ? 8.407   8.704   -2.358  1.00 39.94 ? 36  HOH A O   1 
HETATM 1260 O  O   . HOH K 4 .   ? -9.436  1.685   14.816  1.00 44.92 ? 37  HOH A O   1 
HETATM 1261 O  O   . HOH K 4 .   ? 17.434  -0.670  -8.426  1.00 48.42 ? 38  HOH A O   1 
HETATM 1262 O  O   . HOH K 4 .   ? -1.054  8.393   -13.070 1.00 39.80 ? 39  HOH A O   1 
HETATM 1263 O  O   . HOH K 4 .   ? -14.679 -4.148  6.618   1.00 48.32 ? 40  HOH A O   1 
HETATM 1264 O  O   . HOH K 4 .   ? 11.320  6.598   -3.186  1.00 41.25 ? 41  HOH A O   1 
HETATM 1265 O  O   . HOH K 4 .   ? -2.546  16.138  7.036   1.00 45.98 ? 42  HOH A O   1 
HETATM 1266 O  O   . HOH K 4 .   ? 9.868   3.380   -13.062 1.00 40.94 ? 43  HOH A O   1 
HETATM 1267 O  O   . HOH K 4 .   ? 10.239  -9.584  12.386  1.00 46.90 ? 44  HOH A O   1 
HETATM 1268 O  O   . HOH K 4 .   ? 14.012  -0.807  8.073   1.00 46.96 ? 45  HOH A O   1 
HETATM 1269 O  O   . HOH K 4 .   ? -8.873  13.639  2.097   1.00 50.10 ? 46  HOH A O   1 
HETATM 1270 O  O   . HOH K 4 .   ? 0.792   -1.365  16.221  1.00 41.92 ? 47  HOH A O   1 
HETATM 1271 O  O   . HOH K 4 .   ? 11.991  -8.864  6.583   1.00 31.37 ? 48  HOH A O   1 
HETATM 1272 O  O   . HOH K 4 .   ? 15.056  -8.919  5.126   1.00 58.36 ? 49  HOH A O   1 
HETATM 1273 O  O   . HOH K 4 .   ? 4.098   14.427  0.458   1.00 62.37 ? 50  HOH A O   1 
HETATM 1274 O  O   . HOH K 4 .   ? 2.121   19.721  -3.459  1.00 57.28 ? 51  HOH A O   1 
HETATM 1275 O  O   . HOH K 4 .   ? -1.795  -1.770  17.937  1.00 47.76 ? 52  HOH A O   1 
HETATM 1276 O  O   . HOH K 4 .   ? 10.009  -9.467  -12.766 1.00 49.14 ? 53  HOH A O   1 
HETATM 1277 O  O   . HOH K 4 .   ? -10.857 12.276  -1.775  1.00 49.65 ? 54  HOH A O   1 
HETATM 1278 O  O   . HOH K 4 .   ? -1.285  -10.540 -3.711  1.00 47.02 ? 55  HOH A O   1 
HETATM 1279 O  O   . HOH K 4 .   ? 1.708   -11.558 -4.987  1.00 38.77 ? 56  HOH A O   1 
HETATM 1280 O  O   . HOH K 4 .   ? 21.657  1.956   -1.710  1.00 45.20 ? 57  HOH A O   1 
HETATM 1281 O  O   . HOH K 4 .   ? 22.294  -0.116  -3.129  1.00 51.72 ? 58  HOH A O   1 
HETATM 1282 O  O   . HOH K 4 .   ? -6.693  15.392  5.824   1.00 43.26 ? 59  HOH A O   1 
HETATM 1283 O  O   . HOH K 4 .   ? 13.018  -9.074  9.021   1.00 48.10 ? 60  HOH A O   1 
HETATM 1284 O  O   . HOH K 4 .   ? -14.283 -9.894  4.252   1.00 49.18 ? 61  HOH A O   1 
HETATM 1285 O  O   . HOH K 4 .   ? -13.624 -8.497  -6.283  1.00 72.54 ? 62  HOH A O   1 
HETATM 1286 O  O   . HOH K 4 .   ? -13.219 6.194   -4.214  1.00 56.70 ? 63  HOH A O   1 
HETATM 1287 O  O   . HOH K 4 .   ? -14.868 6.376   2.956   1.00 44.60 ? 64  HOH A O   1 
HETATM 1288 O  O   . HOH K 4 .   ? -2.753  18.009  -1.603  1.00 43.89 ? 65  HOH A O   1 
HETATM 1289 O  O   . HOH K 4 .   ? -6.705  -10.381 11.405  1.00 44.11 ? 66  HOH A O   1 
HETATM 1290 O  O   . HOH K 4 .   ? -9.274  -10.611 10.821  1.00 60.57 ? 67  HOH A O   1 
HETATM 1291 O  O   . HOH K 4 .   ? 12.049  -4.735  18.139  1.00 61.14 ? 68  HOH A O   1 
HETATM 1292 O  O   . HOH K 4 .   ? -4.881  -7.406  16.874  1.00 46.68 ? 69  HOH A O   1 
HETATM 1293 O  O   . HOH K 4 .   ? -7.027  -7.942  15.791  1.00 43.26 ? 70  HOH A O   1 
HETATM 1294 O  O   . HOH K 4 .   ? -13.744 -1.801  10.040  1.00 43.89 ? 71  HOH A O   1 
HETATM 1295 O  O   . HOH K 4 .   ? -1.650  -10.839 5.308   1.00 45.15 ? 72  HOH A O   1 
HETATM 1296 O  O   . HOH K 4 .   ? -4.023  18.071  7.987   1.00 57.60 ? 73  HOH A O   1 
HETATM 1297 O  O   . HOH K 4 .   ? 9.669   -1.034  -17.070 1.00 56.88 ? 74  HOH A O   1 
HETATM 1298 O  O   . HOH K 4 .   ? 4.481   2.528   -17.442 1.00 46.77 ? 75  HOH A O   1 
HETATM 1299 O  O   . HOH K 4 .   ? 2.089   8.424   -13.592 1.00 43.18 ? 76  HOH A O   1 
HETATM 1300 O  O   . HOH K 4 .   ? 14.362  -2.320  13.546  1.00 60.17 ? 77  HOH A O   1 
HETATM 1301 O  O   . HOH K 4 .   ? 3.480   3.672   15.172  1.00 53.86 ? 78  HOH A O   1 
HETATM 1302 O  O   . HOH K 4 .   ? -1.034  5.505   15.056  1.00 58.51 ? 79  HOH A O   1 
HETATM 1303 O  O   . HOH K 4 .   ? -1.532  -7.943  -13.592 1.00 51.47 ? 80  HOH A O   1 
HETATM 1304 O  O   . HOH K 4 .   ? -6.473  -2.127  -17.749 1.00 50.26 ? 81  HOH A O   1 
HETATM 1305 O  O   . HOH K 4 .   ? -16.602 -3.779  3.111   1.00 51.92 ? 82  HOH A O   1 
HETATM 1306 O  O   . HOH K 4 .   ? -13.883 -6.681  15.071  1.00 56.80 ? 236 HOH A O   1 
HETATM 1307 O  O   . HOH K 4 .   ? -2.934  8.021   15.682  1.00 37.92 ? 237 HOH A O   1 
HETATM 1308 O  O   . HOH K 4 .   ? 18.410  -6.399  -2.748  1.00 53.60 ? 238 HOH A O   1 
HETATM 1309 O  O   . HOH K 4 .   ? 17.657  -6.717  0.397   1.00 62.65 ? 239 HOH A O   1 
HETATM 1310 O  O   . HOH K 4 .   ? 14.291  -8.438  -1.061  1.00 52.04 ? 240 HOH A O   1 
HETATM 1311 O  O   . HOH K 4 .   ? 16.229  3.255   10.828  1.00 51.69 ? 241 HOH A O   1 
HETATM 1312 O  O   . HOH K 4 .   ? 10.845  -12.068 11.888  1.00 54.19 ? 242 HOH A O   1 
HETATM 1313 O  O   . HOH K 4 .   ? 8.315   -6.541  21.551  1.00 62.12 ? 243 HOH A O   1 
HETATM 1314 O  O   . HOH K 4 .   ? 12.017  6.169   1.382   1.00 48.55 ? 244 HOH A O   1 
HETATM 1315 O  O   . HOH K 4 .   ? -11.348 -10.492 -5.568  1.00 50.03 ? 245 HOH A O   1 
HETATM 1316 O  O   . HOH K 4 .   ? -6.234  17.258  -6.065  1.00 53.90 ? 246 HOH A O   1 
HETATM 1317 O  O   . HOH K 4 .   ? 10.803  5.884   -14.572 1.00 57.29 ? 247 HOH A O   1 
HETATM 1318 O  O   . HOH K 4 .   ? 2.647   10.955  0.481   1.00 48.75 ? 248 HOH A O   1 
HETATM 1319 O  O   . HOH K 4 .   ? 1.767   13.589  8.313   1.00 67.53 ? 249 HOH A O   1 
HETATM 1320 O  O   . HOH K 4 .   ? 8.828   -12.774 6.642   1.00 53.61 ? 250 HOH A O   1 
HETATM 1321 O  O   . HOH K 4 .   ? -13.021 4.368   -8.519  1.00 61.80 ? 251 HOH A O   1 
HETATM 1322 O  O   . HOH K 4 .   ? -10.768 5.170   -14.539 1.00 52.58 ? 252 HOH A O   1 
HETATM 1323 O  O   . HOH K 4 .   ? -9.582  14.081  4.929   1.00 66.29 ? 253 HOH A O   1 
HETATM 1324 O  O   . HOH K 4 .   ? 12.147  0.015   11.686  1.00 52.20 ? 254 HOH A O   1 
HETATM 1325 O  O   . HOH K 4 .   ? 7.047   16.708  5.048   1.00 55.31 ? 255 HOH A O   1 
HETATM 1326 O  O   . HOH K 4 .   ? 10.002  1.208   17.050  1.00 64.21 ? 256 HOH A O   1 
HETATM 1327 O  O   . HOH K 4 .   ? 10.897  9.278   -3.375  1.00 72.35 ? 257 HOH A O   1 
HETATM 1328 O  O   . HOH K 4 .   ? -5.670  -5.580  -16.808 1.00 66.92 ? 258 HOH A O   1 
HETATM 1329 O  O   . HOH K 4 .   ? 14.769  -10.793 -12.302 1.00 62.34 ? 259 HOH A O   1 
HETATM 1330 O  O   . HOH K 4 .   ? -1.139  -9.771  -7.552  1.00 64.40 ? 260 HOH A O   1 
HETATM 1331 O  O   . HOH K 4 .   ? -11.341 8.199   -5.602  1.00 50.92 ? 261 HOH A O   1 
HETATM 1332 O  O   . HOH K 4 .   ? 0.518   1.674   17.570  1.00 61.08 ? 262 HOH A O   1 
HETATM 1333 O  O   . HOH K 4 .   ? 3.169   -7.749  -17.180 1.00 59.45 ? 263 HOH A O   1 
HETATM 1334 O  O   . HOH K 4 .   ? 10.362  8.063   -1.102  1.00 57.75 ? 264 HOH A O   1 
HETATM 1335 O  O   . HOH K 4 .   ? 5.676   -14.280 3.549   1.00 54.53 ? 265 HOH A O   1 
HETATM 1336 O  O   . HOH K 4 .   ? -2.241  -12.006 -8.050  1.00 64.63 ? 266 HOH A O   1 
HETATM 1337 O  O   . HOH K 4 .   ? 5.320   -6.814  20.521  1.00 31.16 ? 267 HOH A O   1 
HETATM 1338 O  O   . HOH K 4 .   ? -12.329 -9.784  -8.564  1.00 63.98 ? 268 HOH A O   1 
HETATM 1339 O  O   . HOH K 4 .   ? -8.361  -5.730  15.967  1.00 58.46 ? 269 HOH A O   1 
HETATM 1340 O  O   . HOH K 4 .   ? -4.512  -6.458  -20.018 1.00 53.90 ? 270 HOH A O   1 
HETATM 1341 O  O   . HOH K 4 .   ? 6.820   10.095  -0.676  1.00 61.91 ? 271 HOH A O   1 
HETATM 1342 O  O   . HOH K 4 .   ? 13.372  -14.412 -4.110  1.00 63.95 ? 272 HOH A O   1 
HETATM 1343 O  O   . HOH K 4 .   ? 7.131   -10.171 -9.943  1.00 59.80 ? 273 HOH A O   1 
HETATM 1344 O  O   . HOH K 4 .   ? 1.244   3.682   15.461  1.00 54.22 ? 274 HOH A O   1 
HETATM 1345 O  O   . HOH K 4 .   ? -8.220  2.719   -17.126 1.00 58.07 ? 275 HOH A O   1 
HETATM 1346 O  O   . HOH K 4 .   ? -14.895 1.646   -15.537 1.00 67.89 ? 276 HOH A O   1 
HETATM 1347 O  O   . HOH K 4 .   ? -14.138 2.535   -18.866 1.00 58.57 ? 277 HOH A O   1 
HETATM 1348 O  O   . HOH K 4 .   ? -10.123 7.085   -10.369 1.00 51.49 ? 278 HOH A O   1 
HETATM 1349 O  O   . HOH K 4 .   ? 3.020   0.076   21.728  1.00 56.18 ? 279 HOH A O   1 
HETATM 1350 O  O   . HOH K 4 .   ? 1.384   7.285   -16.696 1.00 43.74 ? 280 HOH A O   1 
HETATM 1351 O  O   . HOH K 4 .   ? -17.960 -5.393  -2.238  1.00 57.38 ? 281 HOH A O   1 
HETATM 1352 O  O   . HOH K 4 .   ? 2.416   5.093   12.968  1.00 53.62 ? 282 HOH A O   1 
HETATM 1353 O  O   . HOH K 4 .   ? 9.948   3.747   -17.167 1.00 63.41 ? 283 HOH A O   1 
HETATM 1354 O  O   . HOH K 4 .   ? 14.498  0.134   -12.478 1.00 62.93 ? 284 HOH A O   1 
HETATM 1355 O  O   . HOH K 4 .   ? 21.753  -2.515  -4.002  1.00 65.79 ? 285 HOH A O   1 
HETATM 1356 O  O   . HOH K 4 .   ? -6.873  -10.913 15.045  1.00 62.67 ? 286 HOH A O   1 
HETATM 1357 O  O   . HOH K 4 .   ? 14.976  -6.657  15.793  1.00 61.84 ? 287 HOH A O   1 
HETATM 1358 O  O   . HOH K 4 .   ? -3.025  -11.636 -5.510  1.00 56.38 ? 288 HOH A O   1 
HETATM 1359 O  O   . HOH K 4 .   ? 5.042   16.501  7.410   1.00 63.55 ? 289 HOH A O   1 
HETATM 1360 O  O   . HOH K 4 .   ? -12.084 1.593   14.705  1.00 65.66 ? 290 HOH A O   1 
HETATM 1361 O  O   . HOH K 4 .   ? 20.185  -10.138 -8.538  1.00 60.88 ? 291 HOH A O   1 
HETATM 1362 O  O   . HOH K 4 .   ? 17.477  -18.071 -11.048 1.00 49.82 ? 292 HOH A O   1 
HETATM 1363 O  O   . HOH K 4 .   ? -0.638  -14.934 -0.986  1.00 61.49 ? 293 HOH A O   1 
HETATM 1364 O  O   . HOH K 4 .   ? 0.610   -14.425 -4.103  1.00 68.29 ? 294 HOH A O   1 
HETATM 1365 O  O   . HOH K 4 .   ? 5.351   -17.381 0.086   1.00 63.51 ? 295 HOH A O   1 
HETATM 1366 O  O   . HOH K 4 .   ? 1.854   -16.371 2.071   1.00 63.06 ? 296 HOH A O   1 
HETATM 1367 O  O   . HOH K 4 .   ? 9.587   1.185   -19.412 1.00 57.72 ? 297 HOH A O   1 
HETATM 1368 O  O   . HOH K 4 .   ? -11.243 -15.842 -0.497  1.00 63.78 ? 298 HOH A O   1 
HETATM 1369 O  O   . HOH K 4 .   ? -11.871 -13.727 -2.882  1.00 65.64 ? 299 HOH A O   1 
HETATM 1370 O  O   . HOH K 4 .   ? -15.365 -6.580  -5.907  1.00 52.54 ? 301 HOH A O   1 
HETATM 1371 O  O   . HOH K 4 .   ? -8.337  7.822   -15.882 1.00 58.23 ? 302 HOH A O   1 
HETATM 1372 O  O   . HOH K 4 .   ? 8.294   10.303  -7.239  1.00 55.35 ? 311 HOH A O   1 
HETATM 1373 O  O   . HOH K 4 .   ? 1.745   20.780  -5.738  1.00 66.28 ? 312 HOH A O   1 
HETATM 1374 O  O   . HOH K 4 .   ? -11.453 15.850  -2.686  1.00 55.17 ? 313 HOH A O   1 
HETATM 1375 O  O   . HOH K 4 .   ? 13.524  4.609   -10.192 1.00 63.36 ? 314 HOH A O   1 
HETATM 1376 O  O   . HOH K 4 .   ? 12.175  -8.366  11.481  1.00 53.12 ? 315 HOH A O   1 
HETATM 1377 O  O   . HOH K 4 .   ? -6.479  -2.846  18.852  1.00 55.15 ? 316 HOH A O   1 
HETATM 1378 O  O   . HOH K 4 .   ? -1.839  -6.210  -17.359 1.00 50.70 ? 317 HOH A O   1 
HETATM 1379 O  O   . HOH K 4 .   ? 0.829   -0.911  -20.043 1.00 54.57 ? 318 HOH A O   1 
HETATM 1380 O  O   . HOH K 4 .   ? 6.273   4.421   18.009  1.00 65.07 ? 319 HOH A O   1 
HETATM 1381 O  O   . HOH K 4 .   ? -14.601 10.446  8.351   1.00 59.64 ? 320 HOH A O   1 
HETATM 1382 O  O   . HOH K 4 .   ? 5.609   -14.334 -9.389  1.00 55.04 ? 321 HOH A O   1 
HETATM 1383 O  O   . HOH K 4 .   ? -12.272 -6.009  -12.971 1.00 61.34 ? 322 HOH A O   1 
HETATM 1384 O  O   . HOH K 4 .   ? -10.902 -4.948  -17.101 1.00 63.88 ? 323 HOH A O   1 
HETATM 1385 O  O   . HOH K 4 .   ? -23.895 6.581   3.052   1.00 56.77 ? 324 HOH A O   1 
HETATM 1386 O  O   . HOH K 4 .   ? -9.591  14.414  -4.269  1.00 59.31 ? 325 HOH A O   1 
HETATM 1387 O  O   . HOH K 4 .   ? -19.233 7.248   2.312   1.00 63.04 ? 326 HOH A O   1 
HETATM 1388 O  O   . HOH K 4 .   ? 4.903   16.992  -0.238  1.00 64.88 ? 327 HOH A O   1 
HETATM 1389 O  O   . HOH K 4 .   ? 8.652   11.079  -3.539  1.00 58.29 ? 328 HOH A O   1 
HETATM 1390 O  O   . HOH K 4 .   ? -13.056 -10.049 -2.800  1.00 48.66 ? 329 HOH A O   1 
HETATM 1391 O  O   . HOH K 4 .   ? -4.310  -10.724 3.327   1.00 55.02 ? 330 HOH A O   1 
HETATM 1392 O  O   . HOH K 4 .   ? -0.681  -12.573 -11.123 1.00 60.07 ? 331 HOH A O   1 
HETATM 1393 O  O   . HOH K 4 .   ? 5.658   -18.136 5.702   1.00 63.53 ? 332 HOH A O   1 
HETATM 1394 O  O   . HOH K 4 .   ? 20.250  -2.878  -8.758  1.00 54.82 ? 333 HOH A O   1 
HETATM 1395 O  O   . HOH K 4 .   ? 10.747  21.191  -8.555  1.00 61.29 ? 334 HOH A O   1 
HETATM 1396 O  O   . HOH K 4 .   ? 1.896   26.844  -8.999  1.00 59.38 ? 335 HOH A O   1 
HETATM 1397 O  O   . HOH K 4 .   ? 10.027  -17.920 -2.687  1.00 57.25 ? 336 HOH A O   1 
HETATM 1398 O  O   . HOH K 4 .   ? 13.290  -20.710 -3.876  1.00 61.39 ? 337 HOH A O   1 
HETATM 1399 O  O   . HOH K 4 .   ? 5.856   -16.924 -9.705  1.00 62.67 ? 338 HOH A O   1 
HETATM 1400 O  O   . HOH K 4 .   ? -9.201  12.979  -6.597  1.00 61.15 ? 339 HOH A O   1 
HETATM 1401 O  O   . HOH K 4 .   ? -10.915 5.019   17.975  1.00 60.59 ? 340 HOH A O   1 
HETATM 1402 O  O   . HOH K 4 .   ? -2.918  5.637   7.639   1.00 20.16 ? 341 HOH A O   1 
HETATM 1403 O  O   . HOH K 4 .   ? -9.300  9.508   5.868   1.00 25.51 ? 342 HOH A O   1 
# 
loop_
_pdbx_poly_seq_scheme.asym_id 
_pdbx_poly_seq_scheme.entity_id 
_pdbx_poly_seq_scheme.seq_id 
_pdbx_poly_seq_scheme.mon_id 
_pdbx_poly_seq_scheme.ndb_seq_num 
_pdbx_poly_seq_scheme.pdb_seq_num 
_pdbx_poly_seq_scheme.auth_seq_num 
_pdbx_poly_seq_scheme.pdb_mon_id 
_pdbx_poly_seq_scheme.auth_mon_id 
_pdbx_poly_seq_scheme.pdb_strand_id 
_pdbx_poly_seq_scheme.pdb_ins_code 
_pdbx_poly_seq_scheme.hetero 
A 1 1   SER 1   83  83  SER SER A . n 
A 1 2   ALA 2   84  84  ALA ALA A . n 
A 1 3   SER 3   85  85  SER SER A . n 
A 1 4   GLU 4   86  86  GLU GLU A . n 
A 1 5   PHE 5   87  87  PHE PHE A . n 
A 1 6   ASN 6   88  88  ASN ASN A . n 
A 1 7   ILE 7   89  89  ILE ILE A . n 
A 1 8   LEU 8   90  90  LEU LEU A . n 
A 1 9   ASN 9   91  91  ASN ASN A . n 
A 1 10  ASP 10  92  92  ASP ASP A . n 
A 1 11  GLY 11  93  93  GLY GLY A . n 
A 1 12  PRO 12  94  94  PRO PRO A . n 
A 1 13  PRO 13  95  95  PRO PRO A . n 
A 1 14  LYS 14  96  96  LYS LYS A . n 
A 1 15  GLU 15  97  97  GLU GLU A . n 
A 1 16  THR 16  98  98  THR THR A . n 
A 1 17  TYR 17  99  99  TYR TYR A . n 
A 1 18  VAL 18  100 100 VAL VAL A . n 
A 1 19  VAL 19  101 101 VAL VAL A . n 
A 1 20  ASP 20  102 102 ASP ASP A . n 
A 1 21  ASP 21  103 103 ASP ASP A . n 
A 1 22  ALA 22  104 104 ALA ALA A . n 
A 1 23  GLY 23  105 105 GLY GLY A . n 
A 1 24  VAL 24  106 106 VAL VAL A . n 
A 1 25  LEU 25  107 107 LEU LEU A . n 
A 1 26  SER 26  108 108 SER SER A . n 
A 1 27  ARG 27  109 109 ARG ARG A . n 
A 1 28  VAL 28  110 110 VAL VAL A . n 
A 1 29  THR 29  111 111 THR THR A . n 
A 1 30  LYS 30  112 112 LYS LYS A . n 
A 1 31  SER 31  113 113 SER SER A . n 
A 1 32  ASP 32  114 114 ASP ASP A . n 
A 1 33  LEU 33  115 115 LEU LEU A . n 
A 1 34  LYS 34  116 116 LYS LYS A . n 
A 1 35  LYS 35  117 117 LYS LYS A . n 
A 1 36  LEU 36  118 118 LEU LEU A . n 
A 1 37  LEU 37  119 119 LEU LEU A . n 
A 1 38  SER 38  120 120 SER SER A . n 
A 1 39  ASP 39  121 121 ASP ASP A . n 
A 1 40  LEU 40  122 122 LEU LEU A . n 
A 1 41  GLU 41  123 123 GLU GLU A . n 
A 1 42  TYR 42  124 124 TYR TYR A . n 
A 1 43  ARG 43  125 125 ARG ARG A . n 
A 1 44  LYS 44  126 126 LYS LYS A . n 
A 1 45  LYS 45  127 127 LYS LYS A . n 
A 1 46  LEU 46  128 128 LEU LEU A . n 
A 1 47  ARG 47  129 129 ARG ARG A . n 
A 1 48  LEU 48  130 130 LEU LEU A . n 
A 1 49  ASN 49  131 131 ASN ASN A . n 
A 1 50  PHE 50  132 132 PHE PHE A . n 
A 1 51  ILE 51  133 133 ILE ILE A . n 
A 1 52  THR 52  134 134 THR THR A . n 
A 1 53  VAL 53  135 135 VAL VAL A . n 
A 1 54  ARG 54  136 136 ARG ARG A . n 
A 1 55  LYS 55  137 137 LYS LYS A . n 
A 1 56  LEU 56  138 138 LEU LEU A . n 
A 1 57  THR 57  139 139 THR THR A . n 
A 1 58  SER 58  140 140 SER SER A . n 
A 1 59  LYS 59  141 141 LYS LYS A . n 
A 1 60  ALA 60  142 142 ALA ALA A . n 
A 1 61  ASP 61  143 143 ASP ASP A . n 
A 1 62  ALA 62  144 144 ALA ALA A . n 
A 1 63  PHE 63  145 145 PHE PHE A . n 
A 1 64  GLU 64  146 146 GLU GLU A . n 
A 1 65  TYR 65  147 147 TYR TYR A . n 
A 1 66  ALA 66  148 148 ALA ALA A . n 
A 1 67  ASP 67  149 149 ASP ASP A . n 
A 1 68  GLN 68  150 150 GLN GLN A . n 
A 1 69  VAL 69  151 151 VAL VAL A . n 
A 1 70  LEU 70  152 152 LEU LEU A . n 
A 1 71  GLU 71  153 153 GLU GLU A . n 
A 1 72  LYS 72  154 154 LYS LYS A . n 
A 1 73  TRP 73  155 155 TRP TRP A . n 
A 1 74  TYR 74  156 156 TYR TYR A . n 
A 1 75  PRO 75  157 157 PRO PRO A . n 
A 1 76  SER 76  158 158 SER SER A . n 
A 1 77  ILE 77  159 159 ILE ILE A . n 
A 1 78  GLU 78  160 160 GLU GLU A . n 
A 1 79  GLU 79  161 161 GLU GLU A . n 
A 1 80  GLY 80  162 162 GLY GLY A . n 
A 1 81  ASN 81  163 163 ASN ASN A . n 
A 1 82  ASN 82  164 164 ASN ASN A . n 
A 1 83  LYS 83  165 165 LYS LYS A . n 
A 1 84  GLY 84  166 166 GLY GLY A . n 
A 1 85  ILE 85  167 167 ILE ILE A . n 
A 1 86  VAL 86  168 168 VAL VAL A . n 
A 1 87  VAL 87  169 169 VAL VAL A . n 
A 1 88  LEU 88  170 170 LEU LEU A . n 
A 1 89  ILE 89  171 171 ILE ILE A . n 
A 1 90  THR 90  172 172 THR THR A . n 
A 1 91  SER 91  173 173 SER SER A . n 
A 1 92  GLN 92  174 174 GLN GLN A . n 
A 1 93  LYS 93  175 175 LYS LYS A . n 
A 1 94  GLU 94  176 176 GLU GLU A . n 
A 1 95  GLY 95  177 177 GLY GLY A . n 
A 1 96  ALA 96  178 178 ALA ALA A . n 
A 1 97  ILE 97  179 179 ILE ILE A . n 
A 1 98  THR 98  180 180 THR THR A . n 
A 1 99  GLY 99  181 181 GLY GLY A . n 
A 1 100 GLY 100 182 182 GLY GLY A . n 
A 1 101 PRO 101 183 183 PRO PRO A . n 
A 1 102 ALA 102 184 184 ALA ALA A . n 
A 1 103 PHE 103 185 185 PHE PHE A . n 
A 1 104 ILE 104 186 186 ILE ILE A . n 
A 1 105 GLU 105 187 187 GLU GLU A . n 
A 1 106 ALA 106 188 188 ALA ALA A . n 
A 1 107 VAL 107 189 189 VAL VAL A . n 
A 1 108 GLY 108 190 190 GLY GLY A . n 
A 1 109 GLU 109 191 191 GLU GLU A . n 
A 1 110 ASN 110 192 192 ASN ASN A . n 
A 1 111 ILE 111 193 193 ILE ILE A . n 
A 1 112 LEU 112 194 194 LEU LEU A . n 
A 1 113 ASP 113 195 195 ASP ASP A . n 
A 1 114 ALA 114 196 196 ALA ALA A . n 
A 1 115 THR 115 197 197 THR THR A . n 
A 1 116 VAL 116 198 198 VAL VAL A . n 
A 1 117 SER 117 199 199 SER SER A . n 
A 1 118 GLU 118 200 200 GLU GLU A . n 
A 1 119 ASN 119 201 201 ASN ASN A . n 
A 1 120 LEU 120 202 202 LEU LEU A . n 
A 1 121 PRO 121 203 203 PRO PRO A . n 
A 1 122 VAL 122 204 204 VAL VAL A . n 
A 1 123 LEU 123 205 205 LEU LEU A . n 
A 1 124 ALA 124 206 206 ALA ALA A . n 
A 1 125 THR 125 207 207 THR THR A . n 
A 1 126 ASP 126 208 208 ASP ASP A . n 
A 1 127 GLU 127 209 209 GLU GLU A . n 
A 1 128 LYS 128 210 210 LYS LYS A . n 
A 1 129 TYR 129 211 211 TYR TYR A . n 
A 1 130 ASN 130 212 212 ASN ASN A . n 
A 1 131 GLU 131 213 213 GLU GLU A . n 
A 1 132 ALA 132 214 214 ALA ALA A . n 
A 1 133 VAL 133 215 215 VAL VAL A . n 
A 1 134 TYR 134 216 216 TYR TYR A . n 
A 1 135 SER 135 217 217 SER SER A . n 
A 1 136 SER 136 218 218 SER SER A . n 
A 1 137 ALA 137 219 219 ALA ALA A . n 
A 1 138 LYS 138 220 220 LYS LYS A . n 
A 1 139 ARG 139 221 221 ARG ARG A . n 
A 1 140 LEU 140 222 222 LEU LEU A . n 
A 1 141 VAL 141 223 223 VAL VAL A . n 
A 1 142 ALA 142 224 224 ALA ALA A . n 
A 1 143 ALA 143 225 225 ALA ALA A . n 
A 1 144 ILE 144 226 226 ILE ILE A . n 
A 1 145 ASP 145 227 227 ASP ASP A . n 
A 1 146 GLY 146 228 228 GLY GLY A . n 
A 1 147 GLN 147 229 229 GLN GLN A . n 
A 1 148 PRO 148 230 230 PRO PRO A . n 
A 1 149 ASP 149 231 231 ASP ASP A . n 
A 1 150 PRO 150 232 232 PRO PRO A . n 
A 1 151 GLY 151 233 233 GLY GLY A . n 
A 1 152 GLY 152 234 234 GLY GLY A . n 
A 1 153 PRO 153 235 235 PRO PRO A . n 
# 
loop_
_pdbx_nonpoly_scheme.asym_id 
_pdbx_nonpoly_scheme.entity_id 
_pdbx_nonpoly_scheme.mon_id 
_pdbx_nonpoly_scheme.ndb_seq_num 
_pdbx_nonpoly_scheme.pdb_seq_num 
_pdbx_nonpoly_scheme.auth_seq_num 
_pdbx_nonpoly_scheme.pdb_mon_id 
_pdbx_nonpoly_scheme.auth_mon_id 
_pdbx_nonpoly_scheme.pdb_strand_id 
_pdbx_nonpoly_scheme.pdb_ins_code 
B 2 CA  1   300 300 CA  CA  A . 
C 3 GOL 1   303 303 GOL GOL A . 
D 3 GOL 1   304 304 GOL GOL A . 
E 3 GOL 1   305 305 GOL GOL A . 
F 3 GOL 1   306 306 GOL GOL A . 
G 3 GOL 1   307 307 GOL GOL A . 
H 3 GOL 1   308 308 GOL GOL A . 
I 3 GOL 1   309 309 GOL GOL A . 
J 3 GOL 1   310 310 GOL GOL A . 
K 4 HOH 1   1   1   HOH WAT A . 
K 4 HOH 2   2   2   HOH WAT A . 
K 4 HOH 3   3   3   HOH WAT A . 
K 4 HOH 4   4   4   HOH WAT A . 
K 4 HOH 5   5   5   HOH WAT A . 
K 4 HOH 6   6   6   HOH WAT A . 
K 4 HOH 7   7   7   HOH WAT A . 
K 4 HOH 8   8   8   HOH WAT A . 
K 4 HOH 9   9   9   HOH WAT A . 
K 4 HOH 10  10  10  HOH WAT A . 
K 4 HOH 11  11  11  HOH WAT A . 
K 4 HOH 12  12  12  HOH WAT A . 
K 4 HOH 13  13  13  HOH WAT A . 
K 4 HOH 14  14  14  HOH WAT A . 
K 4 HOH 15  15  15  HOH WAT A . 
K 4 HOH 16  16  16  HOH WAT A . 
K 4 HOH 17  17  17  HOH WAT A . 
K 4 HOH 18  18  18  HOH WAT A . 
K 4 HOH 19  19  19  HOH WAT A . 
K 4 HOH 20  20  20  HOH WAT A . 
K 4 HOH 21  21  21  HOH WAT A . 
K 4 HOH 22  22  22  HOH WAT A . 
K 4 HOH 23  23  23  HOH WAT A . 
K 4 HOH 24  24  24  HOH WAT A . 
K 4 HOH 25  25  25  HOH WAT A . 
K 4 HOH 26  26  26  HOH WAT A . 
K 4 HOH 27  27  27  HOH WAT A . 
K 4 HOH 28  28  28  HOH WAT A . 
K 4 HOH 29  29  29  HOH WAT A . 
K 4 HOH 30  30  30  HOH WAT A . 
K 4 HOH 31  31  31  HOH WAT A . 
K 4 HOH 32  32  32  HOH WAT A . 
K 4 HOH 33  33  33  HOH WAT A . 
K 4 HOH 34  34  34  HOH WAT A . 
K 4 HOH 35  35  35  HOH WAT A . 
K 4 HOH 36  36  36  HOH WAT A . 
K 4 HOH 37  37  37  HOH WAT A . 
K 4 HOH 38  38  38  HOH WAT A . 
K 4 HOH 39  39  39  HOH WAT A . 
K 4 HOH 40  40  40  HOH WAT A . 
K 4 HOH 41  41  41  HOH WAT A . 
K 4 HOH 42  42  42  HOH WAT A . 
K 4 HOH 43  43  43  HOH WAT A . 
K 4 HOH 44  44  44  HOH WAT A . 
K 4 HOH 45  45  45  HOH WAT A . 
K 4 HOH 46  46  46  HOH WAT A . 
K 4 HOH 47  47  47  HOH WAT A . 
K 4 HOH 48  48  48  HOH WAT A . 
K 4 HOH 49  49  49  HOH WAT A . 
K 4 HOH 50  50  50  HOH WAT A . 
K 4 HOH 51  51  51  HOH WAT A . 
K 4 HOH 52  52  52  HOH WAT A . 
K 4 HOH 53  53  53  HOH WAT A . 
K 4 HOH 54  54  54  HOH WAT A . 
K 4 HOH 55  55  55  HOH WAT A . 
K 4 HOH 56  56  56  HOH WAT A . 
K 4 HOH 57  57  57  HOH WAT A . 
K 4 HOH 58  58  58  HOH WAT A . 
K 4 HOH 59  59  59  HOH WAT A . 
K 4 HOH 60  60  60  HOH WAT A . 
K 4 HOH 61  61  61  HOH WAT A . 
K 4 HOH 62  62  62  HOH WAT A . 
K 4 HOH 63  63  63  HOH WAT A . 
K 4 HOH 64  64  64  HOH WAT A . 
K 4 HOH 65  65  65  HOH WAT A . 
K 4 HOH 66  66  66  HOH WAT A . 
K 4 HOH 67  67  67  HOH WAT A . 
K 4 HOH 68  68  68  HOH WAT A . 
K 4 HOH 69  69  69  HOH WAT A . 
K 4 HOH 70  70  70  HOH WAT A . 
K 4 HOH 71  71  71  HOH WAT A . 
K 4 HOH 72  72  72  HOH WAT A . 
K 4 HOH 73  73  73  HOH WAT A . 
K 4 HOH 74  74  74  HOH WAT A . 
K 4 HOH 75  75  75  HOH WAT A . 
K 4 HOH 76  76  76  HOH WAT A . 
K 4 HOH 77  77  77  HOH WAT A . 
K 4 HOH 78  78  78  HOH WAT A . 
K 4 HOH 79  79  79  HOH WAT A . 
K 4 HOH 80  80  80  HOH WAT A . 
K 4 HOH 81  81  81  HOH WAT A . 
K 4 HOH 82  82  82  HOH WAT A . 
K 4 HOH 83  236 83  HOH WAT A . 
K 4 HOH 84  237 84  HOH WAT A . 
K 4 HOH 85  238 85  HOH WAT A . 
K 4 HOH 86  239 86  HOH WAT A . 
K 4 HOH 87  240 87  HOH WAT A . 
K 4 HOH 88  241 88  HOH WAT A . 
K 4 HOH 89  242 89  HOH WAT A . 
K 4 HOH 90  243 90  HOH WAT A . 
K 4 HOH 91  244 91  HOH WAT A . 
K 4 HOH 92  245 92  HOH WAT A . 
K 4 HOH 93  246 93  HOH WAT A . 
K 4 HOH 94  247 94  HOH WAT A . 
K 4 HOH 95  248 95  HOH WAT A . 
K 4 HOH 96  249 96  HOH WAT A . 
K 4 HOH 97  250 97  HOH WAT A . 
K 4 HOH 98  251 98  HOH WAT A . 
K 4 HOH 99  252 99  HOH WAT A . 
K 4 HOH 100 253 100 HOH WAT A . 
K 4 HOH 101 254 101 HOH WAT A . 
K 4 HOH 102 255 102 HOH WAT A . 
K 4 HOH 103 256 103 HOH WAT A . 
K 4 HOH 104 257 104 HOH WAT A . 
K 4 HOH 105 258 105 HOH WAT A . 
K 4 HOH 106 259 106 HOH WAT A . 
K 4 HOH 107 260 107 HOH WAT A . 
K 4 HOH 108 261 108 HOH WAT A . 
K 4 HOH 109 262 109 HOH WAT A . 
K 4 HOH 110 263 110 HOH WAT A . 
K 4 HOH 111 264 111 HOH WAT A . 
K 4 HOH 112 265 112 HOH WAT A . 
K 4 HOH 113 266 113 HOH WAT A . 
K 4 HOH 114 267 114 HOH WAT A . 
K 4 HOH 115 268 115 HOH WAT A . 
K 4 HOH 116 269 116 HOH WAT A . 
K 4 HOH 117 270 117 HOH WAT A . 
K 4 HOH 118 271 118 HOH WAT A . 
K 4 HOH 119 272 119 HOH WAT A . 
K 4 HOH 120 273 120 HOH WAT A . 
K 4 HOH 121 274 121 HOH WAT A . 
K 4 HOH 122 275 122 HOH WAT A . 
K 4 HOH 123 276 123 HOH WAT A . 
K 4 HOH 124 277 124 HOH WAT A . 
K 4 HOH 125 278 125 HOH WAT A . 
K 4 HOH 126 279 126 HOH WAT A . 
K 4 HOH 127 280 127 HOH WAT A . 
K 4 HOH 128 281 128 HOH WAT A . 
K 4 HOH 129 282 129 HOH WAT A . 
K 4 HOH 130 283 130 HOH WAT A . 
K 4 HOH 131 284 131 HOH WAT A . 
K 4 HOH 132 285 132 HOH WAT A . 
K 4 HOH 133 286 133 HOH WAT A . 
K 4 HOH 134 287 134 HOH WAT A . 
K 4 HOH 135 288 135 HOH WAT A . 
K 4 HOH 136 289 136 HOH WAT A . 
K 4 HOH 137 290 137 HOH WAT A . 
K 4 HOH 138 291 138 HOH WAT A . 
K 4 HOH 139 292 139 HOH WAT A . 
K 4 HOH 140 293 140 HOH WAT A . 
K 4 HOH 141 294 141 HOH WAT A . 
K 4 HOH 142 295 142 HOH WAT A . 
K 4 HOH 143 296 143 HOH WAT A . 
K 4 HOH 144 297 144 HOH WAT A . 
K 4 HOH 145 298 145 HOH WAT A . 
K 4 HOH 146 299 146 HOH WAT A . 
K 4 HOH 147 301 147 HOH WAT A . 
K 4 HOH 148 302 148 HOH WAT A . 
K 4 HOH 149 311 149 HOH WAT A . 
K 4 HOH 150 312 150 HOH WAT A . 
K 4 HOH 151 313 151 HOH WAT A . 
K 4 HOH 152 314 152 HOH WAT A . 
K 4 HOH 153 315 153 HOH WAT A . 
K 4 HOH 154 316 154 HOH WAT A . 
K 4 HOH 155 317 155 HOH WAT A . 
K 4 HOH 156 318 156 HOH WAT A . 
K 4 HOH 157 319 157 HOH WAT A . 
K 4 HOH 158 320 158 HOH WAT A . 
K 4 HOH 159 321 159 HOH WAT A . 
K 4 HOH 160 322 160 HOH WAT A . 
K 4 HOH 161 323 161 HOH WAT A . 
K 4 HOH 162 324 162 HOH WAT A . 
K 4 HOH 163 325 163 HOH WAT A . 
K 4 HOH 164 326 164 HOH WAT A . 
K 4 HOH 165 327 165 HOH WAT A . 
K 4 HOH 166 328 166 HOH WAT A . 
K 4 HOH 167 329 167 HOH WAT A . 
K 4 HOH 168 330 168 HOH WAT A . 
K 4 HOH 169 331 169 HOH WAT A . 
K 4 HOH 170 332 170 HOH WAT A . 
K 4 HOH 171 333 171 HOH WAT A . 
K 4 HOH 172 334 172 HOH WAT A . 
K 4 HOH 173 335 173 HOH WAT A . 
K 4 HOH 174 336 174 HOH WAT A . 
K 4 HOH 175 337 175 HOH WAT A . 
K 4 HOH 176 338 176 HOH WAT A . 
K 4 HOH 177 339 177 HOH WAT A . 
K 4 HOH 178 340 178 HOH WAT A . 
K 4 HOH 179 341 179 HOH WAT A . 
K 4 HOH 180 342 180 HOH WAT A . 
# 
_pdbx_struct_assembly.id                   1 
_pdbx_struct_assembly.details              author_and_software_defined_assembly 
_pdbx_struct_assembly.method_details       PISA 
_pdbx_struct_assembly.oligomeric_details   monomeric 
_pdbx_struct_assembly.oligomeric_count     1 
# 
_pdbx_struct_assembly_gen.assembly_id       1 
_pdbx_struct_assembly_gen.oper_expression   1 
_pdbx_struct_assembly_gen.asym_id_list      A,B,C,D,E,F,G,H,I,J,K 
# 
_pdbx_struct_oper_list.id                   1 
_pdbx_struct_oper_list.type                 'identity operation' 
_pdbx_struct_oper_list.name                 1_555 
_pdbx_struct_oper_list.symmetry_operation   x,y,z 
_pdbx_struct_oper_list.matrix[1][1]         1.0000000000 
_pdbx_struct_oper_list.matrix[1][2]         0.0000000000 
_pdbx_struct_oper_list.matrix[1][3]         0.0000000000 
_pdbx_struct_oper_list.vector[1]            0.0000000000 
_pdbx_struct_oper_list.matrix[2][1]         0.0000000000 
_pdbx_struct_oper_list.matrix[2][2]         1.0000000000 
_pdbx_struct_oper_list.matrix[2][3]         0.0000000000 
_pdbx_struct_oper_list.vector[2]            0.0000000000 
_pdbx_struct_oper_list.matrix[3][1]         0.0000000000 
_pdbx_struct_oper_list.matrix[3][2]         0.0000000000 
_pdbx_struct_oper_list.matrix[3][3]         1.0000000000 
_pdbx_struct_oper_list.vector[3]            0.0000000000 
# 
_pdbx_struct_conn_angle.id                    1 
_pdbx_struct_conn_angle.ptnr1_label_atom_id   O 
_pdbx_struct_conn_angle.ptnr1_label_alt_id    ? 
_pdbx_struct_conn_angle.ptnr1_label_asym_id   K 
_pdbx_struct_conn_angle.ptnr1_label_comp_id   HOH 
_pdbx_struct_conn_angle.ptnr1_label_seq_id    . 
_pdbx_struct_conn_angle.ptnr1_auth_atom_id    ? 
_pdbx_struct_conn_angle.ptnr1_auth_asym_id    A 
_pdbx_struct_conn_angle.ptnr1_auth_comp_id    HOH 
_pdbx_struct_conn_angle.ptnr1_auth_seq_id     34 
_pdbx_struct_conn_angle.ptnr1_PDB_ins_code    ? 
_pdbx_struct_conn_angle.ptnr1_symmetry        1_555 
_pdbx_struct_conn_angle.ptnr2_label_atom_id   CA 
_pdbx_struct_conn_angle.ptnr2_label_alt_id    ? 
_pdbx_struct_conn_angle.ptnr2_label_asym_id   B 
_pdbx_struct_conn_angle.ptnr2_label_comp_id   CA 
_pdbx_struct_conn_angle.ptnr2_label_seq_id    . 
_pdbx_struct_conn_angle.ptnr2_auth_atom_id    ? 
_pdbx_struct_conn_angle.ptnr2_auth_asym_id    A 
_pdbx_struct_conn_angle.ptnr2_auth_comp_id    CA 
_pdbx_struct_conn_angle.ptnr2_auth_seq_id     300 
_pdbx_struct_conn_angle.ptnr2_PDB_ins_code    ? 
_pdbx_struct_conn_angle.ptnr2_symmetry        1_555 
_pdbx_struct_conn_angle.ptnr3_label_atom_id   OD2 
_pdbx_struct_conn_angle.ptnr3_label_alt_id    ? 
_pdbx_struct_conn_angle.ptnr3_label_asym_id   A 
_pdbx_struct_conn_angle.ptnr3_label_comp_id   ASP 
_pdbx_struct_conn_angle.ptnr3_label_seq_id    21 
_pdbx_struct_conn_angle.ptnr3_auth_atom_id    ? 
_pdbx_struct_conn_angle.ptnr3_auth_asym_id    A 
_pdbx_struct_conn_angle.ptnr3_auth_comp_id    ASP 
_pdbx_struct_conn_angle.ptnr3_auth_seq_id     103 
_pdbx_struct_conn_angle.ptnr3_PDB_ins_code    ? 
_pdbx_struct_conn_angle.ptnr3_symmetry        1_555 
_pdbx_struct_conn_angle.value                 112.2 
_pdbx_struct_conn_angle.value_esd             ? 
# 
loop_
_pdbx_audit_revision_history.ordinal 
_pdbx_audit_revision_history.data_content_type 
_pdbx_audit_revision_history.major_revision 
_pdbx_audit_revision_history.minor_revision 
_pdbx_audit_revision_history.revision_date 
1 'Structure model' 1 0 2011-10-26 
2 'Structure model' 1 1 2012-01-25 
3 'Structure model' 1 2 2014-11-12 
4 'Structure model' 1 3 2023-11-01 
# 
_pdbx_audit_revision_details.ordinal             1 
_pdbx_audit_revision_details.revision_ordinal    1 
_pdbx_audit_revision_details.data_content_type   'Structure model' 
_pdbx_audit_revision_details.provider            repository 
_pdbx_audit_revision_details.type                'Initial release' 
_pdbx_audit_revision_details.description         ? 
_pdbx_audit_revision_details.details             ? 
# 
loop_
_pdbx_audit_revision_group.ordinal 
_pdbx_audit_revision_group.revision_ordinal 
_pdbx_audit_revision_group.data_content_type 
_pdbx_audit_revision_group.group 
1 2 'Structure model' 'Database references'    
2 3 'Structure model' 'Structure summary'      
3 4 'Structure model' 'Data collection'        
4 4 'Structure model' 'Database references'    
5 4 'Structure model' 'Derived calculations'   
6 4 'Structure model' 'Refinement description' 
# 
loop_
_pdbx_audit_revision_category.ordinal 
_pdbx_audit_revision_category.revision_ordinal 
_pdbx_audit_revision_category.data_content_type 
_pdbx_audit_revision_category.category 
1 4 'Structure model' chem_comp_atom                
2 4 'Structure model' chem_comp_bond                
3 4 'Structure model' database_2                    
4 4 'Structure model' pdbx_initial_refinement_model 
5 4 'Structure model' pdbx_struct_conn_angle        
6 4 'Structure model' struct_conn                   
7 4 'Structure model' struct_ref_seq_dif            
8 4 'Structure model' struct_site                   
# 
loop_
_pdbx_audit_revision_item.ordinal 
_pdbx_audit_revision_item.revision_ordinal 
_pdbx_audit_revision_item.data_content_type 
_pdbx_audit_revision_item.item 
1  4 'Structure model' '_database_2.pdbx_DOI'                        
2  4 'Structure model' '_database_2.pdbx_database_accession'         
3  4 'Structure model' '_pdbx_struct_conn_angle.ptnr1_auth_comp_id'  
4  4 'Structure model' '_pdbx_struct_conn_angle.ptnr1_auth_seq_id'   
5  4 'Structure model' '_pdbx_struct_conn_angle.ptnr1_label_asym_id' 
6  4 'Structure model' '_pdbx_struct_conn_angle.ptnr1_label_atom_id' 
7  4 'Structure model' '_pdbx_struct_conn_angle.ptnr1_label_comp_id' 
8  4 'Structure model' '_pdbx_struct_conn_angle.ptnr1_label_seq_id'  
9  4 'Structure model' '_pdbx_struct_conn_angle.ptnr3_auth_comp_id'  
10 4 'Structure model' '_pdbx_struct_conn_angle.ptnr3_auth_seq_id'   
11 4 'Structure model' '_pdbx_struct_conn_angle.ptnr3_label_asym_id' 
12 4 'Structure model' '_pdbx_struct_conn_angle.ptnr3_label_atom_id' 
13 4 'Structure model' '_pdbx_struct_conn_angle.ptnr3_label_comp_id' 
14 4 'Structure model' '_pdbx_struct_conn_angle.ptnr3_label_seq_id'  
15 4 'Structure model' '_struct_conn.pdbx_dist_value'                
16 4 'Structure model' '_struct_conn.ptnr1_auth_comp_id'             
17 4 'Structure model' '_struct_conn.ptnr1_auth_seq_id'              
18 4 'Structure model' '_struct_conn.ptnr1_label_asym_id'            
19 4 'Structure model' '_struct_conn.ptnr1_label_atom_id'            
20 4 'Structure model' '_struct_conn.ptnr1_label_comp_id'            
21 4 'Structure model' '_struct_conn.ptnr1_label_seq_id'             
22 4 'Structure model' '_struct_conn.ptnr2_auth_comp_id'             
23 4 'Structure model' '_struct_conn.ptnr2_auth_seq_id'              
24 4 'Structure model' '_struct_conn.ptnr2_label_asym_id'            
25 4 'Structure model' '_struct_conn.ptnr2_label_atom_id'            
26 4 'Structure model' '_struct_conn.ptnr2_label_comp_id'            
27 4 'Structure model' '_struct_ref_seq_dif.details'                 
28 4 'Structure model' '_struct_site.pdbx_auth_asym_id'              
29 4 'Structure model' '_struct_site.pdbx_auth_comp_id'              
30 4 'Structure model' '_struct_site.pdbx_auth_seq_id'               
# 
loop_
_software.name 
_software.classification 
_software.version 
_software.citation_id 
_software.pdbx_ordinal 
ADSC      'data collection' Quantum ? 1 
CNS       refinement        .       ? 2 
HKL-2000  'data reduction'  .       ? 3 
SCALEPACK 'data scaling'    .       ? 4 
CNS       phasing           .       ? 5 
# 
loop_
_pdbx_validate_rmsd_angle.id 
_pdbx_validate_rmsd_angle.PDB_model_num 
_pdbx_validate_rmsd_angle.auth_atom_id_1 
_pdbx_validate_rmsd_angle.auth_asym_id_1 
_pdbx_validate_rmsd_angle.auth_comp_id_1 
_pdbx_validate_rmsd_angle.auth_seq_id_1 
_pdbx_validate_rmsd_angle.PDB_ins_code_1 
_pdbx_validate_rmsd_angle.label_alt_id_1 
_pdbx_validate_rmsd_angle.auth_atom_id_2 
_pdbx_validate_rmsd_angle.auth_asym_id_2 
_pdbx_validate_rmsd_angle.auth_comp_id_2 
_pdbx_validate_rmsd_angle.auth_seq_id_2 
_pdbx_validate_rmsd_angle.PDB_ins_code_2 
_pdbx_validate_rmsd_angle.label_alt_id_2 
_pdbx_validate_rmsd_angle.auth_atom_id_3 
_pdbx_validate_rmsd_angle.auth_asym_id_3 
_pdbx_validate_rmsd_angle.auth_comp_id_3 
_pdbx_validate_rmsd_angle.auth_seq_id_3 
_pdbx_validate_rmsd_angle.PDB_ins_code_3 
_pdbx_validate_rmsd_angle.label_alt_id_3 
_pdbx_validate_rmsd_angle.angle_value 
_pdbx_validate_rmsd_angle.angle_target_value 
_pdbx_validate_rmsd_angle.angle_deviation 
_pdbx_validate_rmsd_angle.angle_standard_deviation 
_pdbx_validate_rmsd_angle.linker_flag 
1 1 N  A THR 98  ? ? CA A THR 98  ? ? C   A THR 98  ? ? 127.43 111.00 16.43  2.70 N 
2 1 CB A TYR 124 ? ? CG A TYR 124 ? ? CD1 A TYR 124 ? ? 117.10 121.00 -3.90  0.60 N 
3 1 CG A ARG 129 ? ? CD A ARG 129 ? ? NE  A ARG 129 ? ? 95.59  111.80 -16.21 2.10 N 
4 1 NE A ARG 129 ? ? CZ A ARG 129 ? ? NH1 A ARG 129 ? ? 124.00 120.30 3.70   0.50 N 
5 1 NE A ARG 129 ? ? CZ A ARG 129 ? ? NH2 A ARG 129 ? ? 113.65 120.30 -6.65  0.50 N 
# 
loop_
_pdbx_validate_torsion.id 
_pdbx_validate_torsion.PDB_model_num 
_pdbx_validate_torsion.auth_comp_id 
_pdbx_validate_torsion.auth_asym_id 
_pdbx_validate_torsion.auth_seq_id 
_pdbx_validate_torsion.PDB_ins_code 
_pdbx_validate_torsion.label_alt_id 
_pdbx_validate_torsion.phi 
_pdbx_validate_torsion.psi 
1 1 TYR A 99  ? ? 62.18   -1.01  
2 1 GLU A 200 ? ? -116.53 -79.63 
# 
loop_
_chem_comp_atom.comp_id 
_chem_comp_atom.atom_id 
_chem_comp_atom.type_symbol 
_chem_comp_atom.pdbx_aromatic_flag 
_chem_comp_atom.pdbx_stereo_config 
_chem_comp_atom.pdbx_ordinal 
ALA N    N  N N 1   
ALA CA   C  N S 2   
ALA C    C  N N 3   
ALA O    O  N N 4   
ALA CB   C  N N 5   
ALA OXT  O  N N 6   
ALA H    H  N N 7   
ALA H2   H  N N 8   
ALA HA   H  N N 9   
ALA HB1  H  N N 10  
ALA HB2  H  N N 11  
ALA HB3  H  N N 12  
ALA HXT  H  N N 13  
ARG N    N  N N 14  
ARG CA   C  N S 15  
ARG C    C  N N 16  
ARG O    O  N N 17  
ARG CB   C  N N 18  
ARG CG   C  N N 19  
ARG CD   C  N N 20  
ARG NE   N  N N 21  
ARG CZ   C  N N 22  
ARG NH1  N  N N 23  
ARG NH2  N  N N 24  
ARG OXT  O  N N 25  
ARG H    H  N N 26  
ARG H2   H  N N 27  
ARG HA   H  N N 28  
ARG HB2  H  N N 29  
ARG HB3  H  N N 30  
ARG HG2  H  N N 31  
ARG HG3  H  N N 32  
ARG HD2  H  N N 33  
ARG HD3  H  N N 34  
ARG HE   H  N N 35  
ARG HH11 H  N N 36  
ARG HH12 H  N N 37  
ARG HH21 H  N N 38  
ARG HH22 H  N N 39  
ARG HXT  H  N N 40  
ASN N    N  N N 41  
ASN CA   C  N S 42  
ASN C    C  N N 43  
ASN O    O  N N 44  
ASN CB   C  N N 45  
ASN CG   C  N N 46  
ASN OD1  O  N N 47  
ASN ND2  N  N N 48  
ASN OXT  O  N N 49  
ASN H    H  N N 50  
ASN H2   H  N N 51  
ASN HA   H  N N 52  
ASN HB2  H  N N 53  
ASN HB3  H  N N 54  
ASN HD21 H  N N 55  
ASN HD22 H  N N 56  
ASN HXT  H  N N 57  
ASP N    N  N N 58  
ASP CA   C  N S 59  
ASP C    C  N N 60  
ASP O    O  N N 61  
ASP CB   C  N N 62  
ASP CG   C  N N 63  
ASP OD1  O  N N 64  
ASP OD2  O  N N 65  
ASP OXT  O  N N 66  
ASP H    H  N N 67  
ASP H2   H  N N 68  
ASP HA   H  N N 69  
ASP HB2  H  N N 70  
ASP HB3  H  N N 71  
ASP HD2  H  N N 72  
ASP HXT  H  N N 73  
CA  CA   CA N N 74  
GLN N    N  N N 75  
GLN CA   C  N S 76  
GLN C    C  N N 77  
GLN O    O  N N 78  
GLN CB   C  N N 79  
GLN CG   C  N N 80  
GLN CD   C  N N 81  
GLN OE1  O  N N 82  
GLN NE2  N  N N 83  
GLN OXT  O  N N 84  
GLN H    H  N N 85  
GLN H2   H  N N 86  
GLN HA   H  N N 87  
GLN HB2  H  N N 88  
GLN HB3  H  N N 89  
GLN HG2  H  N N 90  
GLN HG3  H  N N 91  
GLN HE21 H  N N 92  
GLN HE22 H  N N 93  
GLN HXT  H  N N 94  
GLU N    N  N N 95  
GLU CA   C  N S 96  
GLU C    C  N N 97  
GLU O    O  N N 98  
GLU CB   C  N N 99  
GLU CG   C  N N 100 
GLU CD   C  N N 101 
GLU OE1  O  N N 102 
GLU OE2  O  N N 103 
GLU OXT  O  N N 104 
GLU H    H  N N 105 
GLU H2   H  N N 106 
GLU HA   H  N N 107 
GLU HB2  H  N N 108 
GLU HB3  H  N N 109 
GLU HG2  H  N N 110 
GLU HG3  H  N N 111 
GLU HE2  H  N N 112 
GLU HXT  H  N N 113 
GLY N    N  N N 114 
GLY CA   C  N N 115 
GLY C    C  N N 116 
GLY O    O  N N 117 
GLY OXT  O  N N 118 
GLY H    H  N N 119 
GLY H2   H  N N 120 
GLY HA2  H  N N 121 
GLY HA3  H  N N 122 
GLY HXT  H  N N 123 
GOL C1   C  N N 124 
GOL O1   O  N N 125 
GOL C2   C  N N 126 
GOL O2   O  N N 127 
GOL C3   C  N N 128 
GOL O3   O  N N 129 
GOL H11  H  N N 130 
GOL H12  H  N N 131 
GOL HO1  H  N N 132 
GOL H2   H  N N 133 
GOL HO2  H  N N 134 
GOL H31  H  N N 135 
GOL H32  H  N N 136 
GOL HO3  H  N N 137 
HOH O    O  N N 138 
HOH H1   H  N N 139 
HOH H2   H  N N 140 
ILE N    N  N N 141 
ILE CA   C  N S 142 
ILE C    C  N N 143 
ILE O    O  N N 144 
ILE CB   C  N S 145 
ILE CG1  C  N N 146 
ILE CG2  C  N N 147 
ILE CD1  C  N N 148 
ILE OXT  O  N N 149 
ILE H    H  N N 150 
ILE H2   H  N N 151 
ILE HA   H  N N 152 
ILE HB   H  N N 153 
ILE HG12 H  N N 154 
ILE HG13 H  N N 155 
ILE HG21 H  N N 156 
ILE HG22 H  N N 157 
ILE HG23 H  N N 158 
ILE HD11 H  N N 159 
ILE HD12 H  N N 160 
ILE HD13 H  N N 161 
ILE HXT  H  N N 162 
LEU N    N  N N 163 
LEU CA   C  N S 164 
LEU C    C  N N 165 
LEU O    O  N N 166 
LEU CB   C  N N 167 
LEU CG   C  N N 168 
LEU CD1  C  N N 169 
LEU CD2  C  N N 170 
LEU OXT  O  N N 171 
LEU H    H  N N 172 
LEU H2   H  N N 173 
LEU HA   H  N N 174 
LEU HB2  H  N N 175 
LEU HB3  H  N N 176 
LEU HG   H  N N 177 
LEU HD11 H  N N 178 
LEU HD12 H  N N 179 
LEU HD13 H  N N 180 
LEU HD21 H  N N 181 
LEU HD22 H  N N 182 
LEU HD23 H  N N 183 
LEU HXT  H  N N 184 
LYS N    N  N N 185 
LYS CA   C  N S 186 
LYS C    C  N N 187 
LYS O    O  N N 188 
LYS CB   C  N N 189 
LYS CG   C  N N 190 
LYS CD   C  N N 191 
LYS CE   C  N N 192 
LYS NZ   N  N N 193 
LYS OXT  O  N N 194 
LYS H    H  N N 195 
LYS H2   H  N N 196 
LYS HA   H  N N 197 
LYS HB2  H  N N 198 
LYS HB3  H  N N 199 
LYS HG2  H  N N 200 
LYS HG3  H  N N 201 
LYS HD2  H  N N 202 
LYS HD3  H  N N 203 
LYS HE2  H  N N 204 
LYS HE3  H  N N 205 
LYS HZ1  H  N N 206 
LYS HZ2  H  N N 207 
LYS HZ3  H  N N 208 
LYS HXT  H  N N 209 
PHE N    N  N N 210 
PHE CA   C  N S 211 
PHE C    C  N N 212 
PHE O    O  N N 213 
PHE CB   C  N N 214 
PHE CG   C  Y N 215 
PHE CD1  C  Y N 216 
PHE CD2  C  Y N 217 
PHE CE1  C  Y N 218 
PHE CE2  C  Y N 219 
PHE CZ   C  Y N 220 
PHE OXT  O  N N 221 
PHE H    H  N N 222 
PHE H2   H  N N 223 
PHE HA   H  N N 224 
PHE HB2  H  N N 225 
PHE HB3  H  N N 226 
PHE HD1  H  N N 227 
PHE HD2  H  N N 228 
PHE HE1  H  N N 229 
PHE HE2  H  N N 230 
PHE HZ   H  N N 231 
PHE HXT  H  N N 232 
PRO N    N  N N 233 
PRO CA   C  N S 234 
PRO C    C  N N 235 
PRO O    O  N N 236 
PRO CB   C  N N 237 
PRO CG   C  N N 238 
PRO CD   C  N N 239 
PRO OXT  O  N N 240 
PRO H    H  N N 241 
PRO HA   H  N N 242 
PRO HB2  H  N N 243 
PRO HB3  H  N N 244 
PRO HG2  H  N N 245 
PRO HG3  H  N N 246 
PRO HD2  H  N N 247 
PRO HD3  H  N N 248 
PRO HXT  H  N N 249 
SER N    N  N N 250 
SER CA   C  N S 251 
SER C    C  N N 252 
SER O    O  N N 253 
SER CB   C  N N 254 
SER OG   O  N N 255 
SER OXT  O  N N 256 
SER H    H  N N 257 
SER H2   H  N N 258 
SER HA   H  N N 259 
SER HB2  H  N N 260 
SER HB3  H  N N 261 
SER HG   H  N N 262 
SER HXT  H  N N 263 
THR N    N  N N 264 
THR CA   C  N S 265 
THR C    C  N N 266 
THR O    O  N N 267 
THR CB   C  N R 268 
THR OG1  O  N N 269 
THR CG2  C  N N 270 
THR OXT  O  N N 271 
THR H    H  N N 272 
THR H2   H  N N 273 
THR HA   H  N N 274 
THR HB   H  N N 275 
THR HG1  H  N N 276 
THR HG21 H  N N 277 
THR HG22 H  N N 278 
THR HG23 H  N N 279 
THR HXT  H  N N 280 
TRP N    N  N N 281 
TRP CA   C  N S 282 
TRP C    C  N N 283 
TRP O    O  N N 284 
TRP CB   C  N N 285 
TRP CG   C  Y N 286 
TRP CD1  C  Y N 287 
TRP CD2  C  Y N 288 
TRP NE1  N  Y N 289 
TRP CE2  C  Y N 290 
TRP CE3  C  Y N 291 
TRP CZ2  C  Y N 292 
TRP CZ3  C  Y N 293 
TRP CH2  C  Y N 294 
TRP OXT  O  N N 295 
TRP H    H  N N 296 
TRP H2   H  N N 297 
TRP HA   H  N N 298 
TRP HB2  H  N N 299 
TRP HB3  H  N N 300 
TRP HD1  H  N N 301 
TRP HE1  H  N N 302 
TRP HE3  H  N N 303 
TRP HZ2  H  N N 304 
TRP HZ3  H  N N 305 
TRP HH2  H  N N 306 
TRP HXT  H  N N 307 
TYR N    N  N N 308 
TYR CA   C  N S 309 
TYR C    C  N N 310 
TYR O    O  N N 311 
TYR CB   C  N N 312 
TYR CG   C  Y N 313 
TYR CD1  C  Y N 314 
TYR CD2  C  Y N 315 
TYR CE1  C  Y N 316 
TYR CE2  C  Y N 317 
TYR CZ   C  Y N 318 
TYR OH   O  N N 319 
TYR OXT  O  N N 320 
TYR H    H  N N 321 
TYR H2   H  N N 322 
TYR HA   H  N N 323 
TYR HB2  H  N N 324 
TYR HB3  H  N N 325 
TYR HD1  H  N N 326 
TYR HD2  H  N N 327 
TYR HE1  H  N N 328 
TYR HE2  H  N N 329 
TYR HH   H  N N 330 
TYR HXT  H  N N 331 
VAL N    N  N N 332 
VAL CA   C  N S 333 
VAL C    C  N N 334 
VAL O    O  N N 335 
VAL CB   C  N N 336 
VAL CG1  C  N N 337 
VAL CG2  C  N N 338 
VAL OXT  O  N N 339 
VAL H    H  N N 340 
VAL H2   H  N N 341 
VAL HA   H  N N 342 
VAL HB   H  N N 343 
VAL HG11 H  N N 344 
VAL HG12 H  N N 345 
VAL HG13 H  N N 346 
VAL HG21 H  N N 347 
VAL HG22 H  N N 348 
VAL HG23 H  N N 349 
VAL HXT  H  N N 350 
# 
loop_
_chem_comp_bond.comp_id 
_chem_comp_bond.atom_id_1 
_chem_comp_bond.atom_id_2 
_chem_comp_bond.value_order 
_chem_comp_bond.pdbx_aromatic_flag 
_chem_comp_bond.pdbx_stereo_config 
_chem_comp_bond.pdbx_ordinal 
ALA N   CA   sing N N 1   
ALA N   H    sing N N 2   
ALA N   H2   sing N N 3   
ALA CA  C    sing N N 4   
ALA CA  CB   sing N N 5   
ALA CA  HA   sing N N 6   
ALA C   O    doub N N 7   
ALA C   OXT  sing N N 8   
ALA CB  HB1  sing N N 9   
ALA CB  HB2  sing N N 10  
ALA CB  HB3  sing N N 11  
ALA OXT HXT  sing N N 12  
ARG N   CA   sing N N 13  
ARG N   H    sing N N 14  
ARG N   H2   sing N N 15  
ARG CA  C    sing N N 16  
ARG CA  CB   sing N N 17  
ARG CA  HA   sing N N 18  
ARG C   O    doub N N 19  
ARG C   OXT  sing N N 20  
ARG CB  CG   sing N N 21  
ARG CB  HB2  sing N N 22  
ARG CB  HB3  sing N N 23  
ARG CG  CD   sing N N 24  
ARG CG  HG2  sing N N 25  
ARG CG  HG3  sing N N 26  
ARG CD  NE   sing N N 27  
ARG CD  HD2  sing N N 28  
ARG CD  HD3  sing N N 29  
ARG NE  CZ   sing N N 30  
ARG NE  HE   sing N N 31  
ARG CZ  NH1  sing N N 32  
ARG CZ  NH2  doub N N 33  
ARG NH1 HH11 sing N N 34  
ARG NH1 HH12 sing N N 35  
ARG NH2 HH21 sing N N 36  
ARG NH2 HH22 sing N N 37  
ARG OXT HXT  sing N N 38  
ASN N   CA   sing N N 39  
ASN N   H    sing N N 40  
ASN N   H2   sing N N 41  
ASN CA  C    sing N N 42  
ASN CA  CB   sing N N 43  
ASN CA  HA   sing N N 44  
ASN C   O    doub N N 45  
ASN C   OXT  sing N N 46  
ASN CB  CG   sing N N 47  
ASN CB  HB2  sing N N 48  
ASN CB  HB3  sing N N 49  
ASN CG  OD1  doub N N 50  
ASN CG  ND2  sing N N 51  
ASN ND2 HD21 sing N N 52  
ASN ND2 HD22 sing N N 53  
ASN OXT HXT  sing N N 54  
ASP N   CA   sing N N 55  
ASP N   H    sing N N 56  
ASP N   H2   sing N N 57  
ASP CA  C    sing N N 58  
ASP CA  CB   sing N N 59  
ASP CA  HA   sing N N 60  
ASP C   O    doub N N 61  
ASP C   OXT  sing N N 62  
ASP CB  CG   sing N N 63  
ASP CB  HB2  sing N N 64  
ASP CB  HB3  sing N N 65  
ASP CG  OD1  doub N N 66  
ASP CG  OD2  sing N N 67  
ASP OD2 HD2  sing N N 68  
ASP OXT HXT  sing N N 69  
GLN N   CA   sing N N 70  
GLN N   H    sing N N 71  
GLN N   H2   sing N N 72  
GLN CA  C    sing N N 73  
GLN CA  CB   sing N N 74  
GLN CA  HA   sing N N 75  
GLN C   O    doub N N 76  
GLN C   OXT  sing N N 77  
GLN CB  CG   sing N N 78  
GLN CB  HB2  sing N N 79  
GLN CB  HB3  sing N N 80  
GLN CG  CD   sing N N 81  
GLN CG  HG2  sing N N 82  
GLN CG  HG3  sing N N 83  
GLN CD  OE1  doub N N 84  
GLN CD  NE2  sing N N 85  
GLN NE2 HE21 sing N N 86  
GLN NE2 HE22 sing N N 87  
GLN OXT HXT  sing N N 88  
GLU N   CA   sing N N 89  
GLU N   H    sing N N 90  
GLU N   H2   sing N N 91  
GLU CA  C    sing N N 92  
GLU CA  CB   sing N N 93  
GLU CA  HA   sing N N 94  
GLU C   O    doub N N 95  
GLU C   OXT  sing N N 96  
GLU CB  CG   sing N N 97  
GLU CB  HB2  sing N N 98  
GLU CB  HB3  sing N N 99  
GLU CG  CD   sing N N 100 
GLU CG  HG2  sing N N 101 
GLU CG  HG3  sing N N 102 
GLU CD  OE1  doub N N 103 
GLU CD  OE2  sing N N 104 
GLU OE2 HE2  sing N N 105 
GLU OXT HXT  sing N N 106 
GLY N   CA   sing N N 107 
GLY N   H    sing N N 108 
GLY N   H2   sing N N 109 
GLY CA  C    sing N N 110 
GLY CA  HA2  sing N N 111 
GLY CA  HA3  sing N N 112 
GLY C   O    doub N N 113 
GLY C   OXT  sing N N 114 
GLY OXT HXT  sing N N 115 
GOL C1  O1   sing N N 116 
GOL C1  C2   sing N N 117 
GOL C1  H11  sing N N 118 
GOL C1  H12  sing N N 119 
GOL O1  HO1  sing N N 120 
GOL C2  O2   sing N N 121 
GOL C2  C3   sing N N 122 
GOL C2  H2   sing N N 123 
GOL O2  HO2  sing N N 124 
GOL C3  O3   sing N N 125 
GOL C3  H31  sing N N 126 
GOL C3  H32  sing N N 127 
GOL O3  HO3  sing N N 128 
HOH O   H1   sing N N 129 
HOH O   H2   sing N N 130 
ILE N   CA   sing N N 131 
ILE N   H    sing N N 132 
ILE N   H2   sing N N 133 
ILE CA  C    sing N N 134 
ILE CA  CB   sing N N 135 
ILE CA  HA   sing N N 136 
ILE C   O    doub N N 137 
ILE C   OXT  sing N N 138 
ILE CB  CG1  sing N N 139 
ILE CB  CG2  sing N N 140 
ILE CB  HB   sing N N 141 
ILE CG1 CD1  sing N N 142 
ILE CG1 HG12 sing N N 143 
ILE CG1 HG13 sing N N 144 
ILE CG2 HG21 sing N N 145 
ILE CG2 HG22 sing N N 146 
ILE CG2 HG23 sing N N 147 
ILE CD1 HD11 sing N N 148 
ILE CD1 HD12 sing N N 149 
ILE CD1 HD13 sing N N 150 
ILE OXT HXT  sing N N 151 
LEU N   CA   sing N N 152 
LEU N   H    sing N N 153 
LEU N   H2   sing N N 154 
LEU CA  C    sing N N 155 
LEU CA  CB   sing N N 156 
LEU CA  HA   sing N N 157 
LEU C   O    doub N N 158 
LEU C   OXT  sing N N 159 
LEU CB  CG   sing N N 160 
LEU CB  HB2  sing N N 161 
LEU CB  HB3  sing N N 162 
LEU CG  CD1  sing N N 163 
LEU CG  CD2  sing N N 164 
LEU CG  HG   sing N N 165 
LEU CD1 HD11 sing N N 166 
LEU CD1 HD12 sing N N 167 
LEU CD1 HD13 sing N N 168 
LEU CD2 HD21 sing N N 169 
LEU CD2 HD22 sing N N 170 
LEU CD2 HD23 sing N N 171 
LEU OXT HXT  sing N N 172 
LYS N   CA   sing N N 173 
LYS N   H    sing N N 174 
LYS N   H2   sing N N 175 
LYS CA  C    sing N N 176 
LYS CA  CB   sing N N 177 
LYS CA  HA   sing N N 178 
LYS C   O    doub N N 179 
LYS C   OXT  sing N N 180 
LYS CB  CG   sing N N 181 
LYS CB  HB2  sing N N 182 
LYS CB  HB3  sing N N 183 
LYS CG  CD   sing N N 184 
LYS CG  HG2  sing N N 185 
LYS CG  HG3  sing N N 186 
LYS CD  CE   sing N N 187 
LYS CD  HD2  sing N N 188 
LYS CD  HD3  sing N N 189 
LYS CE  NZ   sing N N 190 
LYS CE  HE2  sing N N 191 
LYS CE  HE3  sing N N 192 
LYS NZ  HZ1  sing N N 193 
LYS NZ  HZ2  sing N N 194 
LYS NZ  HZ3  sing N N 195 
LYS OXT HXT  sing N N 196 
PHE N   CA   sing N N 197 
PHE N   H    sing N N 198 
PHE N   H2   sing N N 199 
PHE CA  C    sing N N 200 
PHE CA  CB   sing N N 201 
PHE CA  HA   sing N N 202 
PHE C   O    doub N N 203 
PHE C   OXT  sing N N 204 
PHE CB  CG   sing N N 205 
PHE CB  HB2  sing N N 206 
PHE CB  HB3  sing N N 207 
PHE CG  CD1  doub Y N 208 
PHE CG  CD2  sing Y N 209 
PHE CD1 CE1  sing Y N 210 
PHE CD1 HD1  sing N N 211 
PHE CD2 CE2  doub Y N 212 
PHE CD2 HD2  sing N N 213 
PHE CE1 CZ   doub Y N 214 
PHE CE1 HE1  sing N N 215 
PHE CE2 CZ   sing Y N 216 
PHE CE2 HE2  sing N N 217 
PHE CZ  HZ   sing N N 218 
PHE OXT HXT  sing N N 219 
PRO N   CA   sing N N 220 
PRO N   CD   sing N N 221 
PRO N   H    sing N N 222 
PRO CA  C    sing N N 223 
PRO CA  CB   sing N N 224 
PRO CA  HA   sing N N 225 
PRO C   O    doub N N 226 
PRO C   OXT  sing N N 227 
PRO CB  CG   sing N N 228 
PRO CB  HB2  sing N N 229 
PRO CB  HB3  sing N N 230 
PRO CG  CD   sing N N 231 
PRO CG  HG2  sing N N 232 
PRO CG  HG3  sing N N 233 
PRO CD  HD2  sing N N 234 
PRO CD  HD3  sing N N 235 
PRO OXT HXT  sing N N 236 
SER N   CA   sing N N 237 
SER N   H    sing N N 238 
SER N   H2   sing N N 239 
SER CA  C    sing N N 240 
SER CA  CB   sing N N 241 
SER CA  HA   sing N N 242 
SER C   O    doub N N 243 
SER C   OXT  sing N N 244 
SER CB  OG   sing N N 245 
SER CB  HB2  sing N N 246 
SER CB  HB3  sing N N 247 
SER OG  HG   sing N N 248 
SER OXT HXT  sing N N 249 
THR N   CA   sing N N 250 
THR N   H    sing N N 251 
THR N   H2   sing N N 252 
THR CA  C    sing N N 253 
THR CA  CB   sing N N 254 
THR CA  HA   sing N N 255 
THR C   O    doub N N 256 
THR C   OXT  sing N N 257 
THR CB  OG1  sing N N 258 
THR CB  CG2  sing N N 259 
THR CB  HB   sing N N 260 
THR OG1 HG1  sing N N 261 
THR CG2 HG21 sing N N 262 
THR CG2 HG22 sing N N 263 
THR CG2 HG23 sing N N 264 
THR OXT HXT  sing N N 265 
TRP N   CA   sing N N 266 
TRP N   H    sing N N 267 
TRP N   H2   sing N N 268 
TRP CA  C    sing N N 269 
TRP CA  CB   sing N N 270 
TRP CA  HA   sing N N 271 
TRP C   O    doub N N 272 
TRP C   OXT  sing N N 273 
TRP CB  CG   sing N N 274 
TRP CB  HB2  sing N N 275 
TRP CB  HB3  sing N N 276 
TRP CG  CD1  doub Y N 277 
TRP CG  CD2  sing Y N 278 
TRP CD1 NE1  sing Y N 279 
TRP CD1 HD1  sing N N 280 
TRP CD2 CE2  doub Y N 281 
TRP CD2 CE3  sing Y N 282 
TRP NE1 CE2  sing Y N 283 
TRP NE1 HE1  sing N N 284 
TRP CE2 CZ2  sing Y N 285 
TRP CE3 CZ3  doub Y N 286 
TRP CE3 HE3  sing N N 287 
TRP CZ2 CH2  doub Y N 288 
TRP CZ2 HZ2  sing N N 289 
TRP CZ3 CH2  sing Y N 290 
TRP CZ3 HZ3  sing N N 291 
TRP CH2 HH2  sing N N 292 
TRP OXT HXT  sing N N 293 
TYR N   CA   sing N N 294 
TYR N   H    sing N N 295 
TYR N   H2   sing N N 296 
TYR CA  C    sing N N 297 
TYR CA  CB   sing N N 298 
TYR CA  HA   sing N N 299 
TYR C   O    doub N N 300 
TYR C   OXT  sing N N 301 
TYR CB  CG   sing N N 302 
TYR CB  HB2  sing N N 303 
TYR CB  HB3  sing N N 304 
TYR CG  CD1  doub Y N 305 
TYR CG  CD2  sing Y N 306 
TYR CD1 CE1  sing Y N 307 
TYR CD1 HD1  sing N N 308 
TYR CD2 CE2  doub Y N 309 
TYR CD2 HD2  sing N N 310 
TYR CE1 CZ   doub Y N 311 
TYR CE1 HE1  sing N N 312 
TYR CE2 CZ   sing Y N 313 
TYR CE2 HE2  sing N N 314 
TYR CZ  OH   sing N N 315 
TYR OH  HH   sing N N 316 
TYR OXT HXT  sing N N 317 
VAL N   CA   sing N N 318 
VAL N   H    sing N N 319 
VAL N   H2   sing N N 320 
VAL CA  C    sing N N 321 
VAL CA  CB   sing N N 322 
VAL CA  HA   sing N N 323 
VAL C   O    doub N N 324 
VAL C   OXT  sing N N 325 
VAL CB  CG1  sing N N 326 
VAL CB  CG2  sing N N 327 
VAL CB  HB   sing N N 328 
VAL CG1 HG11 sing N N 329 
VAL CG1 HG12 sing N N 330 
VAL CG1 HG13 sing N N 331 
VAL CG2 HG21 sing N N 332 
VAL CG2 HG22 sing N N 333 
VAL CG2 HG23 sing N N 334 
VAL OXT HXT  sing N N 335 
# 
loop_
_pdbx_entity_nonpoly.entity_id 
_pdbx_entity_nonpoly.name 
_pdbx_entity_nonpoly.comp_id 
2 'CALCIUM ION' CA  
3 GLYCEROL      GOL 
4 water         HOH 
# 
_pdbx_initial_refinement_model.id               1 
_pdbx_initial_refinement_model.entity_id_list   ? 
_pdbx_initial_refinement_model.type             'experimental model' 
_pdbx_initial_refinement_model.source_name      PDB 
_pdbx_initial_refinement_model.accession_code   3PTJ 
_pdbx_initial_refinement_model.details          'PDB ENTRY 3PTJ' 
# 
